data_1O5L
# 
_entry.id   1O5L 
# 
_audit_conform.dict_name       mmcif_pdbx.dic 
_audit_conform.dict_version    5.392 
_audit_conform.dict_location   http://mmcif.pdb.org/dictionaries/ascii/mmcif_pdbx.dic 
# 
loop_
_database_2.database_id 
_database_2.database_code 
_database_2.pdbx_database_accession 
_database_2.pdbx_DOI 
PDB   1O5L         pdb_00001o5l 10.2210/pdb1o5l/pdb 
RCSB  RCSB001831   ?            ?                   
WWPDB D_1000001831 ?            ?                   
# 
loop_
_pdbx_audit_revision_history.ordinal 
_pdbx_audit_revision_history.data_content_type 
_pdbx_audit_revision_history.major_revision 
_pdbx_audit_revision_history.minor_revision 
_pdbx_audit_revision_history.revision_date 
1 'Structure model' 1 0 2003-10-07 
2 'Structure model' 1 1 2008-04-26 
3 'Structure model' 1 2 2011-07-13 
4 'Structure model' 1 3 2018-07-18 
5 'Structure model' 1 4 2023-01-25 
6 'Structure model' 1 5 2024-05-22 
# 
_pdbx_audit_revision_details.ordinal             1 
_pdbx_audit_revision_details.revision_ordinal    1 
_pdbx_audit_revision_details.data_content_type   'Structure model' 
_pdbx_audit_revision_details.provider            repository 
_pdbx_audit_revision_details.type                'Initial release' 
_pdbx_audit_revision_details.description         ? 
_pdbx_audit_revision_details.details             ? 
# 
loop_
_pdbx_audit_revision_group.ordinal 
_pdbx_audit_revision_group.revision_ordinal 
_pdbx_audit_revision_group.data_content_type 
_pdbx_audit_revision_group.group 
1 2 'Structure model' 'Version format compliance' 
2 3 'Structure model' Advisory                    
3 3 'Structure model' 'Derived calculations'      
4 3 'Structure model' 'Version format compliance' 
5 4 'Structure model' 'Data collection'           
6 4 'Structure model' 'Database references'       
7 5 'Structure model' 'Database references'       
8 6 'Structure model' 'Data collection'           
# 
loop_
_pdbx_audit_revision_category.ordinal 
_pdbx_audit_revision_category.revision_ordinal 
_pdbx_audit_revision_category.data_content_type 
_pdbx_audit_revision_category.category 
1 4 'Structure model' pdbx_database_related 
2 5 'Structure model' database_2            
3 5 'Structure model' struct_ref_seq_dif    
4 6 'Structure model' chem_comp_atom        
5 6 'Structure model' chem_comp_bond        
# 
loop_
_pdbx_audit_revision_item.ordinal 
_pdbx_audit_revision_item.revision_ordinal 
_pdbx_audit_revision_item.data_content_type 
_pdbx_audit_revision_item.item 
1 5 'Structure model' '_database_2.pdbx_DOI'                
2 5 'Structure model' '_database_2.pdbx_database_accession' 
3 5 'Structure model' '_struct_ref_seq_dif.details'         
# 
_pdbx_database_status.entry_id                        1O5L 
_pdbx_database_status.status_code                     REL 
_pdbx_database_status.deposit_site                    RCSB 
_pdbx_database_status.process_site                    RCSB 
_pdbx_database_status.recvd_initial_deposition_date   2003-09-23 
_pdbx_database_status.SG_entry                        Y 
_pdbx_database_status.status_code_sf                  REL 
_pdbx_database_status.status_code_mr                  ? 
_pdbx_database_status.pdb_format_compatible           Y 
_pdbx_database_status.status_code_cs                  ? 
_pdbx_database_status.methods_development_category    ? 
_pdbx_database_status.status_code_nmr_data            ? 
# 
_pdbx_database_related.db_name        TargetDB 
_pdbx_database_related.db_id          283036 
_pdbx_database_related.details        . 
_pdbx_database_related.content_type   unspecified 
# 
_audit_author.name           'Joint Center for Structural Genomics (JCSG)' 
_audit_author.pdbx_ordinal   1 
# 
_citation.id                        primary 
_citation.title                     
'On the use of DXMS to produce more crystallizable proteins: structures of the T. maritima proteins TM0160 and TM1171.' 
_citation.journal_abbrev            'Protein Sci.' 
_citation.journal_volume            13 
_citation.page_first                3187 
_citation.page_last                 3199 
_citation.year                      2004 
_citation.journal_id_ASTM           PRCIEI 
_citation.country                   US 
_citation.journal_id_ISSN           0961-8368 
_citation.journal_id_CSD            0795 
_citation.book_publisher            ? 
_citation.pdbx_database_id_PubMed   15557262 
_citation.pdbx_database_id_DOI      10.1110/ps.04939904 
# 
loop_
_citation_author.citation_id 
_citation_author.name 
_citation_author.ordinal 
_citation_author.identifier_ORCID 
primary 'Spraggon, G.'   1 ? 
primary 'Pantazatos, D.' 2 ? 
primary 'Klock, H.E.'    3 ? 
primary 'Wilson, I.A.'   4 ? 
primary 'Woods, V.L.'    5 ? 
primary 'Lesley, S.A.'   6 ? 
# 
loop_
_entity.id 
_entity.type 
_entity.src_method 
_entity.pdbx_description 
_entity.formula_weight 
_entity.pdbx_number_of_molecules 
_entity.pdbx_ec 
_entity.pdbx_mutation 
_entity.pdbx_fragment 
_entity.details 
1 polymer man 'transcriptional regulator, crp family' 24895.195 1   ? ? ? ? 
2 water   nat water                                   18.015    111 ? ? ? ? 
# 
_entity_poly.entity_id                      1 
_entity_poly.type                           'polypeptide(L)' 
_entity_poly.nstd_linkage                   no 
_entity_poly.nstd_monomer                   no 
_entity_poly.pdbx_seq_one_letter_code       
;MGSDKIHHHHHHMDLKKLLPCGKVIVFRKGEIVKHQDDPIEDVLILLEGTLKTEHVSENGKTLEIDEIKPVQIIASGFIF
SSEPRFPVNVVAGENSKILSIPKEVFLDLLMKDRELLLFFLKDVSEHFRVVSEKLFFLTTKTLREKLMNFLVRHMNEKRE
LTLPVTLEELSRLFGCARPALSRVFQELEREGYIEKHGRRIKVLKNPFEHDRI
;
_entity_poly.pdbx_seq_one_letter_code_can   
;MGSDKIHHHHHHMDLKKLLPCGKVIVFRKGEIVKHQDDPIEDVLILLEGTLKTEHVSENGKTLEIDEIKPVQIIASGFIF
SSEPRFPVNVVAGENSKILSIPKEVFLDLLMKDRELLLFFLKDVSEHFRVVSEKLFFLTTKTLREKLMNFLVRHMNEKRE
LTLPVTLEELSRLFGCARPALSRVFQELEREGYIEKHGRRIKVLKNPFEHDRI
;
_entity_poly.pdbx_strand_id                 A 
_entity_poly.pdbx_target_identifier         283036 
# 
_pdbx_entity_nonpoly.entity_id   2 
_pdbx_entity_nonpoly.name        water 
_pdbx_entity_nonpoly.comp_id     HOH 
# 
loop_
_entity_poly_seq.entity_id 
_entity_poly_seq.num 
_entity_poly_seq.mon_id 
_entity_poly_seq.hetero 
1 1   MET n 
1 2   GLY n 
1 3   SER n 
1 4   ASP n 
1 5   LYS n 
1 6   ILE n 
1 7   HIS n 
1 8   HIS n 
1 9   HIS n 
1 10  HIS n 
1 11  HIS n 
1 12  HIS n 
1 13  MET n 
1 14  ASP n 
1 15  LEU n 
1 16  LYS n 
1 17  LYS n 
1 18  LEU n 
1 19  LEU n 
1 20  PRO n 
1 21  CYS n 
1 22  GLY n 
1 23  LYS n 
1 24  VAL n 
1 25  ILE n 
1 26  VAL n 
1 27  PHE n 
1 28  ARG n 
1 29  LYS n 
1 30  GLY n 
1 31  GLU n 
1 32  ILE n 
1 33  VAL n 
1 34  LYS n 
1 35  HIS n 
1 36  GLN n 
1 37  ASP n 
1 38  ASP n 
1 39  PRO n 
1 40  ILE n 
1 41  GLU n 
1 42  ASP n 
1 43  VAL n 
1 44  LEU n 
1 45  ILE n 
1 46  LEU n 
1 47  LEU n 
1 48  GLU n 
1 49  GLY n 
1 50  THR n 
1 51  LEU n 
1 52  LYS n 
1 53  THR n 
1 54  GLU n 
1 55  HIS n 
1 56  VAL n 
1 57  SER n 
1 58  GLU n 
1 59  ASN n 
1 60  GLY n 
1 61  LYS n 
1 62  THR n 
1 63  LEU n 
1 64  GLU n 
1 65  ILE n 
1 66  ASP n 
1 67  GLU n 
1 68  ILE n 
1 69  LYS n 
1 70  PRO n 
1 71  VAL n 
1 72  GLN n 
1 73  ILE n 
1 74  ILE n 
1 75  ALA n 
1 76  SER n 
1 77  GLY n 
1 78  PHE n 
1 79  ILE n 
1 80  PHE n 
1 81  SER n 
1 82  SER n 
1 83  GLU n 
1 84  PRO n 
1 85  ARG n 
1 86  PHE n 
1 87  PRO n 
1 88  VAL n 
1 89  ASN n 
1 90  VAL n 
1 91  VAL n 
1 92  ALA n 
1 93  GLY n 
1 94  GLU n 
1 95  ASN n 
1 96  SER n 
1 97  LYS n 
1 98  ILE n 
1 99  LEU n 
1 100 SER n 
1 101 ILE n 
1 102 PRO n 
1 103 LYS n 
1 104 GLU n 
1 105 VAL n 
1 106 PHE n 
1 107 LEU n 
1 108 ASP n 
1 109 LEU n 
1 110 LEU n 
1 111 MET n 
1 112 LYS n 
1 113 ASP n 
1 114 ARG n 
1 115 GLU n 
1 116 LEU n 
1 117 LEU n 
1 118 LEU n 
1 119 PHE n 
1 120 PHE n 
1 121 LEU n 
1 122 LYS n 
1 123 ASP n 
1 124 VAL n 
1 125 SER n 
1 126 GLU n 
1 127 HIS n 
1 128 PHE n 
1 129 ARG n 
1 130 VAL n 
1 131 VAL n 
1 132 SER n 
1 133 GLU n 
1 134 LYS n 
1 135 LEU n 
1 136 PHE n 
1 137 PHE n 
1 138 LEU n 
1 139 THR n 
1 140 THR n 
1 141 LYS n 
1 142 THR n 
1 143 LEU n 
1 144 ARG n 
1 145 GLU n 
1 146 LYS n 
1 147 LEU n 
1 148 MET n 
1 149 ASN n 
1 150 PHE n 
1 151 LEU n 
1 152 VAL n 
1 153 ARG n 
1 154 HIS n 
1 155 MET n 
1 156 ASN n 
1 157 GLU n 
1 158 LYS n 
1 159 ARG n 
1 160 GLU n 
1 161 LEU n 
1 162 THR n 
1 163 LEU n 
1 164 PRO n 
1 165 VAL n 
1 166 THR n 
1 167 LEU n 
1 168 GLU n 
1 169 GLU n 
1 170 LEU n 
1 171 SER n 
1 172 ARG n 
1 173 LEU n 
1 174 PHE n 
1 175 GLY n 
1 176 CYS n 
1 177 ALA n 
1 178 ARG n 
1 179 PRO n 
1 180 ALA n 
1 181 LEU n 
1 182 SER n 
1 183 ARG n 
1 184 VAL n 
1 185 PHE n 
1 186 GLN n 
1 187 GLU n 
1 188 LEU n 
1 189 GLU n 
1 190 ARG n 
1 191 GLU n 
1 192 GLY n 
1 193 TYR n 
1 194 ILE n 
1 195 GLU n 
1 196 LYS n 
1 197 HIS n 
1 198 GLY n 
1 199 ARG n 
1 200 ARG n 
1 201 ILE n 
1 202 LYS n 
1 203 VAL n 
1 204 LEU n 
1 205 LYS n 
1 206 ASN n 
1 207 PRO n 
1 208 PHE n 
1 209 GLU n 
1 210 HIS n 
1 211 ASP n 
1 212 ARG n 
1 213 ILE n 
# 
_entity_src_gen.entity_id                          1 
_entity_src_gen.pdbx_src_id                        1 
_entity_src_gen.pdbx_alt_source_flag               sample 
_entity_src_gen.pdbx_seq_type                      ? 
_entity_src_gen.pdbx_beg_seq_num                   ? 
_entity_src_gen.pdbx_end_seq_num                   ? 
_entity_src_gen.gene_src_common_name               ? 
_entity_src_gen.gene_src_genus                     Thermotoga 
_entity_src_gen.pdbx_gene_src_gene                 TM1171 
_entity_src_gen.gene_src_species                   ? 
_entity_src_gen.gene_src_strain                    ? 
_entity_src_gen.gene_src_tissue                    ? 
_entity_src_gen.gene_src_tissue_fraction           ? 
_entity_src_gen.gene_src_details                   ? 
_entity_src_gen.pdbx_gene_src_fragment             ? 
_entity_src_gen.pdbx_gene_src_scientific_name      'Thermotoga maritima' 
_entity_src_gen.pdbx_gene_src_ncbi_taxonomy_id     2336 
_entity_src_gen.pdbx_gene_src_variant              ? 
_entity_src_gen.pdbx_gene_src_cell_line            ? 
_entity_src_gen.pdbx_gene_src_atcc                 ? 
_entity_src_gen.pdbx_gene_src_organ                ? 
_entity_src_gen.pdbx_gene_src_organelle            ? 
_entity_src_gen.pdbx_gene_src_cell                 ? 
_entity_src_gen.pdbx_gene_src_cellular_location    ? 
_entity_src_gen.host_org_common_name               ? 
_entity_src_gen.pdbx_host_org_scientific_name      'Escherichia coli' 
_entity_src_gen.pdbx_host_org_ncbi_taxonomy_id     562 
_entity_src_gen.host_org_genus                     Escherichia 
_entity_src_gen.pdbx_host_org_gene                 ? 
_entity_src_gen.pdbx_host_org_organ                ? 
_entity_src_gen.host_org_species                   ? 
_entity_src_gen.pdbx_host_org_tissue               ? 
_entity_src_gen.pdbx_host_org_tissue_fraction      ? 
_entity_src_gen.pdbx_host_org_strain               ? 
_entity_src_gen.pdbx_host_org_variant              ? 
_entity_src_gen.pdbx_host_org_cell_line            ? 
_entity_src_gen.pdbx_host_org_atcc                 ? 
_entity_src_gen.pdbx_host_org_culture_collection   ? 
_entity_src_gen.pdbx_host_org_cell                 ? 
_entity_src_gen.pdbx_host_org_organelle            ? 
_entity_src_gen.pdbx_host_org_cellular_location    ? 
_entity_src_gen.pdbx_host_org_vector_type          Plasmid 
_entity_src_gen.pdbx_host_org_vector               ? 
_entity_src_gen.host_org_details                   ? 
_entity_src_gen.expression_system_id               ? 
_entity_src_gen.plasmid_name                       ? 
_entity_src_gen.plasmid_details                    ? 
_entity_src_gen.pdbx_description                   ? 
# 
loop_
_chem_comp.id 
_chem_comp.type 
_chem_comp.mon_nstd_flag 
_chem_comp.name 
_chem_comp.pdbx_synonyms 
_chem_comp.formula 
_chem_comp.formula_weight 
ALA 'L-peptide linking' y ALANINE         ? 'C3 H7 N O2'     89.093  
ARG 'L-peptide linking' y ARGININE        ? 'C6 H15 N4 O2 1' 175.209 
ASN 'L-peptide linking' y ASPARAGINE      ? 'C4 H8 N2 O3'    132.118 
ASP 'L-peptide linking' y 'ASPARTIC ACID' ? 'C4 H7 N O4'     133.103 
CYS 'L-peptide linking' y CYSTEINE        ? 'C3 H7 N O2 S'   121.158 
GLN 'L-peptide linking' y GLUTAMINE       ? 'C5 H10 N2 O3'   146.144 
GLU 'L-peptide linking' y 'GLUTAMIC ACID' ? 'C5 H9 N O4'     147.129 
GLY 'peptide linking'   y GLYCINE         ? 'C2 H5 N O2'     75.067  
HIS 'L-peptide linking' y HISTIDINE       ? 'C6 H10 N3 O2 1' 156.162 
HOH non-polymer         . WATER           ? 'H2 O'           18.015  
ILE 'L-peptide linking' y ISOLEUCINE      ? 'C6 H13 N O2'    131.173 
LEU 'L-peptide linking' y LEUCINE         ? 'C6 H13 N O2'    131.173 
LYS 'L-peptide linking' y LYSINE          ? 'C6 H15 N2 O2 1' 147.195 
MET 'L-peptide linking' y METHIONINE      ? 'C5 H11 N O2 S'  149.211 
PHE 'L-peptide linking' y PHENYLALANINE   ? 'C9 H11 N O2'    165.189 
PRO 'L-peptide linking' y PROLINE         ? 'C5 H9 N O2'     115.130 
SER 'L-peptide linking' y SERINE          ? 'C3 H7 N O3'     105.093 
THR 'L-peptide linking' y THREONINE       ? 'C4 H9 N O3'     119.119 
TYR 'L-peptide linking' y TYROSINE        ? 'C9 H11 N O3'    181.189 
VAL 'L-peptide linking' y VALINE          ? 'C5 H11 N O2'    117.146 
# 
loop_
_pdbx_poly_seq_scheme.asym_id 
_pdbx_poly_seq_scheme.entity_id 
_pdbx_poly_seq_scheme.seq_id 
_pdbx_poly_seq_scheme.mon_id 
_pdbx_poly_seq_scheme.ndb_seq_num 
_pdbx_poly_seq_scheme.pdb_seq_num 
_pdbx_poly_seq_scheme.auth_seq_num 
_pdbx_poly_seq_scheme.pdb_mon_id 
_pdbx_poly_seq_scheme.auth_mon_id 
_pdbx_poly_seq_scheme.pdb_strand_id 
_pdbx_poly_seq_scheme.pdb_ins_code 
_pdbx_poly_seq_scheme.hetero 
A 1 1   MET 1   -11 ?   ?   ?   A . n 
A 1 2   GLY 2   -10 ?   ?   ?   A . n 
A 1 3   SER 3   -9  ?   ?   ?   A . n 
A 1 4   ASP 4   -8  ?   ?   ?   A . n 
A 1 5   LYS 5   -7  ?   ?   ?   A . n 
A 1 6   ILE 6   -6  ?   ?   ?   A . n 
A 1 7   HIS 7   -5  ?   ?   ?   A . n 
A 1 8   HIS 8   -4  ?   ?   ?   A . n 
A 1 9   HIS 9   -3  ?   ?   ?   A . n 
A 1 10  HIS 10  -2  ?   ?   ?   A . n 
A 1 11  HIS 11  -1  ?   ?   ?   A . n 
A 1 12  HIS 12  0   ?   ?   ?   A . n 
A 1 13  MET 13  1   1   MET MET A . n 
A 1 14  ASP 14  2   2   ASP ASP A . n 
A 1 15  LEU 15  3   3   LEU LEU A . n 
A 1 16  LYS 16  4   4   LYS LYS A . n 
A 1 17  LYS 17  5   5   LYS LYS A . n 
A 1 18  LEU 18  6   6   LEU LEU A . n 
A 1 19  LEU 19  7   7   LEU LEU A . n 
A 1 20  PRO 20  8   8   PRO PRO A . n 
A 1 21  CYS 21  9   9   CYS CYS A . n 
A 1 22  GLY 22  10  10  GLY GLY A . n 
A 1 23  LYS 23  11  11  LYS LYS A . n 
A 1 24  VAL 24  12  12  VAL VAL A . n 
A 1 25  ILE 25  13  13  ILE ILE A . n 
A 1 26  VAL 26  14  14  VAL VAL A . n 
A 1 27  PHE 27  15  15  PHE PHE A . n 
A 1 28  ARG 28  16  16  ARG ARG A . n 
A 1 29  LYS 29  17  17  LYS LYS A . n 
A 1 30  GLY 30  18  18  GLY GLY A . n 
A 1 31  GLU 31  19  19  GLU GLU A . n 
A 1 32  ILE 32  20  20  ILE ILE A . n 
A 1 33  VAL 33  21  21  VAL VAL A . n 
A 1 34  LYS 34  22  22  LYS LYS A . n 
A 1 35  HIS 35  23  23  HIS HIS A . n 
A 1 36  GLN 36  24  24  GLN GLN A . n 
A 1 37  ASP 37  25  25  ASP ASP A . n 
A 1 38  ASP 38  26  26  ASP ASP A . n 
A 1 39  PRO 39  27  27  PRO PRO A . n 
A 1 40  ILE 40  28  28  ILE ILE A . n 
A 1 41  GLU 41  29  29  GLU GLU A . n 
A 1 42  ASP 42  30  30  ASP ASP A . n 
A 1 43  VAL 43  31  31  VAL VAL A . n 
A 1 44  LEU 44  32  32  LEU LEU A . n 
A 1 45  ILE 45  33  33  ILE ILE A . n 
A 1 46  LEU 46  34  34  LEU LEU A . n 
A 1 47  LEU 47  35  35  LEU LEU A . n 
A 1 48  GLU 48  36  36  GLU GLU A . n 
A 1 49  GLY 49  37  37  GLY GLY A . n 
A 1 50  THR 50  38  38  THR THR A . n 
A 1 51  LEU 51  39  39  LEU LEU A . n 
A 1 52  LYS 52  40  40  LYS LYS A . n 
A 1 53  THR 53  41  41  THR THR A . n 
A 1 54  GLU 54  42  42  GLU GLU A . n 
A 1 55  HIS 55  43  43  HIS HIS A . n 
A 1 56  VAL 56  44  44  VAL VAL A . n 
A 1 57  SER 57  45  45  SER SER A . n 
A 1 58  GLU 58  46  46  GLU GLU A . n 
A 1 59  ASN 59  47  47  ASN ASN A . n 
A 1 60  GLY 60  48  48  GLY GLY A . n 
A 1 61  LYS 61  49  49  LYS LYS A . n 
A 1 62  THR 62  50  50  THR THR A . n 
A 1 63  LEU 63  51  51  LEU LEU A . n 
A 1 64  GLU 64  52  52  GLU GLU A . n 
A 1 65  ILE 65  53  53  ILE ILE A . n 
A 1 66  ASP 66  54  54  ASP ASP A . n 
A 1 67  GLU 67  55  55  GLU GLU A . n 
A 1 68  ILE 68  56  56  ILE ILE A . n 
A 1 69  LYS 69  57  57  LYS LYS A . n 
A 1 70  PRO 70  58  58  PRO PRO A . n 
A 1 71  VAL 71  59  59  VAL VAL A . n 
A 1 72  GLN 72  60  60  GLN GLN A . n 
A 1 73  ILE 73  61  61  ILE ILE A . n 
A 1 74  ILE 74  62  62  ILE ILE A . n 
A 1 75  ALA 75  63  63  ALA ALA A . n 
A 1 76  SER 76  64  64  SER SER A . n 
A 1 77  GLY 77  65  65  GLY GLY A . n 
A 1 78  PHE 78  66  66  PHE PHE A . n 
A 1 79  ILE 79  67  67  ILE ILE A . n 
A 1 80  PHE 80  68  68  PHE PHE A . n 
A 1 81  SER 81  69  69  SER SER A . n 
A 1 82  SER 82  70  70  SER SER A . n 
A 1 83  GLU 83  71  71  GLU GLU A . n 
A 1 84  PRO 84  72  72  PRO PRO A . n 
A 1 85  ARG 85  73  73  ARG ARG A . n 
A 1 86  PHE 86  74  74  PHE PHE A . n 
A 1 87  PRO 87  75  75  PRO PRO A . n 
A 1 88  VAL 88  76  76  VAL VAL A . n 
A 1 89  ASN 89  77  77  ASN ASN A . n 
A 1 90  VAL 90  78  78  VAL VAL A . n 
A 1 91  VAL 91  79  79  VAL VAL A . n 
A 1 92  ALA 92  80  80  ALA ALA A . n 
A 1 93  GLY 93  81  81  GLY GLY A . n 
A 1 94  GLU 94  82  82  GLU GLU A . n 
A 1 95  ASN 95  83  83  ASN ASN A . n 
A 1 96  SER 96  84  84  SER SER A . n 
A 1 97  LYS 97  85  85  LYS LYS A . n 
A 1 98  ILE 98  86  86  ILE ILE A . n 
A 1 99  LEU 99  87  87  LEU LEU A . n 
A 1 100 SER 100 88  88  SER SER A . n 
A 1 101 ILE 101 89  89  ILE ILE A . n 
A 1 102 PRO 102 90  90  PRO PRO A . n 
A 1 103 LYS 103 91  91  LYS LYS A . n 
A 1 104 GLU 104 92  92  GLU GLU A . n 
A 1 105 VAL 105 93  93  VAL VAL A . n 
A 1 106 PHE 106 94  94  PHE PHE A . n 
A 1 107 LEU 107 95  95  LEU LEU A . n 
A 1 108 ASP 108 96  96  ASP ASP A . n 
A 1 109 LEU 109 97  97  LEU LEU A . n 
A 1 110 LEU 110 98  98  LEU LEU A . n 
A 1 111 MET 111 99  99  MET MET A . n 
A 1 112 LYS 112 100 100 LYS LYS A . n 
A 1 113 ASP 113 101 101 ASP ASP A . n 
A 1 114 ARG 114 102 102 ARG ARG A . n 
A 1 115 GLU 115 103 103 GLU GLU A . n 
A 1 116 LEU 116 104 104 LEU LEU A . n 
A 1 117 LEU 117 105 105 LEU LEU A . n 
A 1 118 LEU 118 106 106 LEU LEU A . n 
A 1 119 PHE 119 107 107 PHE PHE A . n 
A 1 120 PHE 120 108 108 PHE PHE A . n 
A 1 121 LEU 121 109 109 LEU LEU A . n 
A 1 122 LYS 122 110 110 LYS LYS A . n 
A 1 123 ASP 123 111 111 ASP ASP A . n 
A 1 124 VAL 124 112 112 VAL VAL A . n 
A 1 125 SER 125 113 113 SER SER A . n 
A 1 126 GLU 126 114 114 GLU GLU A . n 
A 1 127 HIS 127 115 115 HIS HIS A . n 
A 1 128 PHE 128 116 116 PHE PHE A . n 
A 1 129 ARG 129 117 117 ARG ARG A . n 
A 1 130 VAL 130 118 118 VAL VAL A . n 
A 1 131 VAL 131 119 119 VAL VAL A . n 
A 1 132 SER 132 120 120 SER SER A . n 
A 1 133 GLU 133 121 121 GLU GLU A . n 
A 1 134 LYS 134 122 122 LYS LYS A . n 
A 1 135 LEU 135 123 123 LEU LEU A . n 
A 1 136 PHE 136 124 124 PHE PHE A . n 
A 1 137 PHE 137 125 125 PHE PHE A . n 
A 1 138 LEU 138 126 126 LEU LEU A . n 
A 1 139 THR 139 127 127 THR THR A . n 
A 1 140 THR 140 128 128 THR THR A . n 
A 1 141 LYS 141 129 129 LYS LYS A . n 
A 1 142 THR 142 130 ?   ?   ?   A . n 
A 1 143 LEU 143 131 ?   ?   ?   A . n 
A 1 144 ARG 144 132 ?   ?   ?   A . n 
A 1 145 GLU 145 133 ?   ?   ?   A . n 
A 1 146 LYS 146 134 ?   ?   ?   A . n 
A 1 147 LEU 147 135 ?   ?   ?   A . n 
A 1 148 MET 148 136 ?   ?   ?   A . n 
A 1 149 ASN 149 137 ?   ?   ?   A . n 
A 1 150 PHE 150 138 ?   ?   ?   A . n 
A 1 151 LEU 151 139 ?   ?   ?   A . n 
A 1 152 VAL 152 140 ?   ?   ?   A . n 
A 1 153 ARG 153 141 ?   ?   ?   A . n 
A 1 154 HIS 154 142 ?   ?   ?   A . n 
A 1 155 MET 155 143 ?   ?   ?   A . n 
A 1 156 ASN 156 144 ?   ?   ?   A . n 
A 1 157 GLU 157 145 ?   ?   ?   A . n 
A 1 158 LYS 158 146 ?   ?   ?   A . n 
A 1 159 ARG 159 147 ?   ?   ?   A . n 
A 1 160 GLU 160 148 ?   ?   ?   A . n 
A 1 161 LEU 161 149 ?   ?   ?   A . n 
A 1 162 THR 162 150 ?   ?   ?   A . n 
A 1 163 LEU 163 151 ?   ?   ?   A . n 
A 1 164 PRO 164 152 ?   ?   ?   A . n 
A 1 165 VAL 165 153 ?   ?   ?   A . n 
A 1 166 THR 166 154 ?   ?   ?   A . n 
A 1 167 LEU 167 155 ?   ?   ?   A . n 
A 1 168 GLU 168 156 ?   ?   ?   A . n 
A 1 169 GLU 169 157 ?   ?   ?   A . n 
A 1 170 LEU 170 158 ?   ?   ?   A . n 
A 1 171 SER 171 159 ?   ?   ?   A . n 
A 1 172 ARG 172 160 ?   ?   ?   A . n 
A 1 173 LEU 173 161 ?   ?   ?   A . n 
A 1 174 PHE 174 162 ?   ?   ?   A . n 
A 1 175 GLY 175 163 ?   ?   ?   A . n 
A 1 176 CYS 176 164 ?   ?   ?   A . n 
A 1 177 ALA 177 165 ?   ?   ?   A . n 
A 1 178 ARG 178 166 ?   ?   ?   A . n 
A 1 179 PRO 179 167 ?   ?   ?   A . n 
A 1 180 ALA 180 168 ?   ?   ?   A . n 
A 1 181 LEU 181 169 ?   ?   ?   A . n 
A 1 182 SER 182 170 ?   ?   ?   A . n 
A 1 183 ARG 183 171 ?   ?   ?   A . n 
A 1 184 VAL 184 172 ?   ?   ?   A . n 
A 1 185 PHE 185 173 ?   ?   ?   A . n 
A 1 186 GLN 186 174 ?   ?   ?   A . n 
A 1 187 GLU 187 175 ?   ?   ?   A . n 
A 1 188 LEU 188 176 ?   ?   ?   A . n 
A 1 189 GLU 189 177 ?   ?   ?   A . n 
A 1 190 ARG 190 178 ?   ?   ?   A . n 
A 1 191 GLU 191 179 ?   ?   ?   A . n 
A 1 192 GLY 192 180 ?   ?   ?   A . n 
A 1 193 TYR 193 181 ?   ?   ?   A . n 
A 1 194 ILE 194 182 ?   ?   ?   A . n 
A 1 195 GLU 195 183 ?   ?   ?   A . n 
A 1 196 LYS 196 184 ?   ?   ?   A . n 
A 1 197 HIS 197 185 ?   ?   ?   A . n 
A 1 198 GLY 198 186 ?   ?   ?   A . n 
A 1 199 ARG 199 187 ?   ?   ?   A . n 
A 1 200 ARG 200 188 ?   ?   ?   A . n 
A 1 201 ILE 201 189 ?   ?   ?   A . n 
A 1 202 LYS 202 190 ?   ?   ?   A . n 
A 1 203 VAL 203 191 ?   ?   ?   A . n 
A 1 204 LEU 204 192 ?   ?   ?   A . n 
A 1 205 LYS 205 193 ?   ?   ?   A . n 
A 1 206 ASN 206 194 ?   ?   ?   A . n 
A 1 207 PRO 207 195 ?   ?   ?   A . n 
A 1 208 PHE 208 196 ?   ?   ?   A . n 
A 1 209 GLU 209 197 ?   ?   ?   A . n 
A 1 210 HIS 210 198 ?   ?   ?   A . n 
A 1 211 ASP 211 199 ?   ?   ?   A . n 
A 1 212 ARG 212 200 ?   ?   ?   A . n 
A 1 213 ILE 213 201 ?   ?   ?   A . n 
# 
loop_
_pdbx_nonpoly_scheme.asym_id 
_pdbx_nonpoly_scheme.entity_id 
_pdbx_nonpoly_scheme.mon_id 
_pdbx_nonpoly_scheme.ndb_seq_num 
_pdbx_nonpoly_scheme.pdb_seq_num 
_pdbx_nonpoly_scheme.auth_seq_num 
_pdbx_nonpoly_scheme.pdb_mon_id 
_pdbx_nonpoly_scheme.auth_mon_id 
_pdbx_nonpoly_scheme.pdb_strand_id 
_pdbx_nonpoly_scheme.pdb_ins_code 
B 2 HOH 1   202 2   HOH HOH A . 
B 2 HOH 2   203 3   HOH HOH A . 
B 2 HOH 3   204 4   HOH HOH A . 
B 2 HOH 4   205 5   HOH HOH A . 
B 2 HOH 5   206 6   HOH HOH A . 
B 2 HOH 6   207 7   HOH HOH A . 
B 2 HOH 7   208 8   HOH HOH A . 
B 2 HOH 8   209 9   HOH HOH A . 
B 2 HOH 9   210 10  HOH HOH A . 
B 2 HOH 10  211 11  HOH HOH A . 
B 2 HOH 11  212 12  HOH HOH A . 
B 2 HOH 12  213 13  HOH HOH A . 
B 2 HOH 13  214 14  HOH HOH A . 
B 2 HOH 14  215 15  HOH HOH A . 
B 2 HOH 15  216 16  HOH HOH A . 
B 2 HOH 16  217 17  HOH HOH A . 
B 2 HOH 17  218 18  HOH HOH A . 
B 2 HOH 18  219 19  HOH HOH A . 
B 2 HOH 19  220 20  HOH HOH A . 
B 2 HOH 20  221 21  HOH HOH A . 
B 2 HOH 21  222 22  HOH HOH A . 
B 2 HOH 22  223 23  HOH HOH A . 
B 2 HOH 23  224 24  HOH HOH A . 
B 2 HOH 24  225 25  HOH HOH A . 
B 2 HOH 25  226 26  HOH HOH A . 
B 2 HOH 26  227 28  HOH HOH A . 
B 2 HOH 27  228 29  HOH HOH A . 
B 2 HOH 28  229 30  HOH HOH A . 
B 2 HOH 29  230 31  HOH HOH A . 
B 2 HOH 30  231 32  HOH HOH A . 
B 2 HOH 31  232 33  HOH HOH A . 
B 2 HOH 32  233 34  HOH HOH A . 
B 2 HOH 33  234 35  HOH HOH A . 
B 2 HOH 34  235 36  HOH HOH A . 
B 2 HOH 35  236 37  HOH HOH A . 
B 2 HOH 36  237 38  HOH HOH A . 
B 2 HOH 37  238 39  HOH HOH A . 
B 2 HOH 38  239 40  HOH HOH A . 
B 2 HOH 39  240 41  HOH HOH A . 
B 2 HOH 40  241 42  HOH HOH A . 
B 2 HOH 41  242 43  HOH HOH A . 
B 2 HOH 42  243 45  HOH HOH A . 
B 2 HOH 43  244 46  HOH HOH A . 
B 2 HOH 44  245 47  HOH HOH A . 
B 2 HOH 45  246 48  HOH HOH A . 
B 2 HOH 46  247 49  HOH HOH A . 
B 2 HOH 47  248 50  HOH HOH A . 
B 2 HOH 48  249 51  HOH HOH A . 
B 2 HOH 49  250 52  HOH HOH A . 
B 2 HOH 50  251 53  HOH HOH A . 
B 2 HOH 51  252 56  HOH HOH A . 
B 2 HOH 52  253 58  HOH HOH A . 
B 2 HOH 53  254 59  HOH HOH A . 
B 2 HOH 54  255 60  HOH HOH A . 
B 2 HOH 55  256 61  HOH HOH A . 
B 2 HOH 56  257 62  HOH HOH A . 
B 2 HOH 57  258 63  HOH HOH A . 
B 2 HOH 58  259 64  HOH HOH A . 
B 2 HOH 59  260 66  HOH HOH A . 
B 2 HOH 60  261 68  HOH HOH A . 
B 2 HOH 61  262 69  HOH HOH A . 
B 2 HOH 62  263 72  HOH HOH A . 
B 2 HOH 63  264 74  HOH HOH A . 
B 2 HOH 64  265 75  HOH HOH A . 
B 2 HOH 65  266 76  HOH HOH A . 
B 2 HOH 66  267 81  HOH HOH A . 
B 2 HOH 67  268 85  HOH HOH A . 
B 2 HOH 68  269 87  HOH HOH A . 
B 2 HOH 69  270 92  HOH HOH A . 
B 2 HOH 70  271 94  HOH HOH A . 
B 2 HOH 71  272 95  HOH HOH A . 
B 2 HOH 72  273 96  HOH HOH A . 
B 2 HOH 73  274 97  HOH HOH A . 
B 2 HOH 74  275 102 HOH HOH A . 
B 2 HOH 75  276 104 HOH HOH A . 
B 2 HOH 76  277 106 HOH HOH A . 
B 2 HOH 77  278 107 HOH HOH A . 
B 2 HOH 78  279 108 HOH HOH A . 
B 2 HOH 79  280 109 HOH HOH A . 
B 2 HOH 80  281 111 HOH HOH A . 
B 2 HOH 81  282 115 HOH HOH A . 
B 2 HOH 82  283 117 HOH HOH A . 
B 2 HOH 83  284 118 HOH HOH A . 
B 2 HOH 84  285 119 HOH HOH A . 
B 2 HOH 85  286 120 HOH HOH A . 
B 2 HOH 86  287 121 HOH HOH A . 
B 2 HOH 87  288 122 HOH HOH A . 
B 2 HOH 88  289 123 HOH HOH A . 
B 2 HOH 89  290 124 HOH HOH A . 
B 2 HOH 90  291 125 HOH HOH A . 
B 2 HOH 91  292 126 HOH HOH A . 
B 2 HOH 92  293 127 HOH HOH A . 
B 2 HOH 93  294 128 HOH HOH A . 
B 2 HOH 94  295 129 HOH HOH A . 
B 2 HOH 95  296 130 HOH HOH A . 
B 2 HOH 96  297 131 HOH HOH A . 
B 2 HOH 97  298 132 HOH HOH A . 
B 2 HOH 98  299 133 HOH HOH A . 
B 2 HOH 99  300 135 HOH HOH A . 
B 2 HOH 100 301 136 HOH HOH A . 
B 2 HOH 101 302 137 HOH HOH A . 
B 2 HOH 102 303 139 HOH HOH A . 
B 2 HOH 103 304 142 HOH HOH A . 
B 2 HOH 104 305 143 HOH HOH A . 
B 2 HOH 105 306 144 HOH HOH A . 
B 2 HOH 106 307 145 HOH HOH A . 
B 2 HOH 107 308 146 HOH HOH A . 
B 2 HOH 108 309 147 HOH HOH A . 
B 2 HOH 109 310 148 HOH HOH A . 
B 2 HOH 110 311 149 HOH HOH A . 
B 2 HOH 111 312 150 HOH HOH A . 
# 
loop_
_pdbx_unobs_or_zero_occ_atoms.id 
_pdbx_unobs_or_zero_occ_atoms.PDB_model_num 
_pdbx_unobs_or_zero_occ_atoms.polymer_flag 
_pdbx_unobs_or_zero_occ_atoms.occupancy_flag 
_pdbx_unobs_or_zero_occ_atoms.auth_asym_id 
_pdbx_unobs_or_zero_occ_atoms.auth_comp_id 
_pdbx_unobs_or_zero_occ_atoms.auth_seq_id 
_pdbx_unobs_or_zero_occ_atoms.PDB_ins_code 
_pdbx_unobs_or_zero_occ_atoms.auth_atom_id 
_pdbx_unobs_or_zero_occ_atoms.label_alt_id 
_pdbx_unobs_or_zero_occ_atoms.label_asym_id 
_pdbx_unobs_or_zero_occ_atoms.label_comp_id 
_pdbx_unobs_or_zero_occ_atoms.label_seq_id 
_pdbx_unobs_or_zero_occ_atoms.label_atom_id 
1  1 Y 1 A ARG 16  ? CD  ? A ARG 28  CD  
2  1 Y 1 A ARG 16  ? NE  ? A ARG 28  NE  
3  1 Y 1 A ARG 16  ? CZ  ? A ARG 28  CZ  
4  1 Y 1 A ARG 16  ? NH1 ? A ARG 28  NH1 
5  1 Y 1 A ARG 16  ? NH2 ? A ARG 28  NH2 
6  1 Y 1 A LYS 49  ? CG  ? A LYS 61  CG  
7  1 Y 1 A LYS 49  ? CD  ? A LYS 61  CD  
8  1 Y 1 A LYS 49  ? CE  ? A LYS 61  CE  
9  1 Y 1 A LYS 49  ? NZ  ? A LYS 61  NZ  
10 1 Y 1 A LYS 100 ? CG  ? A LYS 112 CG  
11 1 Y 1 A LYS 100 ? CD  ? A LYS 112 CD  
12 1 Y 1 A LYS 100 ? CE  ? A LYS 112 CE  
13 1 Y 1 A LYS 100 ? NZ  ? A LYS 112 NZ  
# 
loop_
_software.name 
_software.classification 
_software.version 
_software.citation_id 
_software.pdbx_ordinal 
DENZO     'data reduction' .        ? 1 
SCALEPACK 'data scaling'   .        ? 2 
SOLVE     phasing          .        ? 3 
RESOLVE   'model building' .        ? 4 
REFMAC    refinement       5.1.9999 ? 5 
RESOLVE   phasing          .        ? 6 
# 
_cell.length_a           62.971 
_cell.length_b           62.971 
_cell.length_c           167.103 
_cell.angle_alpha        90.00 
_cell.angle_beta         90.00 
_cell.angle_gamma        120.00 
_cell.entry_id           1O5L 
_cell.pdbx_unique_axis   ? 
_cell.Z_PDB              12 
# 
_symmetry.space_group_name_H-M             'P 61 2 2' 
_symmetry.entry_id                         1O5L 
_symmetry.pdbx_full_space_group_name_H-M   ? 
_symmetry.Int_Tables_number                178 
_symmetry.cell_setting                     ? 
_symmetry.space_group_name_Hall            ? 
# 
_exptl.crystals_number   1 
_exptl.method            'X-RAY DIFFRACTION' 
_exptl.entry_id          1O5L 
# 
_exptl_crystal.id                    1 
_exptl_crystal.density_percent_sol   58.77 
_exptl_crystal.density_Matthews      3.01 
_exptl_crystal.density_meas          ? 
_exptl_crystal.description           ? 
_exptl_crystal.F_000                 ? 
_exptl_crystal.preparation           ? 
# 
_exptl_crystal_grow.crystal_id      1 
_exptl_crystal_grow.method          'VAPOR DIFFUSION,SITTING DROP,NANODROP' 
_exptl_crystal_grow.pH              9.5 
_exptl_crystal_grow.temp            277 
_exptl_crystal_grow.pdbx_details    '10% PEG-3000, 0.1M CHES pH 9.5, VAPOR DIFFUSION,SITTING DROP,NANODROP, temperature 277K' 
_exptl_crystal_grow.temp_details    ? 
_exptl_crystal_grow.pdbx_pH_range   . 
# 
_diffrn.id                     1 
_diffrn.ambient_temp           100 
_diffrn.ambient_temp_details   ? 
_diffrn.crystal_id             1 
# 
_diffrn_detector.diffrn_id              1 
_diffrn_detector.detector               CCD 
_diffrn_detector.type                   ADSC 
_diffrn_detector.details                ? 
_diffrn_detector.pdbx_collection_date   2003-06-19 
# 
_diffrn_radiation.diffrn_id                        1 
_diffrn_radiation.pdbx_monochromatic_or_laue_m_l   M 
_diffrn_radiation.monochromator                    'Double-crystal Si(111)' 
_diffrn_radiation.pdbx_diffrn_protocol             'SINGLE WAVELENGTH' 
_diffrn_radiation.wavelength_id                    1 
_diffrn_radiation.pdbx_scattering_type             x-ray 
# 
_diffrn_radiation_wavelength.id           1 
_diffrn_radiation_wavelength.wavelength   0.9785 
_diffrn_radiation_wavelength.wt           1.0 
# 
_diffrn_source.diffrn_id                   1 
_diffrn_source.source                      SYNCHROTRON 
_diffrn_source.pdbx_synchrotron_site       ALS 
_diffrn_source.pdbx_synchrotron_beamline   5.0.2 
_diffrn_source.type                        'ALS BEAMLINE 5.0.2' 
_diffrn_source.pdbx_wavelength             0.9785 
_diffrn_source.pdbx_wavelength_list        ? 
# 
_reflns.observed_criterion_sigma_F   ? 
_reflns.observed_criterion_sigma_I   ? 
_reflns.d_resolution_high            2.05 
_reflns.d_resolution_low             50.00 
_reflns.number_all                   12634 
_reflns.number_obs                   12634 
_reflns.percent_possible_obs         100.00 
_reflns.pdbx_Rmerge_I_obs            ? 
_reflns.pdbx_netI_over_sigmaI        22.26 
_reflns.B_iso_Wilson_estimate        53.02 
_reflns.pdbx_redundancy              5.82 
_reflns.pdbx_Rsym_value              0.112 
_reflns.entry_id                     1O5L 
_reflns.R_free_details               ? 
_reflns.limit_h_max                  ? 
_reflns.limit_h_min                  ? 
_reflns.limit_k_max                  ? 
_reflns.limit_k_min                  ? 
_reflns.limit_l_max                  ? 
_reflns.limit_l_min                  ? 
_reflns.observed_criterion_F_max     ? 
_reflns.observed_criterion_F_min     ? 
_reflns.pdbx_chi_squared             ? 
_reflns.pdbx_scaling_rejects         ? 
_reflns.pdbx_ordinal                 1 
_reflns.pdbx_diffrn_id               1 
# 
_reflns_shell.d_res_high             2.05 
_reflns_shell.d_res_low              2.12 
_reflns_shell.percent_possible_all   98.17 
_reflns_shell.pdbx_Rsym_value        0.912 
_reflns_shell.pdbx_redundancy        5.04 
_reflns_shell.number_unique_all      1231 
_reflns_shell.meanI_over_sigI_obs    1.53 
_reflns_shell.Rmerge_I_obs           ? 
_reflns_shell.percent_possible_obs   ? 
_reflns_shell.number_measured_all    ? 
_reflns_shell.number_measured_obs    ? 
_reflns_shell.number_unique_obs      ? 
_reflns_shell.pdbx_chi_squared       ? 
_reflns_shell.pdbx_ordinal           1 
_reflns_shell.pdbx_diffrn_id         1 
# 
_refine.ls_d_res_high                            2.30 
_refine.ls_d_res_low                             38.97 
_refine.pdbx_ls_sigma_F                          ? 
_refine.pdbx_ls_sigma_I                          ? 
_refine.ls_number_reflns_obs                     8737 
_refine.ls_number_reflns_R_free                  443 
_refine.ls_percent_reflns_R_free                 4.8 
_refine.ls_percent_reflns_obs                    97.99 
_refine.ls_R_factor_obs                          0.19743 
_refine.ls_R_factor_R_work                       0.19483 
_refine.ls_R_factor_R_free                       0.25324 
_refine.pdbx_R_Free_selection_details            RANDOM 
_refine.pdbx_stereochemistry_target_values       'MAXIMUM LIKELIHOOD' 
_refine.pdbx_method_to_determine_struct          SAD 
_refine.pdbx_starting_model                      ? 
_refine.pdbx_ls_cross_valid_method               THROUGHOUT 
_refine.pdbx_isotropic_thermal_model             ISOTROPIC 
_refine.B_iso_mean                               47.357 
_refine.aniso_B[1][1]                            2.04 
_refine.aniso_B[2][2]                            2.04 
_refine.aniso_B[3][3]                            -3.05 
_refine.aniso_B[1][2]                            1.02 
_refine.aniso_B[1][3]                            0.00 
_refine.aniso_B[2][3]                            0.00 
_refine.details                                  
;1. HYDROGENS HAVE BEEN ADDED IN THE RIDING POSITIONS.  2. PROMINENT DENSITY NEAR RESIDUES SER64 AND ASP111 COULD BE RESIDUAL CAMP, SINCE THIS SEEMS TO BE A CAMP-BINDING CASSETTE.
;
_refine.pdbx_overall_ESU_R                       0.239 
_refine.pdbx_overall_ESU_R_Free                  0.215 
_refine.overall_SU_ML                            0.154 
_refine.overall_SU_B                             11.935 
_refine.correlation_coeff_Fo_to_Fc               0.956 
_refine.correlation_coeff_Fo_to_Fc_free          0.914 
_refine.solvent_model_details                    'BABINET MODEL WITH MASK' 
_refine.pdbx_solvent_vdw_probe_radii             1.20 
_refine.pdbx_solvent_ion_probe_radii             0.80 
_refine.pdbx_solvent_shrinkage_radii             0.80 
_refine.entry_id                                 1O5L 
_refine.ls_R_factor_all                          ? 
_refine.ls_number_reflns_all                     ? 
_refine.ls_redundancy_reflns_obs                 ? 
_refine.pdbx_data_cutoff_high_absF               ? 
_refine.pdbx_data_cutoff_low_absF                ? 
_refine.ls_number_parameters                     ? 
_refine.ls_number_restraints                     ? 
_refine.ls_R_factor_R_free_error                 ? 
_refine.ls_R_factor_R_free_error_details         ? 
_refine.pdbx_stereochem_target_val_spec_case     ? 
_refine.solvent_model_param_bsol                 ? 
_refine.solvent_model_param_ksol                 ? 
_refine.occupancy_max                            ? 
_refine.occupancy_min                            ? 
_refine.pdbx_data_cutoff_high_rms_absF           ? 
_refine.B_iso_min                                ? 
_refine.B_iso_max                                ? 
_refine.overall_SU_R_Cruickshank_DPI             ? 
_refine.overall_SU_R_free                        ? 
_refine.ls_wR_factor_R_free                      ? 
_refine.ls_wR_factor_R_work                      ? 
_refine.overall_FOM_free_R_set                   ? 
_refine.overall_FOM_work_R_set                   ? 
_refine.pdbx_refine_id                           'X-RAY DIFFRACTION' 
_refine.pdbx_TLS_residual_ADP_flag               'LIKELY RESIDUAL' 
_refine.pdbx_diffrn_id                           1 
_refine.pdbx_overall_phase_error                 ? 
_refine.pdbx_overall_SU_R_free_Cruickshank_DPI   ? 
_refine.pdbx_overall_SU_R_Blow_DPI               ? 
_refine.pdbx_overall_SU_R_free_Blow_DPI          ? 
# 
_refine_hist.pdbx_refine_id                   'X-RAY DIFFRACTION' 
_refine_hist.cycle_id                         LAST 
_refine_hist.pdbx_number_atoms_protein        1024 
_refine_hist.pdbx_number_atoms_nucleic_acid   0 
_refine_hist.pdbx_number_atoms_ligand         0 
_refine_hist.number_atoms_solvent             111 
_refine_hist.number_atoms_total               1135 
_refine_hist.d_res_high                       2.30 
_refine_hist.d_res_low                        38.97 
# 
loop_
_refine_ls_restr.type 
_refine_ls_restr.number 
_refine_ls_restr.dev_ideal 
_refine_ls_restr.dev_ideal_target 
_refine_ls_restr.weight 
_refine_ls_restr.pdbx_refine_id 
_refine_ls_restr.pdbx_restraint_function 
r_bond_refined_d         1043 0.019  0.022  ? 'X-RAY DIFFRACTION' ? 
r_bond_other_d           1007 0.001  0.020  ? 'X-RAY DIFFRACTION' ? 
r_angle_refined_deg      1408 1.419  1.990  ? 'X-RAY DIFFRACTION' ? 
r_angle_other_deg        2353 0.782  3.000  ? 'X-RAY DIFFRACTION' ? 
r_dihedral_angle_1_deg   128  6.467  5.000  ? 'X-RAY DIFFRACTION' ? 
r_dihedral_angle_2_deg   42   34.407 25.476 ? 'X-RAY DIFFRACTION' ? 
r_dihedral_angle_3_deg   203  14.405 15.000 ? 'X-RAY DIFFRACTION' ? 
r_dihedral_angle_4_deg   3    19.652 15.000 ? 'X-RAY DIFFRACTION' ? 
r_chiral_restr           170  0.080  0.200  ? 'X-RAY DIFFRACTION' ? 
r_gen_planes_refined     1113 0.005  0.020  ? 'X-RAY DIFFRACTION' ? 
r_gen_planes_other       190  0.001  0.020  ? 'X-RAY DIFFRACTION' ? 
r_nbd_refined            170  0.217  0.200  ? 'X-RAY DIFFRACTION' ? 
r_nbd_other              897  0.165  0.200  ? 'X-RAY DIFFRACTION' ? 
r_nbtor_other            596  0.085  0.200  ? 'X-RAY DIFFRACTION' ? 
r_xyhbond_nbd_refined    64   0.220  0.200  ? 'X-RAY DIFFRACTION' ? 
r_symmetry_vdw_refined   12   0.215  0.200  ? 'X-RAY DIFFRACTION' ? 
r_symmetry_vdw_other     37   0.306  0.200  ? 'X-RAY DIFFRACTION' ? 
r_symmetry_hbond_refined 10   0.168  0.200  ? 'X-RAY DIFFRACTION' ? 
r_mcbond_it              725  0.797  1.500  ? 'X-RAY DIFFRACTION' ? 
r_mcangle_it             1056 1.137  2.000  ? 'X-RAY DIFFRACTION' ? 
r_scbond_it              428  1.807  3.000  ? 'X-RAY DIFFRACTION' ? 
r_scangle_it             352  2.585  4.500  ? 'X-RAY DIFFRACTION' ? 
# 
_refine_ls_shell.pdbx_total_number_of_bins_used   20 
_refine_ls_shell.d_res_high                       2.300 
_refine_ls_shell.d_res_low                        2.360 
_refine_ls_shell.percent_reflns_obs               ? 
_refine_ls_shell.number_reflns_R_work             619 
_refine_ls_shell.R_factor_R_work                  0.287 
_refine_ls_shell.percent_reflns_R_free            4.03 
_refine_ls_shell.number_reflns_R_free             26 
_refine_ls_shell.R_factor_R_free                  0.427 
_refine_ls_shell.R_factor_R_free_error            ? 
_refine_ls_shell.redundancy_reflns_obs            ? 
_refine_ls_shell.number_reflns_all                ? 
_refine_ls_shell.number_reflns_obs                ? 
_refine_ls_shell.pdbx_refine_id                   'X-RAY DIFFRACTION' 
_refine_ls_shell.R_factor_all                     ? 
# 
_struct.entry_id                  1O5L 
_struct.title                     
'Crystal structure of Transcriptional regulator (TM1171) from Thermotoga maritima at 2.30 A resolution' 
_struct.pdbx_model_details        ? 
_struct.pdbx_CASP_flag            ? 
_struct.pdbx_model_type_details   ? 
# 
_struct_keywords.text            
;TM1171, TRANSCRIPTIONAL REGULATOR, CRP FAMILY, STRUCTURAL GENOMICS, JCSG, PSI, Protein Structure Initiative, Joint Center for Structural Genomics, TRANSCRIPTION
;
_struct_keywords.pdbx_keywords   TRANSCRIPTION 
_struct_keywords.entry_id        1O5L 
# 
loop_
_struct_asym.id 
_struct_asym.pdbx_blank_PDB_chainid_flag 
_struct_asym.pdbx_modified 
_struct_asym.entity_id 
_struct_asym.details 
A N N 1 ? 
B N N 2 ? 
# 
_struct_ref.id                         1 
_struct_ref.db_name                    UNP 
_struct_ref.db_code                    Q9X0Q3_THEMA 
_struct_ref.pdbx_db_accession          Q9X0Q3 
_struct_ref.entity_id                  1 
_struct_ref.pdbx_seq_one_letter_code   
;MDLKKLLPCGKVIVFRKGEIVKHQDDPIEDVLILLEGTLKTEHVSENGKTLEIDEIKPVQIIASGFIFSSEPRFPVNVVA
GENSKILSIPKEVFLDLLMKDRELLLFFLKDVSEHFRVVSEKLFFLTTKTLREKLMNFLVRHMNEKRELTLPVTLEELSR
LFGCARPALSRVFQELEREGYIEKHGRRIKVLKNPFEHDRI
;
_struct_ref.pdbx_align_begin           1 
_struct_ref.pdbx_db_isoform            ? 
# 
_struct_ref_seq.align_id                      1 
_struct_ref_seq.ref_id                        1 
_struct_ref_seq.pdbx_PDB_id_code              1O5L 
_struct_ref_seq.pdbx_strand_id                A 
_struct_ref_seq.seq_align_beg                 13 
_struct_ref_seq.pdbx_seq_align_beg_ins_code   ? 
_struct_ref_seq.seq_align_end                 213 
_struct_ref_seq.pdbx_seq_align_end_ins_code   ? 
_struct_ref_seq.pdbx_db_accession             Q9X0Q3 
_struct_ref_seq.db_align_beg                  1 
_struct_ref_seq.pdbx_db_align_beg_ins_code    ? 
_struct_ref_seq.db_align_end                  201 
_struct_ref_seq.pdbx_db_align_end_ins_code    ? 
_struct_ref_seq.pdbx_auth_seq_align_beg       1 
_struct_ref_seq.pdbx_auth_seq_align_end       201 
# 
loop_
_struct_ref_seq_dif.align_id 
_struct_ref_seq_dif.pdbx_pdb_id_code 
_struct_ref_seq_dif.mon_id 
_struct_ref_seq_dif.pdbx_pdb_strand_id 
_struct_ref_seq_dif.seq_num 
_struct_ref_seq_dif.pdbx_pdb_ins_code 
_struct_ref_seq_dif.pdbx_seq_db_name 
_struct_ref_seq_dif.pdbx_seq_db_accession_code 
_struct_ref_seq_dif.db_mon_id 
_struct_ref_seq_dif.pdbx_seq_db_seq_num 
_struct_ref_seq_dif.details 
_struct_ref_seq_dif.pdbx_auth_seq_num 
_struct_ref_seq_dif.pdbx_ordinal 
1 1O5L MET A 1  ? UNP Q9X0Q3 ? ? 'expression tag' -11 1  
1 1O5L GLY A 2  ? UNP Q9X0Q3 ? ? 'expression tag' -10 2  
1 1O5L SER A 3  ? UNP Q9X0Q3 ? ? 'expression tag' -9  3  
1 1O5L ASP A 4  ? UNP Q9X0Q3 ? ? 'expression tag' -8  4  
1 1O5L LYS A 5  ? UNP Q9X0Q3 ? ? 'expression tag' -7  5  
1 1O5L ILE A 6  ? UNP Q9X0Q3 ? ? 'expression tag' -6  6  
1 1O5L HIS A 7  ? UNP Q9X0Q3 ? ? 'expression tag' -5  7  
1 1O5L HIS A 8  ? UNP Q9X0Q3 ? ? 'expression tag' -4  8  
1 1O5L HIS A 9  ? UNP Q9X0Q3 ? ? 'expression tag' -3  9  
1 1O5L HIS A 10 ? UNP Q9X0Q3 ? ? 'expression tag' -2  10 
1 1O5L HIS A 11 ? UNP Q9X0Q3 ? ? 'expression tag' -1  11 
1 1O5L HIS A 12 ? UNP Q9X0Q3 ? ? 'expression tag' 0   12 
# 
_pdbx_struct_assembly.id                   1 
_pdbx_struct_assembly.details              author_and_software_defined_assembly 
_pdbx_struct_assembly.method_details       PISA,PQS 
_pdbx_struct_assembly.oligomeric_details   dimeric 
_pdbx_struct_assembly.oligomeric_count     2 
# 
loop_
_pdbx_struct_assembly_prop.biol_id 
_pdbx_struct_assembly_prop.type 
_pdbx_struct_assembly_prop.value 
_pdbx_struct_assembly_prop.details 
1 'ABSA (A^2)' 3410  ? 
1 MORE         -33   ? 
1 'SSA (A^2)'  13200 ? 
# 
_pdbx_struct_assembly_gen.assembly_id       1 
_pdbx_struct_assembly_gen.oper_expression   1,2 
_pdbx_struct_assembly_gen.asym_id_list      A,B 
# 
loop_
_pdbx_struct_oper_list.id 
_pdbx_struct_oper_list.type 
_pdbx_struct_oper_list.name 
_pdbx_struct_oper_list.symmetry_operation 
_pdbx_struct_oper_list.matrix[1][1] 
_pdbx_struct_oper_list.matrix[1][2] 
_pdbx_struct_oper_list.matrix[1][3] 
_pdbx_struct_oper_list.vector[1] 
_pdbx_struct_oper_list.matrix[2][1] 
_pdbx_struct_oper_list.matrix[2][2] 
_pdbx_struct_oper_list.matrix[2][3] 
_pdbx_struct_oper_list.vector[2] 
_pdbx_struct_oper_list.matrix[3][1] 
_pdbx_struct_oper_list.matrix[3][2] 
_pdbx_struct_oper_list.matrix[3][3] 
_pdbx_struct_oper_list.vector[3] 
1 'identity operation'         1_555  x,y,z            1.0000000000  0.0000000000  0.0000000000 0.0000000000  0.0000000000  1.0000000000  0.0000000000  0.0000000000 0.0000000000 0.0000000000  1.0000000000 0.0000000000  
2 'crystal symmetry operation' 10_664 -y+1,-x+1,-z-1/6 -0.9160288960 -0.2386379076 0.3224019399 24.2166228770 -0.2386379076 -0.3218137170 -0.9162357124 1.2331478762 0.3224019399 -0.9162357124 0.2378426130 -5.3945727830 
# 
_struct_biol.id   1 
# 
loop_
_struct_conf.conf_type_id 
_struct_conf.id 
_struct_conf.pdbx_PDB_helix_id 
_struct_conf.beg_label_comp_id 
_struct_conf.beg_label_asym_id 
_struct_conf.beg_label_seq_id 
_struct_conf.pdbx_beg_PDB_ins_code 
_struct_conf.end_label_comp_id 
_struct_conf.end_label_asym_id 
_struct_conf.end_label_seq_id 
_struct_conf.pdbx_end_PDB_ins_code 
_struct_conf.beg_auth_comp_id 
_struct_conf.beg_auth_asym_id 
_struct_conf.beg_auth_seq_id 
_struct_conf.end_auth_comp_id 
_struct_conf.end_auth_asym_id 
_struct_conf.end_auth_seq_id 
_struct_conf.pdbx_PDB_helix_class 
_struct_conf.details 
_struct_conf.pdbx_PDB_helix_length 
HELX_P HELX_P1 1 ASP A 14  ? GLY A 22  ? ASP A 2   GLY A 10  5 ? 9  
HELX_P HELX_P2 2 ALA A 75  ? ILE A 79  ? ALA A 63  ILE A 67  5 ? 5  
HELX_P HELX_P3 3 LYS A 103 ? LYS A 112 ? LYS A 91  LYS A 100 1 ? 10 
HELX_P HELX_P4 4 ARG A 114 ? THR A 140 ? ARG A 102 THR A 128 1 ? 27 
# 
_struct_conf_type.id          HELX_P 
_struct_conf_type.criteria    ? 
_struct_conf_type.reference   ? 
# 
_struct_mon_prot_cis.pdbx_id                1 
_struct_mon_prot_cis.label_comp_id          PRO 
_struct_mon_prot_cis.label_seq_id           70 
_struct_mon_prot_cis.label_asym_id          A 
_struct_mon_prot_cis.label_alt_id           . 
_struct_mon_prot_cis.pdbx_PDB_ins_code      ? 
_struct_mon_prot_cis.auth_comp_id           PRO 
_struct_mon_prot_cis.auth_seq_id            58 
_struct_mon_prot_cis.auth_asym_id           A 
_struct_mon_prot_cis.pdbx_label_comp_id_2   VAL 
_struct_mon_prot_cis.pdbx_label_seq_id_2    71 
_struct_mon_prot_cis.pdbx_label_asym_id_2   A 
_struct_mon_prot_cis.pdbx_PDB_ins_code_2    ? 
_struct_mon_prot_cis.pdbx_auth_comp_id_2    VAL 
_struct_mon_prot_cis.pdbx_auth_seq_id_2     59 
_struct_mon_prot_cis.pdbx_auth_asym_id_2    A 
_struct_mon_prot_cis.pdbx_PDB_model_num     1 
_struct_mon_prot_cis.pdbx_omega_angle       -0.24 
# 
loop_
_struct_sheet.id 
_struct_sheet.type 
_struct_sheet.number_strands 
_struct_sheet.details 
A ? 4 ? 
B ? 4 ? 
# 
loop_
_struct_sheet_order.sheet_id 
_struct_sheet_order.range_id_1 
_struct_sheet_order.range_id_2 
_struct_sheet_order.offset 
_struct_sheet_order.sense 
A 1 2 ? anti-parallel 
A 2 3 ? anti-parallel 
A 3 4 ? anti-parallel 
B 1 2 ? anti-parallel 
B 2 3 ? anti-parallel 
B 3 4 ? anti-parallel 
# 
loop_
_struct_sheet_range.sheet_id 
_struct_sheet_range.id 
_struct_sheet_range.beg_label_comp_id 
_struct_sheet_range.beg_label_asym_id 
_struct_sheet_range.beg_label_seq_id 
_struct_sheet_range.pdbx_beg_PDB_ins_code 
_struct_sheet_range.end_label_comp_id 
_struct_sheet_range.end_label_asym_id 
_struct_sheet_range.end_label_seq_id 
_struct_sheet_range.pdbx_end_PDB_ins_code 
_struct_sheet_range.beg_auth_comp_id 
_struct_sheet_range.beg_auth_asym_id 
_struct_sheet_range.beg_auth_seq_id 
_struct_sheet_range.end_auth_comp_id 
_struct_sheet_range.end_auth_asym_id 
_struct_sheet_range.end_auth_seq_id 
A 1 LYS A 23 ? PHE A 27  ? LYS A 11 PHE A 15 
A 2 SER A 96 ? PRO A 102 ? SER A 84 PRO A 90 
A 3 ASP A 42 ? GLU A 48  ? ASP A 30 GLU A 36 
A 4 GLN A 72 ? ILE A 73  ? GLN A 60 ILE A 61 
B 1 ILE A 32 ? LYS A 34  ? ILE A 20 LYS A 22 
B 2 ASN A 89 ? ALA A 92  ? ASN A 77 ALA A 80 
B 3 LEU A 51 ? VAL A 56  ? LEU A 39 VAL A 44 
B 4 THR A 62 ? ILE A 68  ? THR A 50 ILE A 56 
# 
loop_
_pdbx_struct_sheet_hbond.sheet_id 
_pdbx_struct_sheet_hbond.range_id_1 
_pdbx_struct_sheet_hbond.range_id_2 
_pdbx_struct_sheet_hbond.range_1_label_atom_id 
_pdbx_struct_sheet_hbond.range_1_label_comp_id 
_pdbx_struct_sheet_hbond.range_1_label_asym_id 
_pdbx_struct_sheet_hbond.range_1_label_seq_id 
_pdbx_struct_sheet_hbond.range_1_PDB_ins_code 
_pdbx_struct_sheet_hbond.range_1_auth_atom_id 
_pdbx_struct_sheet_hbond.range_1_auth_comp_id 
_pdbx_struct_sheet_hbond.range_1_auth_asym_id 
_pdbx_struct_sheet_hbond.range_1_auth_seq_id 
_pdbx_struct_sheet_hbond.range_2_label_atom_id 
_pdbx_struct_sheet_hbond.range_2_label_comp_id 
_pdbx_struct_sheet_hbond.range_2_label_asym_id 
_pdbx_struct_sheet_hbond.range_2_label_seq_id 
_pdbx_struct_sheet_hbond.range_2_PDB_ins_code 
_pdbx_struct_sheet_hbond.range_2_auth_atom_id 
_pdbx_struct_sheet_hbond.range_2_auth_comp_id 
_pdbx_struct_sheet_hbond.range_2_auth_asym_id 
_pdbx_struct_sheet_hbond.range_2_auth_seq_id 
A 1 2 N ILE A 25 ? N ILE A 13 O ILE A 98 ? O ILE A 86 
A 2 3 O LEU A 99 ? O LEU A 87 N ILE A 45 ? N ILE A 33 
A 3 4 N LEU A 46 ? N LEU A 34 O GLN A 72 ? O GLN A 60 
B 1 2 N LYS A 34 ? N LYS A 22 O VAL A 90 ? O VAL A 78 
B 2 3 O VAL A 91 ? O VAL A 79 N LYS A 52 ? N LYS A 40 
B 3 4 N THR A 53 ? N THR A 41 O ILE A 65 ? O ILE A 53 
# 
loop_
_pdbx_validate_close_contact.id 
_pdbx_validate_close_contact.PDB_model_num 
_pdbx_validate_close_contact.auth_atom_id_1 
_pdbx_validate_close_contact.auth_asym_id_1 
_pdbx_validate_close_contact.auth_comp_id_1 
_pdbx_validate_close_contact.auth_seq_id_1 
_pdbx_validate_close_contact.PDB_ins_code_1 
_pdbx_validate_close_contact.label_alt_id_1 
_pdbx_validate_close_contact.auth_atom_id_2 
_pdbx_validate_close_contact.auth_asym_id_2 
_pdbx_validate_close_contact.auth_comp_id_2 
_pdbx_validate_close_contact.auth_seq_id_2 
_pdbx_validate_close_contact.PDB_ins_code_2 
_pdbx_validate_close_contact.label_alt_id_2 
_pdbx_validate_close_contact.dist 
1 1 OD2 A ASP 30  ? ? O A HOH 290 ? ? 2.05 
2 1 O   A HOH 229 ? ? O A HOH 291 ? ? 2.11 
3 1 O   A HOH 297 ? ? O A HOH 298 ? ? 2.19 
# 
loop_
_pdbx_validate_rmsd_angle.id 
_pdbx_validate_rmsd_angle.PDB_model_num 
_pdbx_validate_rmsd_angle.auth_atom_id_1 
_pdbx_validate_rmsd_angle.auth_asym_id_1 
_pdbx_validate_rmsd_angle.auth_comp_id_1 
_pdbx_validate_rmsd_angle.auth_seq_id_1 
_pdbx_validate_rmsd_angle.PDB_ins_code_1 
_pdbx_validate_rmsd_angle.label_alt_id_1 
_pdbx_validate_rmsd_angle.auth_atom_id_2 
_pdbx_validate_rmsd_angle.auth_asym_id_2 
_pdbx_validate_rmsd_angle.auth_comp_id_2 
_pdbx_validate_rmsd_angle.auth_seq_id_2 
_pdbx_validate_rmsd_angle.PDB_ins_code_2 
_pdbx_validate_rmsd_angle.label_alt_id_2 
_pdbx_validate_rmsd_angle.auth_atom_id_3 
_pdbx_validate_rmsd_angle.auth_asym_id_3 
_pdbx_validate_rmsd_angle.auth_comp_id_3 
_pdbx_validate_rmsd_angle.auth_seq_id_3 
_pdbx_validate_rmsd_angle.PDB_ins_code_3 
_pdbx_validate_rmsd_angle.label_alt_id_3 
_pdbx_validate_rmsd_angle.angle_value 
_pdbx_validate_rmsd_angle.angle_target_value 
_pdbx_validate_rmsd_angle.angle_deviation 
_pdbx_validate_rmsd_angle.angle_standard_deviation 
_pdbx_validate_rmsd_angle.linker_flag 
1 1 CB A ASP 30  ? ? CG A ASP 30  ? ? OD1 A ASP 30  ? ? 127.03 118.30 8.73  0.90 N 
2 1 NE A ARG 73  ? ? CZ A ARG 73  ? ? NH1 A ARG 73  ? ? 124.92 120.30 4.62  0.50 N 
3 1 NE A ARG 73  ? ? CZ A ARG 73  ? ? NH2 A ARG 73  ? ? 117.05 120.30 -3.25 0.50 N 
4 1 CB A ASP 111 ? ? CG A ASP 111 ? ? OD1 A ASP 111 ? ? 124.89 118.30 6.59  0.90 N 
# 
_pdbx_validate_torsion.id              1 
_pdbx_validate_torsion.PDB_model_num   1 
_pdbx_validate_torsion.auth_comp_id    ASP 
_pdbx_validate_torsion.auth_asym_id    A 
_pdbx_validate_torsion.auth_seq_id     25 
_pdbx_validate_torsion.PDB_ins_code    ? 
_pdbx_validate_torsion.label_alt_id    ? 
_pdbx_validate_torsion.phi             75.57 
_pdbx_validate_torsion.psi             -3.87 
# 
_pdbx_SG_project.id                    1 
_pdbx_SG_project.project_name          'PSI, Protein Structure Initiative' 
_pdbx_SG_project.full_name_of_center   'Joint Center for Structural Genomics' 
_pdbx_SG_project.initial_of_center     JCSG 
# 
loop_
_pdbx_refine_tls.id 
_pdbx_refine_tls.details 
_pdbx_refine_tls.method 
_pdbx_refine_tls.origin_x 
_pdbx_refine_tls.origin_y 
_pdbx_refine_tls.origin_z 
_pdbx_refine_tls.T[1][1] 
_pdbx_refine_tls.T[2][2] 
_pdbx_refine_tls.T[3][3] 
_pdbx_refine_tls.T[1][2] 
_pdbx_refine_tls.T[1][3] 
_pdbx_refine_tls.T[2][3] 
_pdbx_refine_tls.L[1][1] 
_pdbx_refine_tls.L[2][2] 
_pdbx_refine_tls.L[3][3] 
_pdbx_refine_tls.L[1][2] 
_pdbx_refine_tls.L[1][3] 
_pdbx_refine_tls.L[2][3] 
_pdbx_refine_tls.S[1][1] 
_pdbx_refine_tls.S[2][2] 
_pdbx_refine_tls.S[3][3] 
_pdbx_refine_tls.S[1][2] 
_pdbx_refine_tls.S[1][3] 
_pdbx_refine_tls.S[2][3] 
_pdbx_refine_tls.S[2][1] 
_pdbx_refine_tls.S[3][1] 
_pdbx_refine_tls.S[3][2] 
_pdbx_refine_tls.pdbx_refine_id 
1 . refined -4.6438 -1.3976 0.7175  -0.2803 -0.1982 -0.3103 0.0077 -0.0269 0.0017  4.2589 2.2434 4.8547 -0.1593 0.1259 -1.5124 -0.1058 0.1387  -0.0327 -0.2304 -0.4423 0.0767  0.0411 0.3600  -0.3104 'X-RAY DIFFRACTION' 
2 . refined 10.0965 4.2163  -2.0283 -0.2895 -0.2962 -0.2837 0.0075 0.0175  -0.0162 3.1562 3.5921 9.1071 -2.1757 3.5581 -3.3139 -0.0941 -0.1758 0.2699  0.0524  0.1660  -0.1019 0.1565 -0.0937 0.1907  'X-RAY DIFFRACTION' 
# 
loop_
_pdbx_refine_tls_group.id 
_pdbx_refine_tls_group.refine_tls_id 
_pdbx_refine_tls_group.beg_label_asym_id 
_pdbx_refine_tls_group.beg_label_seq_id 
_pdbx_refine_tls_group.end_label_asym_id 
_pdbx_refine_tls_group.end_label_seq_id 
_pdbx_refine_tls_group.selection 
_pdbx_refine_tls_group.beg_auth_asym_id 
_pdbx_refine_tls_group.beg_auth_seq_id 
_pdbx_refine_tls_group.end_auth_asym_id 
_pdbx_refine_tls_group.end_auth_seq_id 
_pdbx_refine_tls_group.pdbx_refine_id 
_pdbx_refine_tls_group.selection_details 
1 1 A 13  A 102 ALL A 1  A 90  'X-RAY DIFFRACTION' ? 
2 2 A 103 A 141 ALL A 91 A 129 'X-RAY DIFFRACTION' ? 
# 
_pdbx_database_remark.id     650 
_pdbx_database_remark.text   
;HELIX
DETERMINATION METHOD: AUTHOR
;
# 
loop_
_pdbx_unobs_or_zero_occ_residues.id 
_pdbx_unobs_or_zero_occ_residues.PDB_model_num 
_pdbx_unobs_or_zero_occ_residues.polymer_flag 
_pdbx_unobs_or_zero_occ_residues.occupancy_flag 
_pdbx_unobs_or_zero_occ_residues.auth_asym_id 
_pdbx_unobs_or_zero_occ_residues.auth_comp_id 
_pdbx_unobs_or_zero_occ_residues.auth_seq_id 
_pdbx_unobs_or_zero_occ_residues.PDB_ins_code 
_pdbx_unobs_or_zero_occ_residues.label_asym_id 
_pdbx_unobs_or_zero_occ_residues.label_comp_id 
_pdbx_unobs_or_zero_occ_residues.label_seq_id 
1  1 Y 1 A MET -11 ? A MET 1   
2  1 Y 1 A GLY -10 ? A GLY 2   
3  1 Y 1 A SER -9  ? A SER 3   
4  1 Y 1 A ASP -8  ? A ASP 4   
5  1 Y 1 A LYS -7  ? A LYS 5   
6  1 Y 1 A ILE -6  ? A ILE 6   
7  1 Y 1 A HIS -5  ? A HIS 7   
8  1 Y 1 A HIS -4  ? A HIS 8   
9  1 Y 1 A HIS -3  ? A HIS 9   
10 1 Y 1 A HIS -2  ? A HIS 10  
11 1 Y 1 A HIS -1  ? A HIS 11  
12 1 Y 1 A HIS 0   ? A HIS 12  
13 1 Y 1 A THR 130 ? A THR 142 
14 1 Y 1 A LEU 131 ? A LEU 143 
15 1 Y 1 A ARG 132 ? A ARG 144 
16 1 Y 1 A GLU 133 ? A GLU 145 
17 1 Y 1 A LYS 134 ? A LYS 146 
18 1 Y 1 A LEU 135 ? A LEU 147 
19 1 Y 1 A MET 136 ? A MET 148 
20 1 Y 1 A ASN 137 ? A ASN 149 
21 1 Y 1 A PHE 138 ? A PHE 150 
22 1 Y 1 A LEU 139 ? A LEU 151 
23 1 Y 1 A VAL 140 ? A VAL 152 
24 1 Y 1 A ARG 141 ? A ARG 153 
25 1 Y 1 A HIS 142 ? A HIS 154 
26 1 Y 1 A MET 143 ? A MET 155 
27 1 Y 1 A ASN 144 ? A ASN 156 
28 1 Y 1 A GLU 145 ? A GLU 157 
29 1 Y 1 A LYS 146 ? A LYS 158 
30 1 Y 1 A ARG 147 ? A ARG 159 
31 1 Y 1 A GLU 148 ? A GLU 160 
32 1 Y 1 A LEU 149 ? A LEU 161 
33 1 Y 1 A THR 150 ? A THR 162 
34 1 Y 1 A LEU 151 ? A LEU 163 
35 1 Y 1 A PRO 152 ? A PRO 164 
36 1 Y 1 A VAL 153 ? A VAL 165 
37 1 Y 1 A THR 154 ? A THR 166 
38 1 Y 1 A LEU 155 ? A LEU 167 
39 1 Y 1 A GLU 156 ? A GLU 168 
40 1 Y 1 A GLU 157 ? A GLU 169 
41 1 Y 1 A LEU 158 ? A LEU 170 
42 1 Y 1 A SER 159 ? A SER 171 
43 1 Y 1 A ARG 160 ? A ARG 172 
44 1 Y 1 A LEU 161 ? A LEU 173 
45 1 Y 1 A PHE 162 ? A PHE 174 
46 1 Y 1 A GLY 163 ? A GLY 175 
47 1 Y 1 A CYS 164 ? A CYS 176 
48 1 Y 1 A ALA 165 ? A ALA 177 
49 1 Y 1 A ARG 166 ? A ARG 178 
50 1 Y 1 A PRO 167 ? A PRO 179 
51 1 Y 1 A ALA 168 ? A ALA 180 
52 1 Y 1 A LEU 169 ? A LEU 181 
53 1 Y 1 A SER 170 ? A SER 182 
54 1 Y 1 A ARG 171 ? A ARG 183 
55 1 Y 1 A VAL 172 ? A VAL 184 
56 1 Y 1 A PHE 173 ? A PHE 185 
57 1 Y 1 A GLN 174 ? A GLN 186 
58 1 Y 1 A GLU 175 ? A GLU 187 
59 1 Y 1 A LEU 176 ? A LEU 188 
60 1 Y 1 A GLU 177 ? A GLU 189 
61 1 Y 1 A ARG 178 ? A ARG 190 
62 1 Y 1 A GLU 179 ? A GLU 191 
63 1 Y 1 A GLY 180 ? A GLY 192 
64 1 Y 1 A TYR 181 ? A TYR 193 
65 1 Y 1 A ILE 182 ? A ILE 194 
66 1 Y 1 A GLU 183 ? A GLU 195 
67 1 Y 1 A LYS 184 ? A LYS 196 
68 1 Y 1 A HIS 185 ? A HIS 197 
69 1 Y 1 A GLY 186 ? A GLY 198 
70 1 Y 1 A ARG 187 ? A ARG 199 
71 1 Y 1 A ARG 188 ? A ARG 200 
72 1 Y 1 A ILE 189 ? A ILE 201 
73 1 Y 1 A LYS 190 ? A LYS 202 
74 1 Y 1 A VAL 191 ? A VAL 203 
75 1 Y 1 A LEU 192 ? A LEU 204 
76 1 Y 1 A LYS 193 ? A LYS 205 
77 1 Y 1 A ASN 194 ? A ASN 206 
78 1 Y 1 A PRO 195 ? A PRO 207 
79 1 Y 1 A PHE 196 ? A PHE 208 
80 1 Y 1 A GLU 197 ? A GLU 209 
81 1 Y 1 A HIS 198 ? A HIS 210 
82 1 Y 1 A ASP 199 ? A ASP 211 
83 1 Y 1 A ARG 200 ? A ARG 212 
84 1 Y 1 A ILE 201 ? A ILE 213 
# 
loop_
_chem_comp_atom.comp_id 
_chem_comp_atom.atom_id 
_chem_comp_atom.type_symbol 
_chem_comp_atom.pdbx_aromatic_flag 
_chem_comp_atom.pdbx_stereo_config 
_chem_comp_atom.pdbx_ordinal 
ALA N    N N N 1   
ALA CA   C N S 2   
ALA C    C N N 3   
ALA O    O N N 4   
ALA CB   C N N 5   
ALA OXT  O N N 6   
ALA H    H N N 7   
ALA H2   H N N 8   
ALA HA   H N N 9   
ALA HB1  H N N 10  
ALA HB2  H N N 11  
ALA HB3  H N N 12  
ALA HXT  H N N 13  
ARG N    N N N 14  
ARG CA   C N S 15  
ARG C    C N N 16  
ARG O    O N N 17  
ARG CB   C N N 18  
ARG CG   C N N 19  
ARG CD   C N N 20  
ARG NE   N N N 21  
ARG CZ   C N N 22  
ARG NH1  N N N 23  
ARG NH2  N N N 24  
ARG OXT  O N N 25  
ARG H    H N N 26  
ARG H2   H N N 27  
ARG HA   H N N 28  
ARG HB2  H N N 29  
ARG HB3  H N N 30  
ARG HG2  H N N 31  
ARG HG3  H N N 32  
ARG HD2  H N N 33  
ARG HD3  H N N 34  
ARG HE   H N N 35  
ARG HH11 H N N 36  
ARG HH12 H N N 37  
ARG HH21 H N N 38  
ARG HH22 H N N 39  
ARG HXT  H N N 40  
ASN N    N N N 41  
ASN CA   C N S 42  
ASN C    C N N 43  
ASN O    O N N 44  
ASN CB   C N N 45  
ASN CG   C N N 46  
ASN OD1  O N N 47  
ASN ND2  N N N 48  
ASN OXT  O N N 49  
ASN H    H N N 50  
ASN H2   H N N 51  
ASN HA   H N N 52  
ASN HB2  H N N 53  
ASN HB3  H N N 54  
ASN HD21 H N N 55  
ASN HD22 H N N 56  
ASN HXT  H N N 57  
ASP N    N N N 58  
ASP CA   C N S 59  
ASP C    C N N 60  
ASP O    O N N 61  
ASP CB   C N N 62  
ASP CG   C N N 63  
ASP OD1  O N N 64  
ASP OD2  O N N 65  
ASP OXT  O N N 66  
ASP H    H N N 67  
ASP H2   H N N 68  
ASP HA   H N N 69  
ASP HB2  H N N 70  
ASP HB3  H N N 71  
ASP HD2  H N N 72  
ASP HXT  H N N 73  
CYS N    N N N 74  
CYS CA   C N R 75  
CYS C    C N N 76  
CYS O    O N N 77  
CYS CB   C N N 78  
CYS SG   S N N 79  
CYS OXT  O N N 80  
CYS H    H N N 81  
CYS H2   H N N 82  
CYS HA   H N N 83  
CYS HB2  H N N 84  
CYS HB3  H N N 85  
CYS HG   H N N 86  
CYS HXT  H N N 87  
GLN N    N N N 88  
GLN CA   C N S 89  
GLN C    C N N 90  
GLN O    O N N 91  
GLN CB   C N N 92  
GLN CG   C N N 93  
GLN CD   C N N 94  
GLN OE1  O N N 95  
GLN NE2  N N N 96  
GLN OXT  O N N 97  
GLN H    H N N 98  
GLN H2   H N N 99  
GLN HA   H N N 100 
GLN HB2  H N N 101 
GLN HB3  H N N 102 
GLN HG2  H N N 103 
GLN HG3  H N N 104 
GLN HE21 H N N 105 
GLN HE22 H N N 106 
GLN HXT  H N N 107 
GLU N    N N N 108 
GLU CA   C N S 109 
GLU C    C N N 110 
GLU O    O N N 111 
GLU CB   C N N 112 
GLU CG   C N N 113 
GLU CD   C N N 114 
GLU OE1  O N N 115 
GLU OE2  O N N 116 
GLU OXT  O N N 117 
GLU H    H N N 118 
GLU H2   H N N 119 
GLU HA   H N N 120 
GLU HB2  H N N 121 
GLU HB3  H N N 122 
GLU HG2  H N N 123 
GLU HG3  H N N 124 
GLU HE2  H N N 125 
GLU HXT  H N N 126 
GLY N    N N N 127 
GLY CA   C N N 128 
GLY C    C N N 129 
GLY O    O N N 130 
GLY OXT  O N N 131 
GLY H    H N N 132 
GLY H2   H N N 133 
GLY HA2  H N N 134 
GLY HA3  H N N 135 
GLY HXT  H N N 136 
HIS N    N N N 137 
HIS CA   C N S 138 
HIS C    C N N 139 
HIS O    O N N 140 
HIS CB   C N N 141 
HIS CG   C Y N 142 
HIS ND1  N Y N 143 
HIS CD2  C Y N 144 
HIS CE1  C Y N 145 
HIS NE2  N Y N 146 
HIS OXT  O N N 147 
HIS H    H N N 148 
HIS H2   H N N 149 
HIS HA   H N N 150 
HIS HB2  H N N 151 
HIS HB3  H N N 152 
HIS HD1  H N N 153 
HIS HD2  H N N 154 
HIS HE1  H N N 155 
HIS HE2  H N N 156 
HIS HXT  H N N 157 
HOH O    O N N 158 
HOH H1   H N N 159 
HOH H2   H N N 160 
ILE N    N N N 161 
ILE CA   C N S 162 
ILE C    C N N 163 
ILE O    O N N 164 
ILE CB   C N S 165 
ILE CG1  C N N 166 
ILE CG2  C N N 167 
ILE CD1  C N N 168 
ILE OXT  O N N 169 
ILE H    H N N 170 
ILE H2   H N N 171 
ILE HA   H N N 172 
ILE HB   H N N 173 
ILE HG12 H N N 174 
ILE HG13 H N N 175 
ILE HG21 H N N 176 
ILE HG22 H N N 177 
ILE HG23 H N N 178 
ILE HD11 H N N 179 
ILE HD12 H N N 180 
ILE HD13 H N N 181 
ILE HXT  H N N 182 
LEU N    N N N 183 
LEU CA   C N S 184 
LEU C    C N N 185 
LEU O    O N N 186 
LEU CB   C N N 187 
LEU CG   C N N 188 
LEU CD1  C N N 189 
LEU CD2  C N N 190 
LEU OXT  O N N 191 
LEU H    H N N 192 
LEU H2   H N N 193 
LEU HA   H N N 194 
LEU HB2  H N N 195 
LEU HB3  H N N 196 
LEU HG   H N N 197 
LEU HD11 H N N 198 
LEU HD12 H N N 199 
LEU HD13 H N N 200 
LEU HD21 H N N 201 
LEU HD22 H N N 202 
LEU HD23 H N N 203 
LEU HXT  H N N 204 
LYS N    N N N 205 
LYS CA   C N S 206 
LYS C    C N N 207 
LYS O    O N N 208 
LYS CB   C N N 209 
LYS CG   C N N 210 
LYS CD   C N N 211 
LYS CE   C N N 212 
LYS NZ   N N N 213 
LYS OXT  O N N 214 
LYS H    H N N 215 
LYS H2   H N N 216 
LYS HA   H N N 217 
LYS HB2  H N N 218 
LYS HB3  H N N 219 
LYS HG2  H N N 220 
LYS HG3  H N N 221 
LYS HD2  H N N 222 
LYS HD3  H N N 223 
LYS HE2  H N N 224 
LYS HE3  H N N 225 
LYS HZ1  H N N 226 
LYS HZ2  H N N 227 
LYS HZ3  H N N 228 
LYS HXT  H N N 229 
MET N    N N N 230 
MET CA   C N S 231 
MET C    C N N 232 
MET O    O N N 233 
MET CB   C N N 234 
MET CG   C N N 235 
MET SD   S N N 236 
MET CE   C N N 237 
MET OXT  O N N 238 
MET H    H N N 239 
MET H2   H N N 240 
MET HA   H N N 241 
MET HB2  H N N 242 
MET HB3  H N N 243 
MET HG2  H N N 244 
MET HG3  H N N 245 
MET HE1  H N N 246 
MET HE2  H N N 247 
MET HE3  H N N 248 
MET HXT  H N N 249 
PHE N    N N N 250 
PHE CA   C N S 251 
PHE C    C N N 252 
PHE O    O N N 253 
PHE CB   C N N 254 
PHE CG   C Y N 255 
PHE CD1  C Y N 256 
PHE CD2  C Y N 257 
PHE CE1  C Y N 258 
PHE CE2  C Y N 259 
PHE CZ   C Y N 260 
PHE OXT  O N N 261 
PHE H    H N N 262 
PHE H2   H N N 263 
PHE HA   H N N 264 
PHE HB2  H N N 265 
PHE HB3  H N N 266 
PHE HD1  H N N 267 
PHE HD2  H N N 268 
PHE HE1  H N N 269 
PHE HE2  H N N 270 
PHE HZ   H N N 271 
PHE HXT  H N N 272 
PRO N    N N N 273 
PRO CA   C N S 274 
PRO C    C N N 275 
PRO O    O N N 276 
PRO CB   C N N 277 
PRO CG   C N N 278 
PRO CD   C N N 279 
PRO OXT  O N N 280 
PRO H    H N N 281 
PRO HA   H N N 282 
PRO HB2  H N N 283 
PRO HB3  H N N 284 
PRO HG2  H N N 285 
PRO HG3  H N N 286 
PRO HD2  H N N 287 
PRO HD3  H N N 288 
PRO HXT  H N N 289 
SER N    N N N 290 
SER CA   C N S 291 
SER C    C N N 292 
SER O    O N N 293 
SER CB   C N N 294 
SER OG   O N N 295 
SER OXT  O N N 296 
SER H    H N N 297 
SER H2   H N N 298 
SER HA   H N N 299 
SER HB2  H N N 300 
SER HB3  H N N 301 
SER HG   H N N 302 
SER HXT  H N N 303 
THR N    N N N 304 
THR CA   C N S 305 
THR C    C N N 306 
THR O    O N N 307 
THR CB   C N R 308 
THR OG1  O N N 309 
THR CG2  C N N 310 
THR OXT  O N N 311 
THR H    H N N 312 
THR H2   H N N 313 
THR HA   H N N 314 
THR HB   H N N 315 
THR HG1  H N N 316 
THR HG21 H N N 317 
THR HG22 H N N 318 
THR HG23 H N N 319 
THR HXT  H N N 320 
TYR N    N N N 321 
TYR CA   C N S 322 
TYR C    C N N 323 
TYR O    O N N 324 
TYR CB   C N N 325 
TYR CG   C Y N 326 
TYR CD1  C Y N 327 
TYR CD2  C Y N 328 
TYR CE1  C Y N 329 
TYR CE2  C Y N 330 
TYR CZ   C Y N 331 
TYR OH   O N N 332 
TYR OXT  O N N 333 
TYR H    H N N 334 
TYR H2   H N N 335 
TYR HA   H N N 336 
TYR HB2  H N N 337 
TYR HB3  H N N 338 
TYR HD1  H N N 339 
TYR HD2  H N N 340 
TYR HE1  H N N 341 
TYR HE2  H N N 342 
TYR HH   H N N 343 
TYR HXT  H N N 344 
VAL N    N N N 345 
VAL CA   C N S 346 
VAL C    C N N 347 
VAL O    O N N 348 
VAL CB   C N N 349 
VAL CG1  C N N 350 
VAL CG2  C N N 351 
VAL OXT  O N N 352 
VAL H    H N N 353 
VAL H2   H N N 354 
VAL HA   H N N 355 
VAL HB   H N N 356 
VAL HG11 H N N 357 
VAL HG12 H N N 358 
VAL HG13 H N N 359 
VAL HG21 H N N 360 
VAL HG22 H N N 361 
VAL HG23 H N N 362 
VAL HXT  H N N 363 
# 
loop_
_chem_comp_bond.comp_id 
_chem_comp_bond.atom_id_1 
_chem_comp_bond.atom_id_2 
_chem_comp_bond.value_order 
_chem_comp_bond.pdbx_aromatic_flag 
_chem_comp_bond.pdbx_stereo_config 
_chem_comp_bond.pdbx_ordinal 
ALA N   CA   sing N N 1   
ALA N   H    sing N N 2   
ALA N   H2   sing N N 3   
ALA CA  C    sing N N 4   
ALA CA  CB   sing N N 5   
ALA CA  HA   sing N N 6   
ALA C   O    doub N N 7   
ALA C   OXT  sing N N 8   
ALA CB  HB1  sing N N 9   
ALA CB  HB2  sing N N 10  
ALA CB  HB3  sing N N 11  
ALA OXT HXT  sing N N 12  
ARG N   CA   sing N N 13  
ARG N   H    sing N N 14  
ARG N   H2   sing N N 15  
ARG CA  C    sing N N 16  
ARG CA  CB   sing N N 17  
ARG CA  HA   sing N N 18  
ARG C   O    doub N N 19  
ARG C   OXT  sing N N 20  
ARG CB  CG   sing N N 21  
ARG CB  HB2  sing N N 22  
ARG CB  HB3  sing N N 23  
ARG CG  CD   sing N N 24  
ARG CG  HG2  sing N N 25  
ARG CG  HG3  sing N N 26  
ARG CD  NE   sing N N 27  
ARG CD  HD2  sing N N 28  
ARG CD  HD3  sing N N 29  
ARG NE  CZ   sing N N 30  
ARG NE  HE   sing N N 31  
ARG CZ  NH1  sing N N 32  
ARG CZ  NH2  doub N N 33  
ARG NH1 HH11 sing N N 34  
ARG NH1 HH12 sing N N 35  
ARG NH2 HH21 sing N N 36  
ARG NH2 HH22 sing N N 37  
ARG OXT HXT  sing N N 38  
ASN N   CA   sing N N 39  
ASN N   H    sing N N 40  
ASN N   H2   sing N N 41  
ASN CA  C    sing N N 42  
ASN CA  CB   sing N N 43  
ASN CA  HA   sing N N 44  
ASN C   O    doub N N 45  
ASN C   OXT  sing N N 46  
ASN CB  CG   sing N N 47  
ASN CB  HB2  sing N N 48  
ASN CB  HB3  sing N N 49  
ASN CG  OD1  doub N N 50  
ASN CG  ND2  sing N N 51  
ASN ND2 HD21 sing N N 52  
ASN ND2 HD22 sing N N 53  
ASN OXT HXT  sing N N 54  
ASP N   CA   sing N N 55  
ASP N   H    sing N N 56  
ASP N   H2   sing N N 57  
ASP CA  C    sing N N 58  
ASP CA  CB   sing N N 59  
ASP CA  HA   sing N N 60  
ASP C   O    doub N N 61  
ASP C   OXT  sing N N 62  
ASP CB  CG   sing N N 63  
ASP CB  HB2  sing N N 64  
ASP CB  HB3  sing N N 65  
ASP CG  OD1  doub N N 66  
ASP CG  OD2  sing N N 67  
ASP OD2 HD2  sing N N 68  
ASP OXT HXT  sing N N 69  
CYS N   CA   sing N N 70  
CYS N   H    sing N N 71  
CYS N   H2   sing N N 72  
CYS CA  C    sing N N 73  
CYS CA  CB   sing N N 74  
CYS CA  HA   sing N N 75  
CYS C   O    doub N N 76  
CYS C   OXT  sing N N 77  
CYS CB  SG   sing N N 78  
CYS CB  HB2  sing N N 79  
CYS CB  HB3  sing N N 80  
CYS SG  HG   sing N N 81  
CYS OXT HXT  sing N N 82  
GLN N   CA   sing N N 83  
GLN N   H    sing N N 84  
GLN N   H2   sing N N 85  
GLN CA  C    sing N N 86  
GLN CA  CB   sing N N 87  
GLN CA  HA   sing N N 88  
GLN C   O    doub N N 89  
GLN C   OXT  sing N N 90  
GLN CB  CG   sing N N 91  
GLN CB  HB2  sing N N 92  
GLN CB  HB3  sing N N 93  
GLN CG  CD   sing N N 94  
GLN CG  HG2  sing N N 95  
GLN CG  HG3  sing N N 96  
GLN CD  OE1  doub N N 97  
GLN CD  NE2  sing N N 98  
GLN NE2 HE21 sing N N 99  
GLN NE2 HE22 sing N N 100 
GLN OXT HXT  sing N N 101 
GLU N   CA   sing N N 102 
GLU N   H    sing N N 103 
GLU N   H2   sing N N 104 
GLU CA  C    sing N N 105 
GLU CA  CB   sing N N 106 
GLU CA  HA   sing N N 107 
GLU C   O    doub N N 108 
GLU C   OXT  sing N N 109 
GLU CB  CG   sing N N 110 
GLU CB  HB2  sing N N 111 
GLU CB  HB3  sing N N 112 
GLU CG  CD   sing N N 113 
GLU CG  HG2  sing N N 114 
GLU CG  HG3  sing N N 115 
GLU CD  OE1  doub N N 116 
GLU CD  OE2  sing N N 117 
GLU OE2 HE2  sing N N 118 
GLU OXT HXT  sing N N 119 
GLY N   CA   sing N N 120 
GLY N   H    sing N N 121 
GLY N   H2   sing N N 122 
GLY CA  C    sing N N 123 
GLY CA  HA2  sing N N 124 
GLY CA  HA3  sing N N 125 
GLY C   O    doub N N 126 
GLY C   OXT  sing N N 127 
GLY OXT HXT  sing N N 128 
HIS N   CA   sing N N 129 
HIS N   H    sing N N 130 
HIS N   H2   sing N N 131 
HIS CA  C    sing N N 132 
HIS CA  CB   sing N N 133 
HIS CA  HA   sing N N 134 
HIS C   O    doub N N 135 
HIS C   OXT  sing N N 136 
HIS CB  CG   sing N N 137 
HIS CB  HB2  sing N N 138 
HIS CB  HB3  sing N N 139 
HIS CG  ND1  sing Y N 140 
HIS CG  CD2  doub Y N 141 
HIS ND1 CE1  doub Y N 142 
HIS ND1 HD1  sing N N 143 
HIS CD2 NE2  sing Y N 144 
HIS CD2 HD2  sing N N 145 
HIS CE1 NE2  sing Y N 146 
HIS CE1 HE1  sing N N 147 
HIS NE2 HE2  sing N N 148 
HIS OXT HXT  sing N N 149 
HOH O   H1   sing N N 150 
HOH O   H2   sing N N 151 
ILE N   CA   sing N N 152 
ILE N   H    sing N N 153 
ILE N   H2   sing N N 154 
ILE CA  C    sing N N 155 
ILE CA  CB   sing N N 156 
ILE CA  HA   sing N N 157 
ILE C   O    doub N N 158 
ILE C   OXT  sing N N 159 
ILE CB  CG1  sing N N 160 
ILE CB  CG2  sing N N 161 
ILE CB  HB   sing N N 162 
ILE CG1 CD1  sing N N 163 
ILE CG1 HG12 sing N N 164 
ILE CG1 HG13 sing N N 165 
ILE CG2 HG21 sing N N 166 
ILE CG2 HG22 sing N N 167 
ILE CG2 HG23 sing N N 168 
ILE CD1 HD11 sing N N 169 
ILE CD1 HD12 sing N N 170 
ILE CD1 HD13 sing N N 171 
ILE OXT HXT  sing N N 172 
LEU N   CA   sing N N 173 
LEU N   H    sing N N 174 
LEU N   H2   sing N N 175 
LEU CA  C    sing N N 176 
LEU CA  CB   sing N N 177 
LEU CA  HA   sing N N 178 
LEU C   O    doub N N 179 
LEU C   OXT  sing N N 180 
LEU CB  CG   sing N N 181 
LEU CB  HB2  sing N N 182 
LEU CB  HB3  sing N N 183 
LEU CG  CD1  sing N N 184 
LEU CG  CD2  sing N N 185 
LEU CG  HG   sing N N 186 
LEU CD1 HD11 sing N N 187 
LEU CD1 HD12 sing N N 188 
LEU CD1 HD13 sing N N 189 
LEU CD2 HD21 sing N N 190 
LEU CD2 HD22 sing N N 191 
LEU CD2 HD23 sing N N 192 
LEU OXT HXT  sing N N 193 
LYS N   CA   sing N N 194 
LYS N   H    sing N N 195 
LYS N   H2   sing N N 196 
LYS CA  C    sing N N 197 
LYS CA  CB   sing N N 198 
LYS CA  HA   sing N N 199 
LYS C   O    doub N N 200 
LYS C   OXT  sing N N 201 
LYS CB  CG   sing N N 202 
LYS CB  HB2  sing N N 203 
LYS CB  HB3  sing N N 204 
LYS CG  CD   sing N N 205 
LYS CG  HG2  sing N N 206 
LYS CG  HG3  sing N N 207 
LYS CD  CE   sing N N 208 
LYS CD  HD2  sing N N 209 
LYS CD  HD3  sing N N 210 
LYS CE  NZ   sing N N 211 
LYS CE  HE2  sing N N 212 
LYS CE  HE3  sing N N 213 
LYS NZ  HZ1  sing N N 214 
LYS NZ  HZ2  sing N N 215 
LYS NZ  HZ3  sing N N 216 
LYS OXT HXT  sing N N 217 
MET N   CA   sing N N 218 
MET N   H    sing N N 219 
MET N   H2   sing N N 220 
MET CA  C    sing N N 221 
MET CA  CB   sing N N 222 
MET CA  HA   sing N N 223 
MET C   O    doub N N 224 
MET C   OXT  sing N N 225 
MET CB  CG   sing N N 226 
MET CB  HB2  sing N N 227 
MET CB  HB3  sing N N 228 
MET CG  SD   sing N N 229 
MET CG  HG2  sing N N 230 
MET CG  HG3  sing N N 231 
MET SD  CE   sing N N 232 
MET CE  HE1  sing N N 233 
MET CE  HE2  sing N N 234 
MET CE  HE3  sing N N 235 
MET OXT HXT  sing N N 236 
PHE N   CA   sing N N 237 
PHE N   H    sing N N 238 
PHE N   H2   sing N N 239 
PHE CA  C    sing N N 240 
PHE CA  CB   sing N N 241 
PHE CA  HA   sing N N 242 
PHE C   O    doub N N 243 
PHE C   OXT  sing N N 244 
PHE CB  CG   sing N N 245 
PHE CB  HB2  sing N N 246 
PHE CB  HB3  sing N N 247 
PHE CG  CD1  doub Y N 248 
PHE CG  CD2  sing Y N 249 
PHE CD1 CE1  sing Y N 250 
PHE CD1 HD1  sing N N 251 
PHE CD2 CE2  doub Y N 252 
PHE CD2 HD2  sing N N 253 
PHE CE1 CZ   doub Y N 254 
PHE CE1 HE1  sing N N 255 
PHE CE2 CZ   sing Y N 256 
PHE CE2 HE2  sing N N 257 
PHE CZ  HZ   sing N N 258 
PHE OXT HXT  sing N N 259 
PRO N   CA   sing N N 260 
PRO N   CD   sing N N 261 
PRO N   H    sing N N 262 
PRO CA  C    sing N N 263 
PRO CA  CB   sing N N 264 
PRO CA  HA   sing N N 265 
PRO C   O    doub N N 266 
PRO C   OXT  sing N N 267 
PRO CB  CG   sing N N 268 
PRO CB  HB2  sing N N 269 
PRO CB  HB3  sing N N 270 
PRO CG  CD   sing N N 271 
PRO CG  HG2  sing N N 272 
PRO CG  HG3  sing N N 273 
PRO CD  HD2  sing N N 274 
PRO CD  HD3  sing N N 275 
PRO OXT HXT  sing N N 276 
SER N   CA   sing N N 277 
SER N   H    sing N N 278 
SER N   H2   sing N N 279 
SER CA  C    sing N N 280 
SER CA  CB   sing N N 281 
SER CA  HA   sing N N 282 
SER C   O    doub N N 283 
SER C   OXT  sing N N 284 
SER CB  OG   sing N N 285 
SER CB  HB2  sing N N 286 
SER CB  HB3  sing N N 287 
SER OG  HG   sing N N 288 
SER OXT HXT  sing N N 289 
THR N   CA   sing N N 290 
THR N   H    sing N N 291 
THR N   H2   sing N N 292 
THR CA  C    sing N N 293 
THR CA  CB   sing N N 294 
THR CA  HA   sing N N 295 
THR C   O    doub N N 296 
THR C   OXT  sing N N 297 
THR CB  OG1  sing N N 298 
THR CB  CG2  sing N N 299 
THR CB  HB   sing N N 300 
THR OG1 HG1  sing N N 301 
THR CG2 HG21 sing N N 302 
THR CG2 HG22 sing N N 303 
THR CG2 HG23 sing N N 304 
THR OXT HXT  sing N N 305 
TYR N   CA   sing N N 306 
TYR N   H    sing N N 307 
TYR N   H2   sing N N 308 
TYR CA  C    sing N N 309 
TYR CA  CB   sing N N 310 
TYR CA  HA   sing N N 311 
TYR C   O    doub N N 312 
TYR C   OXT  sing N N 313 
TYR CB  CG   sing N N 314 
TYR CB  HB2  sing N N 315 
TYR CB  HB3  sing N N 316 
TYR CG  CD1  doub Y N 317 
TYR CG  CD2  sing Y N 318 
TYR CD1 CE1  sing Y N 319 
TYR CD1 HD1  sing N N 320 
TYR CD2 CE2  doub Y N 321 
TYR CD2 HD2  sing N N 322 
TYR CE1 CZ   doub Y N 323 
TYR CE1 HE1  sing N N 324 
TYR CE2 CZ   sing Y N 325 
TYR CE2 HE2  sing N N 326 
TYR CZ  OH   sing N N 327 
TYR OH  HH   sing N N 328 
TYR OXT HXT  sing N N 329 
VAL N   CA   sing N N 330 
VAL N   H    sing N N 331 
VAL N   H2   sing N N 332 
VAL CA  C    sing N N 333 
VAL CA  CB   sing N N 334 
VAL CA  HA   sing N N 335 
VAL C   O    doub N N 336 
VAL C   OXT  sing N N 337 
VAL CB  CG1  sing N N 338 
VAL CB  CG2  sing N N 339 
VAL CB  HB   sing N N 340 
VAL CG1 HG11 sing N N 341 
VAL CG1 HG12 sing N N 342 
VAL CG1 HG13 sing N N 343 
VAL CG2 HG21 sing N N 344 
VAL CG2 HG22 sing N N 345 
VAL CG2 HG23 sing N N 346 
VAL OXT HXT  sing N N 347 
# 
_atom_sites.entry_id                    1O5L 
_atom_sites.fract_transf_matrix[1][1]   -0.00768491 
_atom_sites.fract_transf_matrix[1][2]   -0.00722481 
_atom_sites.fract_transf_matrix[1][3]   -0.01499964 
_atom_sites.fract_transf_matrix[2][1]   -0.00392760 
_atom_sites.fract_transf_matrix[2][2]   -0.01790224 
_atom_sites.fract_transf_matrix[2][3]   -0.00057390 
_atom_sites.fract_transf_matrix[3][1]   -0.00543304 
_atom_sites.fract_transf_matrix[3][2]   0.00112002 
_atom_sites.fract_transf_matrix[3][3]   0.00224409 
_atom_sites.fract_transf_vector[1]      0.584356 
_atom_sites.fract_transf_vector[2]      0.529744 
_atom_sites.fract_transf_vector[3]      -0.012181 
# 
loop_
_atom_type.symbol 
C 
N 
O 
S 
# 
loop_
_atom_site.group_PDB 
_atom_site.id 
_atom_site.type_symbol 
_atom_site.label_atom_id 
_atom_site.label_alt_id 
_atom_site.label_comp_id 
_atom_site.label_asym_id 
_atom_site.label_entity_id 
_atom_site.label_seq_id 
_atom_site.pdbx_PDB_ins_code 
_atom_site.Cartn_x 
_atom_site.Cartn_y 
_atom_site.Cartn_z 
_atom_site.occupancy 
_atom_site.B_iso_or_equiv 
_atom_site.pdbx_formal_charge 
_atom_site.auth_seq_id 
_atom_site.auth_comp_id 
_atom_site.auth_asym_id 
_atom_site.auth_atom_id 
_atom_site.pdbx_PDB_model_num 
ATOM   1    N N   . MET A 1 13  ? 2.725   17.263  -1.412  1.00 63.04 ? 1   MET A N   1 
ATOM   2    C CA  . MET A 1 13  ? 1.947   16.442  -2.389  1.00 62.88 ? 1   MET A CA  1 
ATOM   3    C C   . MET A 1 13  ? 0.571   16.079  -1.809  1.00 62.97 ? 1   MET A C   1 
ATOM   4    O O   . MET A 1 13  ? 0.511   15.455  -0.749  1.00 64.33 ? 1   MET A O   1 
ATOM   5    C CB  . MET A 1 13  ? 2.725   15.165  -2.750  1.00 63.54 ? 1   MET A CB  1 
ATOM   6    C CG  . MET A 1 13  ? 1.937   14.117  -3.530  1.00 63.11 ? 1   MET A CG  1 
ATOM   7    S SD  . MET A 1 13  ? 1.203   14.770  -5.022  1.00 65.82 ? 1   MET A SD  1 
ATOM   8    C CE  . MET A 1 13  ? 2.458   15.318  -5.784  1.00 64.76 ? 1   MET A CE  1 
ATOM   9    N N   . ASP A 1 14  ? -0.512  16.442  -2.513  1.00 61.44 ? 2   ASP A N   1 
ATOM   10   C CA  . ASP A 1 14  ? -1.889  16.107  -2.103  1.00 60.40 ? 2   ASP A CA  1 
ATOM   11   C C   . ASP A 1 14  ? -2.429  14.990  -3.030  1.00 59.19 ? 2   ASP A C   1 
ATOM   12   O O   . ASP A 1 14  ? -2.835  15.253  -4.157  1.00 57.69 ? 2   ASP A O   1 
ATOM   13   C CB  . ASP A 1 14  ? -2.743  17.381  -2.173  1.00 60.77 ? 2   ASP A CB  1 
ATOM   14   C CG  . ASP A 1 14  ? -4.214  17.158  -1.799  1.00 61.81 ? 2   ASP A CG  1 
ATOM   15   O OD1 . ASP A 1 14  ? -4.573  15.986  -1.479  1.00 61.56 ? 2   ASP A OD1 1 
ATOM   16   O OD2 . ASP A 1 14  ? -5.061  18.118  -1.804  1.00 59.11 ? 2   ASP A OD2 1 
ATOM   17   N N   . LEU A 1 15  ? -2.395  13.742  -2.555  1.00 58.16 ? 3   LEU A N   1 
ATOM   18   C CA  . LEU A 1 15  ? -2.765  12.594  -3.395  1.00 58.11 ? 3   LEU A CA  1 
ATOM   19   C C   . LEU A 1 15  ? -4.227  12.598  -3.835  1.00 56.90 ? 3   LEU A C   1 
ATOM   20   O O   . LEU A 1 15  ? -4.554  11.961  -4.814  1.00 57.23 ? 3   LEU A O   1 
ATOM   21   C CB  . LEU A 1 15  ? -2.413  11.240  -2.738  1.00 57.41 ? 3   LEU A CB  1 
ATOM   22   C CG  . LEU A 1 15  ? -0.909  10.994  -2.577  1.00 58.72 ? 3   LEU A CG  1 
ATOM   23   C CD1 . LEU A 1 15  ? -0.605  9.748   -1.758  1.00 58.90 ? 3   LEU A CD1 1 
ATOM   24   C CD2 . LEU A 1 15  ? -0.193  10.951  -3.933  1.00 58.23 ? 3   LEU A CD2 1 
ATOM   25   N N   . LYS A 1 16  ? -5.090  13.332  -3.145  1.00 56.23 ? 4   LYS A N   1 
ATOM   26   C CA  . LYS A 1 16  ? -6.499  13.430  -3.544  1.00 56.29 ? 4   LYS A CA  1 
ATOM   27   C C   . LYS A 1 16  ? -6.704  14.096  -4.913  1.00 55.64 ? 4   LYS A C   1 
ATOM   28   O O   . LYS A 1 16  ? -7.770  13.945  -5.539  1.00 55.67 ? 4   LYS A O   1 
ATOM   29   C CB  . LYS A 1 16  ? -7.333  14.135  -2.455  1.00 56.23 ? 4   LYS A CB  1 
ATOM   30   C CG  . LYS A 1 16  ? -7.532  13.281  -1.202  1.00 56.71 ? 4   LYS A CG  1 
ATOM   31   C CD  . LYS A 1 16  ? -8.564  13.889  -0.228  1.00 56.96 ? 4   LYS A CD  1 
ATOM   32   C CE  . LYS A 1 16  ? -8.867  12.941  0.946   1.00 57.43 ? 4   LYS A CE  1 
ATOM   33   N NZ  . LYS A 1 16  ? -10.140 13.292  1.638   1.00 56.98 ? 4   LYS A NZ  1 
ATOM   34   N N   . LYS A 1 17  ? -5.692  14.831  -5.377  1.00 55.23 ? 5   LYS A N   1 
ATOM   35   C CA  . LYS A 1 17  ? -5.687  15.378  -6.739  1.00 54.90 ? 5   LYS A CA  1 
ATOM   36   C C   . LYS A 1 17  ? -5.713  14.292  -7.839  1.00 53.43 ? 5   LYS A C   1 
ATOM   37   O O   . LYS A 1 17  ? -6.099  14.577  -8.982  1.00 52.38 ? 5   LYS A O   1 
ATOM   38   C CB  . LYS A 1 17  ? -4.481  16.289  -6.946  1.00 54.86 ? 5   LYS A CB  1 
ATOM   39   C CG  . LYS A 1 17  ? -4.561  17.575  -6.175  1.00 56.73 ? 5   LYS A CG  1 
ATOM   40   C CD  . LYS A 1 17  ? -3.301  18.424  -6.371  1.00 56.36 ? 5   LYS A CD  1 
ATOM   41   C CE  . LYS A 1 17  ? -3.410  19.720  -5.593  1.00 58.15 ? 5   LYS A CE  1 
ATOM   42   N NZ  . LYS A 1 17  ? -2.221  20.600  -5.811  1.00 60.93 ? 5   LYS A NZ  1 
ATOM   43   N N   . LEU A 1 18  ? -5.328  13.064  -7.489  1.00 52.29 ? 6   LEU A N   1 
ATOM   44   C CA  . LEU A 1 18  ? -5.413  11.949  -8.430  1.00 51.89 ? 6   LEU A CA  1 
ATOM   45   C C   . LEU A 1 18  ? -6.781  11.276  -8.502  1.00 52.01 ? 6   LEU A C   1 
ATOM   46   O O   . LEU A 1 18  ? -6.925  10.317  -9.246  1.00 51.92 ? 6   LEU A O   1 
ATOM   47   C CB  . LEU A 1 18  ? -4.349  10.891  -8.145  1.00 52.22 ? 6   LEU A CB  1 
ATOM   48   C CG  . LEU A 1 18  ? -2.883  11.362  -8.043  1.00 52.31 ? 6   LEU A CG  1 
ATOM   49   C CD1 . LEU A 1 18  ? -1.915  10.209  -7.765  1.00 53.68 ? 6   LEU A CD1 1 
ATOM   50   C CD2 . LEU A 1 18  ? -2.458  12.132  -9.250  1.00 51.69 ? 6   LEU A CD2 1 
ATOM   51   N N   . LEU A 1 19  ? -7.790  11.786  -7.784  1.00 51.43 ? 7   LEU A N   1 
ATOM   52   C CA  . LEU A 1 19  ? -9.129  11.182  -7.817  1.00 51.89 ? 7   LEU A CA  1 
ATOM   53   C C   . LEU A 1 19  ? -9.687  10.901  -9.245  1.00 51.36 ? 7   LEU A C   1 
ATOM   54   O O   . LEU A 1 19  ? -10.284 9.870   -9.458  1.00 51.00 ? 7   LEU A O   1 
ATOM   55   C CB  . LEU A 1 19  ? -10.133 12.027  -7.014  1.00 52.00 ? 7   LEU A CB  1 
ATOM   56   C CG  . LEU A 1 19  ? -10.255 11.728  -5.519  1.00 53.13 ? 7   LEU A CG  1 
ATOM   57   C CD1 . LEU A 1 19  ? -10.990 12.850  -4.753  1.00 52.30 ? 7   LEU A CD1 1 
ATOM   58   C CD2 . LEU A 1 19  ? -10.962 10.398  -5.311  1.00 54.26 ? 7   LEU A CD2 1 
ATOM   59   N N   . PRO A 1 20  ? -9.489  11.804  -10.201 1.00 51.38 ? 8   PRO A N   1 
ATOM   60   C CA  . PRO A 1 20  ? -9.983  11.605  -11.564 1.00 51.88 ? 8   PRO A CA  1 
ATOM   61   C C   . PRO A 1 20  ? -9.380  10.405  -12.332 1.00 51.90 ? 8   PRO A C   1 
ATOM   62   O O   . PRO A 1 20  ? -9.952  9.948   -13.325 1.00 51.13 ? 8   PRO A O   1 
ATOM   63   C CB  . PRO A 1 20  ? -9.571  12.911  -12.278 1.00 52.32 ? 8   PRO A CB  1 
ATOM   64   C CG  . PRO A 1 20  ? -9.325  13.907  -11.190 1.00 51.99 ? 8   PRO A CG  1 
ATOM   65   C CD  . PRO A 1 20  ? -8.777  13.091  -10.067 1.00 51.45 ? 8   PRO A CD  1 
ATOM   66   N N   . CYS A 1 21  ? -8.243  9.931   -11.846 1.00 52.05 ? 9   CYS A N   1 
ATOM   67   C CA  . CYS A 1 21  ? -7.404  8.925   -12.486 1.00 52.83 ? 9   CYS A CA  1 
ATOM   68   C C   . CYS A 1 21  ? -7.820  7.483   -12.171 1.00 52.78 ? 9   CYS A C   1 
ATOM   69   O O   . CYS A 1 21  ? -7.270  6.544   -12.717 1.00 51.90 ? 9   CYS A O   1 
ATOM   70   C CB  . CYS A 1 21  ? -5.961  9.133   -12.001 1.00 52.63 ? 9   CYS A CB  1 
ATOM   71   S SG  . CYS A 1 21  ? -5.383  10.826  -12.280 1.00 55.28 ? 9   CYS A SG  1 
ATOM   72   N N   . GLY A 1 22  ? -8.789  7.302   -11.293 1.00 53.63 ? 10  GLY A N   1 
ATOM   73   C CA  . GLY A 1 22  ? -9.083  5.958   -10.823 1.00 54.67 ? 10  GLY A CA  1 
ATOM   74   C C   . GLY A 1 22  ? -10.495 5.773   -10.360 1.00 54.57 ? 10  GLY A C   1 
ATOM   75   O O   . GLY A 1 22  ? -11.251 6.726   -10.323 1.00 54.93 ? 10  GLY A O   1 
ATOM   76   N N   . LYS A 1 23  ? -10.845 4.539   -10.029 1.00 54.74 ? 11  LYS A N   1 
ATOM   77   C CA  . LYS A 1 23  ? -12.129 4.253   -9.434  1.00 55.35 ? 11  LYS A CA  1 
ATOM   78   C C   . LYS A 1 23  ? -12.058 4.282   -7.915  1.00 54.32 ? 11  LYS A C   1 
ATOM   79   O O   . LYS A 1 23  ? -11.005 4.096   -7.320  1.00 53.73 ? 11  LYS A O   1 
ATOM   80   C CB  . LYS A 1 23  ? -12.694 2.914   -9.919  1.00 55.73 ? 11  LYS A CB  1 
ATOM   81   C CG  . LYS A 1 23  ? -11.923 1.676   -9.504  1.00 57.12 ? 11  LYS A CG  1 
ATOM   82   C CD  . LYS A 1 23  ? -12.592 0.417   -10.095 1.00 58.60 ? 11  LYS A CD  1 
ATOM   83   C CE  . LYS A 1 23  ? -11.797 -0.874  -9.767  1.00 60.71 ? 11  LYS A CE  1 
ATOM   84   N NZ  . LYS A 1 23  ? -12.743 -2.014  -9.475  1.00 62.46 ? 11  LYS A NZ  1 
ATOM   85   N N   . VAL A 1 24  ? -13.209 4.512   -7.302  1.00 54.15 ? 12  VAL A N   1 
ATOM   86   C CA  . VAL A 1 24  ? -13.316 4.528   -5.861  1.00 54.42 ? 12  VAL A CA  1 
ATOM   87   C C   . VAL A 1 24  ? -13.960 3.230   -5.398  1.00 54.55 ? 12  VAL A C   1 
ATOM   88   O O   . VAL A 1 24  ? -14.937 2.766   -5.981  1.00 52.98 ? 12  VAL A O   1 
ATOM   89   C CB  . VAL A 1 24  ? -14.111 5.762   -5.385  1.00 54.42 ? 12  VAL A CB  1 
ATOM   90   C CG1 . VAL A 1 24  ? -14.454 5.666   -3.882  1.00 55.53 ? 12  VAL A CG1 1 
ATOM   91   C CG2 . VAL A 1 24  ? -13.309 7.048   -5.701  1.00 54.13 ? 12  VAL A CG2 1 
ATOM   92   N N   . ILE A 1 25  ? -13.369 2.641   -4.356  1.00 55.39 ? 13  ILE A N   1 
ATOM   93   C CA  . ILE A 1 25  ? -13.922 1.436   -3.751  1.00 55.68 ? 13  ILE A CA  1 
ATOM   94   C C   . ILE A 1 25  ? -14.030 1.636   -2.257  1.00 54.62 ? 13  ILE A C   1 
ATOM   95   O O   . ILE A 1 25  ? -13.092 2.131   -1.617  1.00 53.34 ? 13  ILE A O   1 
ATOM   96   C CB  . ILE A 1 25  ? -13.057 0.178   -4.037  1.00 55.53 ? 13  ILE A CB  1 
ATOM   97   C CG1 . ILE A 1 25  ? -12.703 0.045   -5.502  1.00 57.34 ? 13  ILE A CG1 1 
ATOM   98   C CG2 . ILE A 1 25  ? -13.838 -1.111  -3.652  1.00 56.84 ? 13  ILE A CG2 1 
ATOM   99   C CD1 . ILE A 1 25  ? -11.428 -0.758  -5.704  1.00 59.15 ? 13  ILE A CD1 1 
ATOM   100  N N   . VAL A 1 26  ? -15.173 1.208   -1.719  1.00 54.22 ? 14  VAL A N   1 
ATOM   101  C CA  . VAL A 1 26  ? -15.498 1.346   -0.317  1.00 54.29 ? 14  VAL A CA  1 
ATOM   102  C C   . VAL A 1 26  ? -15.595 -0.029  0.382   1.00 53.86 ? 14  VAL A C   1 
ATOM   103  O O   . VAL A 1 26  ? -15.992 -1.034  -0.239  1.00 53.76 ? 14  VAL A O   1 
ATOM   104  C CB  . VAL A 1 26  ? -16.821 2.145   -0.131  1.00 54.83 ? 14  VAL A CB  1 
ATOM   105  C CG1 . VAL A 1 26  ? -16.805 3.444   -0.964  1.00 55.66 ? 14  VAL A CG1 1 
ATOM   106  C CG2 . VAL A 1 26  ? -18.023 1.309   -0.489  1.00 55.24 ? 14  VAL A CG2 1 
ATOM   107  N N   . PHE A 1 27  ? -15.246 -0.058  1.669   1.00 53.16 ? 15  PHE A N   1 
ATOM   108  C CA  . PHE A 1 27  ? -15.299 -1.282  2.476   1.00 52.89 ? 15  PHE A CA  1 
ATOM   109  C C   . PHE A 1 27  ? -15.913 -1.020  3.832   1.00 52.95 ? 15  PHE A C   1 
ATOM   110  O O   . PHE A 1 27  ? -15.707 0.033   4.408   1.00 53.45 ? 15  PHE A O   1 
ATOM   111  C CB  . PHE A 1 27  ? -13.901 -1.861  2.673   1.00 52.88 ? 15  PHE A CB  1 
ATOM   112  C CG  . PHE A 1 27  ? -13.165 -2.145  1.376   1.00 52.17 ? 15  PHE A CG  1 
ATOM   113  C CD1 . PHE A 1 27  ? -12.434 -1.143  0.747   1.00 50.82 ? 15  PHE A CD1 1 
ATOM   114  C CD2 . PHE A 1 27  ? -13.215 -3.410  0.801   1.00 50.90 ? 15  PHE A CD2 1 
ATOM   115  C CE1 . PHE A 1 27  ? -11.780 -1.400  -0.448  1.00 52.06 ? 15  PHE A CE1 1 
ATOM   116  C CE2 . PHE A 1 27  ? -12.560 -3.684  -0.377  1.00 50.61 ? 15  PHE A CE2 1 
ATOM   117  C CZ  . PHE A 1 27  ? -11.831 -2.685  -1.010  1.00 51.68 ? 15  PHE A CZ  1 
ATOM   118  N N   . ARG A 1 28  ? -16.689 -1.980  4.332   1.00 53.21 ? 16  ARG A N   1 
ATOM   119  C CA  . ARG A 1 28  ? -17.276 -1.895  5.654   1.00 53.17 ? 16  ARG A CA  1 
ATOM   120  C C   . ARG A 1 28  ? -16.237 -2.357  6.661   1.00 53.05 ? 16  ARG A C   1 
ATOM   121  O O   . ARG A 1 28  ? -15.279 -3.015  6.306   1.00 53.21 ? 16  ARG A O   1 
ATOM   122  C CB  . ARG A 1 28  ? -18.526 -2.779  5.771   1.00 53.02 ? 16  ARG A CB  1 
ATOM   123  C CG  . ARG A 1 28  ? -19.617 -2.554  4.704   1.00 53.90 ? 16  ARG A CG  1 
ATOM   124  N N   . LYS A 1 29  ? -16.450 -2.031  7.924   1.00 53.31 ? 17  LYS A N   1 
ATOM   125  C CA  . LYS A 1 29  ? -15.567 -2.450  8.982   1.00 53.48 ? 17  LYS A CA  1 
ATOM   126  C C   . LYS A 1 29  ? -15.419 -3.988  8.983   1.00 53.47 ? 17  LYS A C   1 
ATOM   127  O O   . LYS A 1 29  ? -16.396 -4.710  8.882   1.00 52.87 ? 17  LYS A O   1 
ATOM   128  C CB  . LYS A 1 29  ? -16.119 -1.955  10.330  1.00 53.41 ? 17  LYS A CB  1 
ATOM   129  C CG  . LYS A 1 29  ? -15.282 -2.331  11.515  1.00 53.07 ? 17  LYS A CG  1 
ATOM   130  C CD  . LYS A 1 29  ? -15.886 -1.827  12.806  1.00 54.82 ? 17  LYS A CD  1 
ATOM   131  C CE  . LYS A 1 29  ? -14.832 -1.716  13.923  1.00 55.46 ? 17  LYS A CE  1 
ATOM   132  N NZ  . LYS A 1 29  ? -15.440 -1.758  15.293  1.00 57.51 ? 17  LYS A NZ  1 
ATOM   133  N N   . GLY A 1 30  ? -14.183 -4.482  9.073   1.00 53.66 ? 18  GLY A N   1 
ATOM   134  C CA  . GLY A 1 30  ? -13.944 -5.918  9.054   1.00 53.69 ? 18  GLY A CA  1 
ATOM   135  C C   . GLY A 1 30  ? -13.850 -6.583  7.690   1.00 53.96 ? 18  GLY A C   1 
ATOM   136  O O   . GLY A 1 30  ? -13.488 -7.751  7.621   1.00 54.22 ? 18  GLY A O   1 
ATOM   137  N N   . GLU A 1 31  ? -14.171 -5.874  6.606   1.00 54.07 ? 19  GLU A N   1 
ATOM   138  C CA  . GLU A 1 31  ? -14.014 -6.447  5.269   1.00 54.79 ? 19  GLU A CA  1 
ATOM   139  C C   . GLU A 1 31  ? -12.527 -6.502  4.847   1.00 53.96 ? 19  GLU A C   1 
ATOM   140  O O   . GLU A 1 31  ? -11.734 -5.633  5.193   1.00 53.37 ? 19  GLU A O   1 
ATOM   141  C CB  . GLU A 1 31  ? -14.780 -5.639  4.218   1.00 54.78 ? 19  GLU A CB  1 
ATOM   142  C CG  . GLU A 1 31  ? -16.290 -5.766  4.245   1.00 56.60 ? 19  GLU A CG  1 
ATOM   143  C CD  . GLU A 1 31  ? -16.916 -5.237  2.961   1.00 56.88 ? 19  GLU A CD  1 
ATOM   144  O OE1 . GLU A 1 31  ? -16.409 -4.253  2.405   1.00 59.99 ? 19  GLU A OE1 1 
ATOM   145  O OE2 . GLU A 1 31  ? -17.915 -5.819  2.487   1.00 62.47 ? 19  GLU A OE2 1 
ATOM   146  N N   . ILE A 1 32  ? -12.188 -7.524  4.069   1.00 53.40 ? 20  ILE A N   1 
ATOM   147  C CA  . ILE A 1 32  ? -10.842 -7.687  3.519   1.00 53.12 ? 20  ILE A CA  1 
ATOM   148  C C   . ILE A 1 32  ? -10.656 -6.923  2.203   1.00 52.14 ? 20  ILE A C   1 
ATOM   149  O O   . ILE A 1 32  ? -11.375 -7.138  1.237   1.00 52.18 ? 20  ILE A O   1 
ATOM   150  C CB  . ILE A 1 32  ? -10.514 -9.195  3.356   1.00 53.12 ? 20  ILE A CB  1 
ATOM   151  C CG1 . ILE A 1 32  ? -10.532 -9.868  4.736   1.00 53.49 ? 20  ILE A CG1 1 
ATOM   152  C CG2 . ILE A 1 32  ? -9.161  -9.383  2.695   1.00 53.60 ? 20  ILE A CG2 1 
ATOM   153  C CD1 . ILE A 1 32  ? -10.499 -11.377 4.708   1.00 53.59 ? 20  ILE A CD1 1 
ATOM   154  N N   . VAL A 1 33  ? -9.678  -6.031  2.175   1.00 51.65 ? 21  VAL A N   1 
ATOM   155  C CA  . VAL A 1 33  ? -9.337  -5.308  0.946   1.00 51.50 ? 21  VAL A CA  1 
ATOM   156  C C   . VAL A 1 33  ? -8.527  -6.212  -0.016  1.00 51.18 ? 21  VAL A C   1 
ATOM   157  O O   . VAL A 1 33  ? -8.833  -6.308  -1.190  1.00 51.25 ? 21  VAL A O   1 
ATOM   158  C CB  . VAL A 1 33  ? -8.565  -4.005  1.272   1.00 51.31 ? 21  VAL A CB  1 
ATOM   159  C CG1 . VAL A 1 33  ? -8.284  -3.236  0.027   1.00 50.22 ? 21  VAL A CG1 1 
ATOM   160  C CG2 . VAL A 1 33  ? -9.375  -3.129  2.255   1.00 51.39 ? 21  VAL A CG2 1 
ATOM   161  N N   . LYS A 1 34  ? -7.494  -6.865  0.504   1.00 51.10 ? 22  LYS A N   1 
ATOM   162  C CA  . LYS A 1 34  ? -6.719  -7.851  -0.241  1.00 50.60 ? 22  LYS A CA  1 
ATOM   163  C C   . LYS A 1 34  ? -6.228  -8.934  0.715   1.00 50.90 ? 22  LYS A C   1 
ATOM   164  O O   . LYS A 1 34  ? -6.024  -8.694  1.928   1.00 50.36 ? 22  LYS A O   1 
ATOM   165  C CB  . LYS A 1 34  ? -5.490  -7.224  -0.887  1.00 50.74 ? 22  LYS A CB  1 
ATOM   166  C CG  . LYS A 1 34  ? -5.740  -6.172  -1.944  1.00 50.11 ? 22  LYS A CG  1 
ATOM   167  C CD  . LYS A 1 34  ? -6.236  -6.795  -3.242  1.00 49.70 ? 22  LYS A CD  1 
ATOM   168  C CE  . LYS A 1 34  ? -6.706  -5.749  -4.221  1.00 49.90 ? 22  LYS A CE  1 
ATOM   169  N NZ  . LYS A 1 34  ? -7.237  -6.387  -5.458  1.00 50.77 ? 22  LYS A NZ  1 
ATOM   170  N N   . HIS A 1 35  ? -6.065  -10.132 0.161   1.00 50.37 ? 23  HIS A N   1 
ATOM   171  C CA  . HIS A 1 35  ? -5.420  -11.235 0.855   1.00 49.97 ? 23  HIS A CA  1 
ATOM   172  C C   . HIS A 1 35  ? -3.958  -11.248 0.545   1.00 49.40 ? 23  HIS A C   1 
ATOM   173  O O   . HIS A 1 35  ? -3.530  -10.851 -0.545  1.00 48.36 ? 23  HIS A O   1 
ATOM   174  C CB  . HIS A 1 35  ? -5.977  -12.583 0.410   1.00 50.01 ? 23  HIS A CB  1 
ATOM   175  C CG  . HIS A 1 35  ? -7.402  -12.767 0.774   1.00 51.05 ? 23  HIS A CG  1 
ATOM   176  N ND1 . HIS A 1 35  ? -8.430  -12.358 -0.046  1.00 52.00 ? 23  HIS A ND1 1 
ATOM   177  C CD2 . HIS A 1 35  ? -7.975  -13.251 1.901   1.00 51.73 ? 23  HIS A CD2 1 
ATOM   178  C CE1 . HIS A 1 35  ? -9.581  -12.620 0.549   1.00 53.44 ? 23  HIS A CE1 1 
ATOM   179  N NE2 . HIS A 1 35  ? -9.332  -13.165 1.729   1.00 52.37 ? 23  HIS A NE2 1 
ATOM   180  N N   . GLN A 1 36  ? -3.221  -11.757 1.522   1.00 48.62 ? 24  GLN A N   1 
ATOM   181  C CA  . GLN A 1 36  ? -1.842  -12.106 1.377   1.00 48.26 ? 24  GLN A CA  1 
ATOM   182  C C   . GLN A 1 36  ? -1.718  -12.964 0.115   1.00 47.42 ? 24  GLN A C   1 
ATOM   183  O O   . GLN A 1 36  ? -2.532  -13.837 -0.112  1.00 46.76 ? 24  GLN A O   1 
ATOM   184  C CB  . GLN A 1 36  ? -1.392  -12.856 2.646   1.00 48.18 ? 24  GLN A CB  1 
ATOM   185  C CG  . GLN A 1 36  ? 0.099   -13.181 2.740   1.00 49.03 ? 24  GLN A CG  1 
ATOM   186  C CD  . GLN A 1 36  ? 0.568   -13.316 4.197   1.00 50.13 ? 24  GLN A CD  1 
ATOM   187  O OE1 . GLN A 1 36  ? 0.097   -12.582 5.089   1.00 51.58 ? 24  GLN A OE1 1 
ATOM   188  N NE2 . GLN A 1 36  ? 1.480   -14.258 4.445   1.00 53.09 ? 24  GLN A NE2 1 
ATOM   189  N N   . ASP A 1 37  ? -0.707  -12.659 -0.702  1.00 47.37 ? 25  ASP A N   1 
ATOM   190  C CA  . ASP A 1 37  ? -0.456  -13.284 -2.023  1.00 47.55 ? 25  ASP A CA  1 
ATOM   191  C C   . ASP A 1 37  ? -1.356  -12.861 -3.214  1.00 47.20 ? 25  ASP A C   1 
ATOM   192  O O   . ASP A 1 37  ? -1.119  -13.320 -4.323  1.00 46.81 ? 25  ASP A O   1 
ATOM   193  C CB  . ASP A 1 37  ? -0.405  -14.809 -1.921  1.00 47.06 ? 25  ASP A CB  1 
ATOM   194  C CG  . ASP A 1 37  ? 0.584   -15.279 -0.882  1.00 47.49 ? 25  ASP A CG  1 
ATOM   195  O OD1 . ASP A 1 37  ? 1.591   -14.568 -0.650  1.00 47.31 ? 25  ASP A OD1 1 
ATOM   196  O OD2 . ASP A 1 37  ? 0.432   -16.341 -0.237  1.00 48.05 ? 25  ASP A OD2 1 
ATOM   197  N N   . ASP A 1 38  ? -2.365  -12.018 -2.996  1.00 47.12 ? 26  ASP A N   1 
ATOM   198  C CA  . ASP A 1 38  ? -3.170  -11.482 -4.101  1.00 47.64 ? 26  ASP A CA  1 
ATOM   199  C C   . ASP A 1 38  ? -2.264  -10.655 -5.030  1.00 47.99 ? 26  ASP A C   1 
ATOM   200  O O   . ASP A 1 38  ? -1.391  -9.941  -4.541  1.00 48.56 ? 26  ASP A O   1 
ATOM   201  C CB  . ASP A 1 38  ? -4.307  -10.577 -3.586  1.00 47.44 ? 26  ASP A CB  1 
ATOM   202  C CG  . ASP A 1 38  ? -5.507  -11.360 -3.009  1.00 46.71 ? 26  ASP A CG  1 
ATOM   203  O OD1 . ASP A 1 38  ? -5.546  -12.600 -3.012  1.00 46.16 ? 26  ASP A OD1 1 
ATOM   204  O OD2 . ASP A 1 38  ? -6.489  -10.788 -2.510  1.00 47.78 ? 26  ASP A OD2 1 
ATOM   205  N N   . PRO A 1 39  ? -2.441  -10.752 -6.351  1.00 48.77 ? 27  PRO A N   1 
ATOM   206  C CA  . PRO A 1 39  ? -1.631  -9.951  -7.273  1.00 48.85 ? 27  PRO A CA  1 
ATOM   207  C C   . PRO A 1 39  ? -1.897  -8.475  -7.111  1.00 49.93 ? 27  PRO A C   1 
ATOM   208  O O   . PRO A 1 39  ? -3.016  -8.084  -6.788  1.00 49.35 ? 27  PRO A O   1 
ATOM   209  C CB  . PRO A 1 39  ? -2.027  -10.447 -8.693  1.00 49.32 ? 27  PRO A CB  1 
ATOM   210  C CG  . PRO A 1 39  ? -3.050  -11.565 -8.519  1.00 48.76 ? 27  PRO A CG  1 
ATOM   211  C CD  . PRO A 1 39  ? -3.373  -11.663 -7.053  1.00 48.79 ? 27  PRO A CD  1 
ATOM   212  N N   . ILE A 1 40  ? -0.842  -7.671  -7.249  1.00 51.85 ? 28  ILE A N   1 
ATOM   213  C CA  . ILE A 1 40  ? -0.973  -6.221  -7.232  1.00 53.17 ? 28  ILE A CA  1 
ATOM   214  C C   . ILE A 1 40  ? -1.158  -5.808  -8.667  1.00 54.34 ? 28  ILE A C   1 
ATOM   215  O O   . ILE A 1 40  ? -0.222  -5.884  -9.482  1.00 54.24 ? 28  ILE A O   1 
ATOM   216  C CB  . ILE A 1 40  ? 0.271   -5.521  -6.632  1.00 53.09 ? 28  ILE A CB  1 
ATOM   217  C CG1 . ILE A 1 40  ? 0.526   -6.022  -5.216  1.00 53.12 ? 28  ILE A CG1 1 
ATOM   218  C CG2 . ILE A 1 40  ? 0.105   -3.977  -6.706  1.00 53.61 ? 28  ILE A CG2 1 
ATOM   219  C CD1 . ILE A 1 40  ? 1.593   -5.248  -4.441  1.00 53.93 ? 28  ILE A CD1 1 
ATOM   220  N N   . GLU A 1 41  ? -2.378  -5.399  -8.987  1.00 56.20 ? 29  GLU A N   1 
ATOM   221  C CA  . GLU A 1 41  ? -2.687  -4.917  -10.327 1.00 57.81 ? 29  GLU A CA  1 
ATOM   222  C C   . GLU A 1 41  ? -2.878  -3.391  -10.391 1.00 58.48 ? 29  GLU A C   1 
ATOM   223  O O   . GLU A 1 41  ? -2.359  -2.730  -11.261 1.00 60.19 ? 29  GLU A O   1 
ATOM   224  C CB  . GLU A 1 41  ? -3.886  -5.697  -10.861 1.00 58.15 ? 29  GLU A CB  1 
ATOM   225  C CG  . GLU A 1 41  ? -3.465  -7.112  -11.248 1.00 60.50 ? 29  GLU A CG  1 
ATOM   226  C CD  . GLU A 1 41  ? -4.568  -8.153  -11.175 1.00 64.49 ? 29  GLU A CD  1 
ATOM   227  O OE1 . GLU A 1 41  ? -5.637  -7.884  -10.576 1.00 67.36 ? 29  GLU A OE1 1 
ATOM   228  O OE2 . GLU A 1 41  ? -4.357  -9.265  -11.724 1.00 67.10 ? 29  GLU A OE2 1 
ATOM   229  N N   . ASP A 1 42  ? -3.631  -2.835  -9.477  1.00 59.12 ? 30  ASP A N   1 
ATOM   230  C CA  . ASP A 1 42  ? -3.815  -1.408  -9.420  1.00 59.11 ? 30  ASP A CA  1 
ATOM   231  C C   . ASP A 1 42  ? -3.035  -0.884  -8.229  1.00 58.84 ? 30  ASP A C   1 
ATOM   232  O O   . ASP A 1 42  ? -2.815  -1.612  -7.233  1.00 59.09 ? 30  ASP A O   1 
ATOM   233  C CB  . ASP A 1 42  ? -5.288  -1.100  -9.239  1.00 59.30 ? 30  ASP A CB  1 
ATOM   234  C CG  . ASP A 1 42  ? -6.095  -1.258  -10.519 1.00 61.49 ? 30  ASP A CG  1 
ATOM   235  O OD1 . ASP A 1 42  ? -5.655  -1.538  -11.660 1.00 64.85 ? 30  ASP A OD1 1 
ATOM   236  O OD2 . ASP A 1 42  ? -7.319  -1.045  -10.426 1.00 67.47 ? 30  ASP A OD2 1 
ATOM   237  N N   . VAL A 1 43  ? -2.614  0.374   -8.340  1.00 57.71 ? 31  VAL A N   1 
ATOM   238  C CA  . VAL A 1 43  ? -2.078  1.129   -7.225  1.00 56.28 ? 31  VAL A CA  1 
ATOM   239  C C   . VAL A 1 43  ? -3.273  1.587   -6.345  1.00 56.31 ? 31  VAL A C   1 
ATOM   240  O O   . VAL A 1 43  ? -4.235  2.239   -6.818  1.00 55.02 ? 31  VAL A O   1 
ATOM   241  C CB  . VAL A 1 43  ? -1.282  2.355   -7.739  1.00 56.12 ? 31  VAL A CB  1 
ATOM   242  C CG1 . VAL A 1 43  ? -0.756  3.201   -6.583  1.00 55.63 ? 31  VAL A CG1 1 
ATOM   243  C CG2 . VAL A 1 43  ? -0.152  1.918   -8.672  1.00 56.33 ? 31  VAL A CG2 1 
ATOM   244  N N   . LEU A 1 44  ? -3.205  1.247   -5.065  1.00 56.19 ? 32  LEU A N   1 
ATOM   245  C CA  . LEU A 1 44  ? -4.282  1.547   -4.115  1.00 55.51 ? 32  LEU A CA  1 
ATOM   246  C C   . LEU A 1 44  ? -3.868  2.691   -3.191  1.00 55.42 ? 32  LEU A C   1 
ATOM   247  O O   . LEU A 1 44  ? -2.765  2.675   -2.633  1.00 55.01 ? 32  LEU A O   1 
ATOM   248  C CB  . LEU A 1 44  ? -4.613  0.297   -3.297  1.00 55.53 ? 32  LEU A CB  1 
ATOM   249  C CG  . LEU A 1 44  ? -4.959  -0.992  -4.060  1.00 55.67 ? 32  LEU A CG  1 
ATOM   250  C CD1 . LEU A 1 44  ? -5.417  -2.028  -3.091  1.00 55.91 ? 32  LEU A CD1 1 
ATOM   251  C CD2 . LEU A 1 44  ? -6.058  -0.805  -5.172  1.00 57.71 ? 32  LEU A CD2 1 
ATOM   252  N N   . ILE A 1 45  ? -4.753  3.683   -3.031  1.00 55.56 ? 33  ILE A N   1 
ATOM   253  C CA  . ILE A 1 45  ? -4.513  4.817   -2.135  1.00 55.29 ? 33  ILE A CA  1 
ATOM   254  C C   . ILE A 1 45  ? -5.669  4.941   -1.146  1.00 54.75 ? 33  ILE A C   1 
ATOM   255  O O   . ILE A 1 45  ? -6.826  5.057   -1.559  1.00 55.81 ? 33  ILE A O   1 
ATOM   256  C CB  . ILE A 1 45  ? -4.341  6.154   -2.960  1.00 55.84 ? 33  ILE A CB  1 
ATOM   257  C CG1 . ILE A 1 45  ? -3.181  6.033   -3.958  1.00 56.89 ? 33  ILE A CG1 1 
ATOM   258  C CG2 . ILE A 1 45  ? -4.107  7.359   -2.033  1.00 55.99 ? 33  ILE A CG2 1 
ATOM   259  C CD1 . ILE A 1 45  ? -3.093  7.207   -4.929  1.00 56.06 ? 33  ILE A CD1 1 
ATOM   260  N N   . LEU A 1 46  ? -5.354  4.931   0.146   1.00 53.85 ? 34  LEU A N   1 
ATOM   261  C CA  . LEU A 1 46  ? -6.352  5.124   1.192   1.00 54.10 ? 34  LEU A CA  1 
ATOM   262  C C   . LEU A 1 46  ? -6.739  6.597   1.305   1.00 54.25 ? 34  LEU A C   1 
ATOM   263  O O   . LEU A 1 46  ? -5.907  7.445   1.697   1.00 52.88 ? 34  LEU A O   1 
ATOM   264  C CB  . LEU A 1 46  ? -5.846  4.648   2.562   1.00 53.32 ? 34  LEU A CB  1 
ATOM   265  C CG  . LEU A 1 46  ? -6.811  4.814   3.729   1.00 53.41 ? 34  LEU A CG  1 
ATOM   266  C CD1 . LEU A 1 46  ? -8.033  3.909   3.537   1.00 54.01 ? 34  LEU A CD1 1 
ATOM   267  C CD2 . LEU A 1 46  ? -6.122  4.491   5.085   1.00 53.92 ? 34  LEU A CD2 1 
ATOM   268  N N   . LEU A 1 47  ? -8.021  6.847   1.031   1.00 54.17 ? 35  LEU A N   1 
ATOM   269  C CA  . LEU A 1 47  ? -8.611  8.177   0.976   1.00 55.06 ? 35  LEU A CA  1 
ATOM   270  C C   . LEU A 1 47  ? -9.155  8.592   2.321   1.00 55.33 ? 35  LEU A C   1 
ATOM   271  O O   . LEU A 1 47  ? -8.964  9.733   2.742   1.00 55.71 ? 35  LEU A O   1 
ATOM   272  C CB  . LEU A 1 47  ? -9.785  8.197   -0.027  1.00 54.65 ? 35  LEU A CB  1 
ATOM   273  C CG  . LEU A 1 47  ? -9.424  8.014   -1.508  1.00 55.73 ? 35  LEU A CG  1 
ATOM   274  C CD1 . LEU A 1 47  ? -10.680 7.850   -2.363  1.00 54.75 ? 35  LEU A CD1 1 
ATOM   275  C CD2 . LEU A 1 47  ? -8.559  9.190   -1.993  1.00 54.78 ? 35  LEU A CD2 1 
ATOM   276  N N   . GLU A 1 48  ? -9.889  7.675   2.953   1.00 55.61 ? 36  GLU A N   1 
ATOM   277  C CA  . GLU A 1 48  ? -10.483 7.907   4.251   1.00 55.91 ? 36  GLU A CA  1 
ATOM   278  C C   . GLU A 1 48  ? -10.741 6.598   4.990   1.00 55.66 ? 36  GLU A C   1 
ATOM   279  O O   . GLU A 1 48  ? -10.939 5.557   4.360   1.00 54.96 ? 36  GLU A O   1 
ATOM   280  C CB  . GLU A 1 48  ? -11.760 8.734   4.160   1.00 55.98 ? 36  GLU A CB  1 
ATOM   281  C CG  . GLU A 1 48  ? -12.635 8.522   2.950   1.00 57.72 ? 36  GLU A CG  1 
ATOM   282  C CD  . GLU A 1 48  ? -13.873 9.431   2.987   1.00 57.87 ? 36  GLU A CD  1 
ATOM   283  O OE1 . GLU A 1 48  ? -14.798 9.145   3.804   1.00 57.69 ? 36  GLU A OE1 1 
ATOM   284  O OE2 . GLU A 1 48  ? -13.889 10.449  2.229   1.00 59.62 ? 36  GLU A OE2 1 
ATOM   285  N N   . GLY A 1 49  ? -10.729 6.675   6.326   1.00 55.29 ? 37  GLY A N   1 
ATOM   286  C CA  . GLY A 1 49  ? -10.893 5.513   7.187   1.00 55.27 ? 37  GLY A CA  1 
ATOM   287  C C   . GLY A 1 49  ? -9.577  5.028   7.790   1.00 55.12 ? 37  GLY A C   1 
ATOM   288  O O   . GLY A 1 49  ? -8.688  5.826   8.097   1.00 55.32 ? 37  GLY A O   1 
ATOM   289  N N   . THR A 1 50  ? -9.474  3.719   7.993   1.00 54.56 ? 38  THR A N   1 
ATOM   290  C CA  . THR A 1 50  ? -8.312  3.100   8.629   1.00 53.72 ? 38  THR A CA  1 
ATOM   291  C C   . THR A 1 50  ? -8.227  1.634   8.187   1.00 53.81 ? 38  THR A C   1 
ATOM   292  O O   . THR A 1 50  ? -9.220  0.897   8.244   1.00 52.90 ? 38  THR A O   1 
ATOM   293  C CB  . THR A 1 50  ? -8.417  3.151   10.197  1.00 53.51 ? 38  THR A CB  1 
ATOM   294  O OG1 . THR A 1 50  ? -8.624  4.485   10.673  1.00 52.88 ? 38  THR A OG1 1 
ATOM   295  C CG2 . THR A 1 50  ? -7.100  2.773   10.849  1.00 53.51 ? 38  THR A CG2 1 
ATOM   296  N N   . LEU A 1 51  ? -7.027  1.212   7.784   1.00 54.27 ? 39  LEU A N   1 
ATOM   297  C CA  . LEU A 1 51  ? -6.773  -0.167  7.421   1.00 54.45 ? 39  LEU A CA  1 
ATOM   298  C C   . LEU A 1 51  ? -5.857  -0.828  8.445   1.00 54.89 ? 39  LEU A C   1 
ATOM   299  O O   . LEU A 1 51  ? -5.109  -0.138  9.143   1.00 55.37 ? 39  LEU A O   1 
ATOM   300  C CB  . LEU A 1 51  ? -6.143  -0.232  6.042   1.00 54.33 ? 39  LEU A CB  1 
ATOM   301  C CG  . LEU A 1 51  ? -6.894  0.544   4.960   1.00 54.17 ? 39  LEU A CG  1 
ATOM   302  C CD1 . LEU A 1 51  ? -6.170  0.417   3.664   1.00 53.36 ? 39  LEU A CD1 1 
ATOM   303  C CD2 . LEU A 1 51  ? -8.334  0.034   4.833   1.00 54.78 ? 39  LEU A CD2 1 
ATOM   304  N N   . LYS A 1 52  ? -5.940  -2.161  8.530   1.00 55.08 ? 40  LYS A N   1 
ATOM   305  C CA  . LYS A 1 52  ? -5.015  -3.002  9.315   1.00 55.57 ? 40  LYS A CA  1 
ATOM   306  C C   . LYS A 1 52  ? -4.269  -3.978  8.416   1.00 55.31 ? 40  LYS A C   1 
ATOM   307  O O   . LYS A 1 52  ? -4.862  -4.594  7.520   1.00 55.66 ? 40  LYS A O   1 
ATOM   308  C CB  . LYS A 1 52  ? -5.783  -3.779  10.378  1.00 55.94 ? 40  LYS A CB  1 
ATOM   309  C CG  . LYS A 1 52  ? -6.161  -2.907  11.560  1.00 57.84 ? 40  LYS A CG  1 
ATOM   310  C CD  . LYS A 1 52  ? -7.580  -3.101  12.010  1.00 60.94 ? 40  LYS A CD  1 
ATOM   311  C CE  . LYS A 1 52  ? -7.786  -4.439  12.721  1.00 62.94 ? 40  LYS A CE  1 
ATOM   312  N NZ  . LYS A 1 52  ? -8.621  -4.231  13.969  1.00 63.10 ? 40  LYS A NZ  1 
ATOM   313  N N   . THR A 1 53  ? -2.962  -4.090  8.629   1.00 54.87 ? 41  THR A N   1 
ATOM   314  C CA  . THR A 1 53  ? -2.160  -5.058  7.913   1.00 54.66 ? 41  THR A CA  1 
ATOM   315  C C   . THR A 1 53  ? -1.845  -6.201  8.868   1.00 55.41 ? 41  THR A C   1 
ATOM   316  O O   . THR A 1 53  ? -1.415  -5.962  10.004  1.00 55.03 ? 41  THR A O   1 
ATOM   317  C CB  . THR A 1 53  ? -0.870  -4.433  7.314   1.00 54.67 ? 41  THR A CB  1 
ATOM   318  O OG1 . THR A 1 53  ? -0.069  -3.790  8.318   1.00 54.58 ? 41  THR A OG1 1 
ATOM   319  C CG2 . THR A 1 53  ? -1.186  -3.332  6.313   1.00 54.16 ? 41  THR A CG2 1 
ATOM   320  N N   . GLU A 1 54  ? -2.077  -7.433  8.414   1.00 55.72 ? 42  GLU A N   1 
ATOM   321  C CA  . GLU A 1 54  ? -1.873  -8.594  9.244   1.00 56.85 ? 42  GLU A CA  1 
ATOM   322  C C   . GLU A 1 54  ? -1.241  -9.742  8.456   1.00 57.16 ? 42  GLU A C   1 
ATOM   323  O O   . GLU A 1 54  ? -1.718  -10.108 7.379   1.00 57.48 ? 42  GLU A O   1 
ATOM   324  C CB  . GLU A 1 54  ? -3.189  -9.007  9.930   1.00 56.55 ? 42  GLU A CB  1 
ATOM   325  C CG  . GLU A 1 54  ? -4.252  -9.527  8.984   1.00 57.95 ? 42  GLU A CG  1 
ATOM   326  C CD  . GLU A 1 54  ? -5.641  -9.698  9.606   1.00 58.56 ? 42  GLU A CD  1 
ATOM   327  O OE1 . GLU A 1 54  ? -5.905  -9.143  10.707  1.00 59.31 ? 42  GLU A OE1 1 
ATOM   328  O OE2 . GLU A 1 54  ? -6.479  -10.403 8.959   1.00 60.96 ? 42  GLU A OE2 1 
ATOM   329  N N   . HIS A 1 55  ? -0.148  -10.276 8.989   1.00 57.50 ? 43  HIS A N   1 
ATOM   330  C CA  . HIS A 1 55  ? 0.545   -11.414 8.394   1.00 58.29 ? 43  HIS A CA  1 
ATOM   331  C C   . HIS A 1 55  ? -0.082  -12.742 8.819   1.00 58.27 ? 43  HIS A C   1 
ATOM   332  O O   . HIS A 1 55  ? -0.351  -12.964 9.992   1.00 57.32 ? 43  HIS A O   1 
ATOM   333  C CB  . HIS A 1 55  ? 2.014   -11.414 8.786   1.00 58.76 ? 43  HIS A CB  1 
ATOM   334  C CG  . HIS A 1 55  ? 2.812   -12.486 8.106   1.00 61.25 ? 43  HIS A CG  1 
ATOM   335  N ND1 . HIS A 1 55  ? 2.793   -13.806 8.518   1.00 62.42 ? 43  HIS A ND1 1 
ATOM   336  C CD2 . HIS A 1 55  ? 3.634   -12.437 7.030   1.00 62.10 ? 43  HIS A CD2 1 
ATOM   337  C CE1 . HIS A 1 55  ? 3.575   -14.520 7.728   1.00 62.62 ? 43  HIS A CE1 1 
ATOM   338  N NE2 . HIS A 1 55  ? 4.099   -13.714 6.821   1.00 63.70 ? 43  HIS A NE2 1 
ATOM   339  N N   . VAL A 1 56  ? -0.305  -13.612 7.839   1.00 58.90 ? 44  VAL A N   1 
ATOM   340  C CA  . VAL A 1 56  ? -0.960  -14.895 8.047   1.00 59.31 ? 44  VAL A CA  1 
ATOM   341  C C   . VAL A 1 56  ? 0.123   -15.942 8.108   1.00 60.01 ? 44  VAL A C   1 
ATOM   342  O O   . VAL A 1 56  ? 0.970   -16.015 7.211   1.00 60.37 ? 44  VAL A O   1 
ATOM   343  C CB  . VAL A 1 56  ? -1.908  -15.271 6.891   1.00 59.23 ? 44  VAL A CB  1 
ATOM   344  C CG1 . VAL A 1 56  ? -2.759  -16.469 7.286   1.00 59.32 ? 44  VAL A CG1 1 
ATOM   345  C CG2 . VAL A 1 56  ? -2.792  -14.111 6.505   1.00 58.97 ? 44  VAL A CG2 1 
ATOM   346  N N   . SER A 1 57  ? 0.105   -16.732 9.174   1.00 60.52 ? 45  SER A N   1 
ATOM   347  C CA  . SER A 1 57  ? 1.105   -17.765 9.383   1.00 61.08 ? 45  SER A CA  1 
ATOM   348  C C   . SER A 1 57  ? 0.608   -19.137 8.908   1.00 61.70 ? 45  SER A C   1 
ATOM   349  O O   . SER A 1 57  ? -0.587  -19.379 8.677   1.00 61.43 ? 45  SER A O   1 
ATOM   350  C CB  . SER A 1 57  ? 1.493   -17.847 10.866  1.00 60.90 ? 45  SER A CB  1 
ATOM   351  O OG  . SER A 1 57  ? 0.425   -18.377 11.631  1.00 60.49 ? 45  SER A OG  1 
ATOM   352  N N   . GLU A 1 58  ? 1.568   -20.038 8.837   1.00 62.32 ? 46  GLU A N   1 
ATOM   353  C CA  . GLU A 1 58  ? 1.421   -21.363 8.273   1.00 63.01 ? 46  GLU A CA  1 
ATOM   354  C C   . GLU A 1 58  ? 0.215   -22.136 8.841   1.00 63.35 ? 46  GLU A C   1 
ATOM   355  O O   . GLU A 1 58  ? -0.291  -23.071 8.202   1.00 63.51 ? 46  GLU A O   1 
ATOM   356  C CB  . GLU A 1 58  ? 2.746   -22.136 8.500   1.00 63.08 ? 46  GLU A CB  1 
ATOM   357  C CG  . GLU A 1 58  ? 3.980   -21.470 7.855   1.00 63.42 ? 46  GLU A CG  1 
ATOM   358  C CD  . GLU A 1 58  ? 4.424   -20.160 8.537   1.00 63.93 ? 46  GLU A CD  1 
ATOM   359  O OE1 . GLU A 1 58  ? 4.950   -20.243 9.677   1.00 65.03 ? 46  GLU A OE1 1 
ATOM   360  O OE2 . GLU A 1 58  ? 4.228   -19.049 7.960   1.00 60.81 ? 46  GLU A OE2 1 
ATOM   361  N N   . ASN A 1 59  ? -0.268  -21.715 10.011  1.00 63.53 ? 47  ASN A N   1 
ATOM   362  C CA  . ASN A 1 59  ? -1.310  -22.446 10.745  1.00 63.75 ? 47  ASN A CA  1 
ATOM   363  C C   . ASN A 1 59  ? -2.680  -21.749 10.648  1.00 63.45 ? 47  ASN A C   1 
ATOM   364  O O   . ASN A 1 59  ? -3.642  -22.159 11.294  1.00 63.43 ? 47  ASN A O   1 
ATOM   365  C CB  . ASN A 1 59  ? -0.904  -22.603 12.222  1.00 63.81 ? 47  ASN A CB  1 
ATOM   366  C CG  . ASN A 1 59  ? 0.612   -22.709 12.418  1.00 64.66 ? 47  ASN A CG  1 
ATOM   367  O OD1 . ASN A 1 59  ? 1.121   -23.747 12.855  1.00 65.74 ? 47  ASN A OD1 1 
ATOM   368  N ND2 . ASN A 1 59  ? 1.341   -21.629 12.092  1.00 65.51 ? 47  ASN A ND2 1 
ATOM   369  N N   . GLY A 1 60  ? -2.760  -20.699 9.833   1.00 63.31 ? 48  GLY A N   1 
ATOM   370  C CA  . GLY A 1 60  ? -3.941  -19.826 9.781   1.00 63.08 ? 48  GLY A CA  1 
ATOM   371  C C   . GLY A 1 60  ? -3.895  -18.660 10.767  1.00 62.65 ? 48  GLY A C   1 
ATOM   372  O O   . GLY A 1 60  ? -4.702  -17.725 10.667  1.00 62.46 ? 48  GLY A O   1 
ATOM   373  N N   . LYS A 1 61  ? -2.942  -18.715 11.706  1.00 62.02 ? 49  LYS A N   1 
ATOM   374  C CA  . LYS A 1 61  ? -2.812  -17.726 12.783  1.00 61.28 ? 49  LYS A CA  1 
ATOM   375  C C   . LYS A 1 61  ? -2.317  -16.362 12.267  1.00 60.48 ? 49  LYS A C   1 
ATOM   376  O O   . LYS A 1 61  ? -1.262  -16.234 11.616  1.00 60.63 ? 49  LYS A O   1 
ATOM   377  C CB  . LYS A 1 61  ? -1.888  -18.255 13.892  1.00 61.57 ? 49  LYS A CB  1 
ATOM   378  N N   . THR A 1 62  ? -3.107  -15.342 12.576  1.00 59.16 ? 50  THR A N   1 
ATOM   379  C CA  . THR A 1 62  ? -2.897  -14.002 12.075  1.00 57.68 ? 50  THR A CA  1 
ATOM   380  C C   . THR A 1 62  ? -2.222  -13.105 13.120  1.00 55.93 ? 50  THR A C   1 
ATOM   381  O O   . THR A 1 62  ? -2.524  -13.178 14.306  1.00 55.00 ? 50  THR A O   1 
ATOM   382  C CB  . THR A 1 62  ? -4.258  -13.438 11.654  1.00 57.80 ? 50  THR A CB  1 
ATOM   383  O OG1 . THR A 1 62  ? -4.809  -14.279 10.634  1.00 59.29 ? 50  THR A OG1 1 
ATOM   384  C CG2 . THR A 1 62  ? -4.123  -12.107 10.952  1.00 58.19 ? 50  THR A CG2 1 
ATOM   385  N N   . LEU A 1 63  ? -1.293  -12.273 12.657  1.00 54.30 ? 51  LEU A N   1 
ATOM   386  C CA  . LEU A 1 63  ? -0.653  -11.264 13.494  1.00 53.18 ? 51  LEU A CA  1 
ATOM   387  C C   . LEU A 1 63  ? -0.742  -9.895  12.826  1.00 52.25 ? 51  LEU A C   1 
ATOM   388  O O   . LEU A 1 63  ? -0.282  -9.699  11.692  1.00 51.23 ? 51  LEU A O   1 
ATOM   389  C CB  . LEU A 1 63  ? 0.809   -11.642 13.778  1.00 53.07 ? 51  LEU A CB  1 
ATOM   390  C CG  . LEU A 1 63  ? 1.647   -10.725 14.696  1.00 53.19 ? 51  LEU A CG  1 
ATOM   391  C CD1 . LEU A 1 63  ? 1.040   -10.612 16.085  1.00 51.54 ? 51  LEU A CD1 1 
ATOM   392  C CD2 . LEU A 1 63  ? 3.082   -11.214 14.801  1.00 52.69 ? 51  LEU A CD2 1 
ATOM   393  N N   . GLU A 1 64  ? -1.342  -8.940  13.529  1.00 51.82 ? 52  GLU A N   1 
ATOM   394  C CA  . GLU A 1 64  ? -1.389  -7.563  13.026  1.00 51.50 ? 52  GLU A CA  1 
ATOM   395  C C   . GLU A 1 64  ? -0.007  -6.921  13.097  1.00 51.08 ? 52  GLU A C   1 
ATOM   396  O O   . GLU A 1 64  ? 0.707   -7.068  14.071  1.00 50.97 ? 52  GLU A O   1 
ATOM   397  C CB  . GLU A 1 64  ? -2.403  -6.692  13.774  1.00 51.04 ? 52  GLU A CB  1 
ATOM   398  C CG  . GLU A 1 64  ? -2.468  -5.288  13.174  1.00 51.72 ? 52  GLU A CG  1 
ATOM   399  C CD  . GLU A 1 64  ? -3.509  -4.399  13.786  1.00 52.16 ? 52  GLU A CD  1 
ATOM   400  O OE1 . GLU A 1 64  ? -4.653  -4.864  13.963  1.00 53.23 ? 52  GLU A OE1 1 
ATOM   401  O OE2 . GLU A 1 64  ? -3.164  -3.233  14.092  1.00 54.64 ? 52  GLU A OE2 1 
ATOM   402  N N   . ILE A 1 65  ? 0.317   -6.183  12.048  1.00 51.78 ? 53  ILE A N   1 
ATOM   403  C CA  . ILE A 1 65  ? 1.637   -5.621  11.784  1.00 52.30 ? 53  ILE A CA  1 
ATOM   404  C C   . ILE A 1 65  ? 1.600   -4.110  11.948  1.00 52.40 ? 53  ILE A C   1 
ATOM   405  O O   . ILE A 1 65  ? 2.480   -3.527  12.556  1.00 52.69 ? 53  ILE A O   1 
ATOM   406  C CB  . ILE A 1 65  ? 2.066   -6.011  10.307  1.00 52.22 ? 53  ILE A CB  1 
ATOM   407  C CG1 . ILE A 1 65  ? 2.300   -7.527  10.185  1.00 53.49 ? 53  ILE A CG1 1 
ATOM   408  C CG2 . ILE A 1 65  ? 3.311   -5.269  9.825   1.00 52.56 ? 53  ILE A CG2 1 
ATOM   409  C CD1 . ILE A 1 65  ? 3.142   -8.147  11.298  1.00 53.21 ? 53  ILE A CD1 1 
ATOM   410  N N   . ASP A 1 66  ? 0.603   -3.474  11.342  1.00 53.91 ? 54  ASP A N   1 
ATOM   411  C CA  . ASP A 1 66  ? 0.475   -2.035  11.381  1.00 54.32 ? 54  ASP A CA  1 
ATOM   412  C C   . ASP A 1 66  ? -0.951  -1.586  11.124  1.00 54.03 ? 54  ASP A C   1 
ATOM   413  O O   . ASP A 1 66  ? -1.837  -2.383  10.814  1.00 52.52 ? 54  ASP A O   1 
ATOM   414  C CB  . ASP A 1 66  ? 1.403   -1.398  10.330  1.00 55.21 ? 54  ASP A CB  1 
ATOM   415  C CG  . ASP A 1 66  ? 2.082   -0.110  10.824  1.00 58.06 ? 54  ASP A CG  1 
ATOM   416  O OD1 . ASP A 1 66  ? 1.627   0.514   11.830  1.00 59.83 ? 54  ASP A OD1 1 
ATOM   417  O OD2 . ASP A 1 66  ? 3.108   0.337   10.260  1.00 64.17 ? 54  ASP A OD2 1 
ATOM   418  N N   . GLU A 1 67  ? -1.137  -0.279  11.277  1.00 54.64 ? 55  GLU A N   1 
ATOM   419  C CA  . GLU A 1 67  ? -2.302  0.431   10.795  1.00 56.04 ? 55  GLU A CA  1 
ATOM   420  C C   . GLU A 1 67  ? -1.919  1.305   9.617   1.00 56.17 ? 55  GLU A C   1 
ATOM   421  O O   . GLU A 1 67  ? -0.774  1.723   9.514   1.00 56.33 ? 55  GLU A O   1 
ATOM   422  C CB  . GLU A 1 67  ? -2.867  1.328   11.895  1.00 55.89 ? 55  GLU A CB  1 
ATOM   423  C CG  . GLU A 1 67  ? -3.725  0.586   12.884  1.00 57.00 ? 55  GLU A CG  1 
ATOM   424  C CD  . GLU A 1 67  ? -4.491  1.498   13.831  1.00 57.63 ? 55  GLU A CD  1 
ATOM   425  O OE1 . GLU A 1 67  ? -4.375  2.754   13.714  1.00 58.93 ? 55  GLU A OE1 1 
ATOM   426  O OE2 . GLU A 1 67  ? -5.218  0.942   14.692  1.00 58.29 ? 55  GLU A OE2 1 
ATOM   427  N N   . ILE A 1 68  ? -2.885  1.601   8.737   1.00 56.69 ? 56  ILE A N   1 
ATOM   428  C CA  . ILE A 1 68  ? -2.703  2.617   7.688   1.00 56.34 ? 56  ILE A CA  1 
ATOM   429  C C   . ILE A 1 68  ? -3.757  3.704   7.837   1.00 55.41 ? 56  ILE A C   1 
ATOM   430  O O   . ILE A 1 68  ? -4.935  3.407   7.857   1.00 54.55 ? 56  ILE A O   1 
ATOM   431  C CB  . ILE A 1 68  ? -2.792  1.995   6.312   1.00 56.86 ? 56  ILE A CB  1 
ATOM   432  C CG1 . ILE A 1 68  ? -1.901  0.745   6.234   1.00 57.98 ? 56  ILE A CG1 1 
ATOM   433  C CG2 . ILE A 1 68  ? -2.407  3.041   5.197   1.00 56.43 ? 56  ILE A CG2 1 
ATOM   434  C CD1 . ILE A 1 68  ? -2.047  -0.024  4.907   1.00 58.53 ? 56  ILE A CD1 1 
ATOM   435  N N   . LYS A 1 69  ? -3.314  4.948   7.986   1.00 54.90 ? 57  LYS A N   1 
ATOM   436  C CA  . LYS A 1 69  ? -4.191  6.108   8.039   1.00 54.91 ? 57  LYS A CA  1 
ATOM   437  C C   . LYS A 1 69  ? -4.089  6.856   6.711   1.00 54.68 ? 57  LYS A C   1 
ATOM   438  O O   . LYS A 1 69  ? -3.104  6.704   5.992   1.00 54.71 ? 57  LYS A O   1 
ATOM   439  C CB  . LYS A 1 69  ? -3.789  7.033   9.183   1.00 55.31 ? 57  LYS A CB  1 
ATOM   440  C CG  . LYS A 1 69  ? -3.930  6.434   10.591  1.00 55.91 ? 57  LYS A CG  1 
ATOM   441  C CD  . LYS A 1 69  ? -5.390  6.495   11.053  1.00 56.94 ? 57  LYS A CD  1 
ATOM   442  C CE  . LYS A 1 69  ? -5.572  6.097   12.518  1.00 56.86 ? 57  LYS A CE  1 
ATOM   443  N NZ  . LYS A 1 69  ? -7.020  5.771   12.816  1.00 55.92 ? 57  LYS A NZ  1 
ATOM   444  N N   . PRO A 1 70  ? -5.105  7.647   6.362   1.00 54.21 ? 58  PRO A N   1 
ATOM   445  C CA  . PRO A 1 70  ? -5.085  8.365   5.106   1.00 54.35 ? 58  PRO A CA  1 
ATOM   446  C C   . PRO A 1 70  ? -4.135  9.580   5.156   1.00 54.73 ? 58  PRO A C   1 
ATOM   447  O O   . PRO A 1 70  ? -3.884  10.069  6.222   1.00 53.70 ? 58  PRO A O   1 
ATOM   448  C CB  . PRO A 1 70  ? -6.545  8.789   4.917   1.00 54.91 ? 58  PRO A CB  1 
ATOM   449  C CG  . PRO A 1 70  ? -7.297  8.333   6.146   1.00 54.36 ? 58  PRO A CG  1 
ATOM   450  C CD  . PRO A 1 70  ? -6.316  7.932   7.151   1.00 53.67 ? 58  PRO A CD  1 
ATOM   451  N N   . VAL A 1 71  ? -3.580  10.064  4.038   1.00 55.67 ? 59  VAL A N   1 
ATOM   452  C CA  . VAL A 1 71  ? -3.770  9.553   2.689   1.00 56.25 ? 59  VAL A CA  1 
ATOM   453  C C   . VAL A 1 71  ? -2.453  8.967   2.245   1.00 57.02 ? 59  VAL A C   1 
ATOM   454  O O   . VAL A 1 71  ? -1.474  9.678   2.162   1.00 56.73 ? 59  VAL A O   1 
ATOM   455  C CB  . VAL A 1 71  ? -4.136  10.695  1.709   1.00 55.91 ? 59  VAL A CB  1 
ATOM   456  C CG1 . VAL A 1 71  ? -4.418  10.172  0.357   1.00 56.69 ? 59  VAL A CG1 1 
ATOM   457  C CG2 . VAL A 1 71  ? -5.331  11.494  2.220   1.00 57.35 ? 59  VAL A CG2 1 
ATOM   458  N N   . GLN A 1 72  ? -2.453  7.685   1.890   1.00 58.91 ? 60  GLN A N   1 
ATOM   459  C CA  . GLN A 1 72  ? -1.229  6.925   1.610   1.00 60.73 ? 60  GLN A CA  1 
ATOM   460  C C   . GLN A 1 72  ? -1.428  5.874   0.541   1.00 59.57 ? 60  GLN A C   1 
ATOM   461  O O   . GLN A 1 72  ? -2.482  5.251   0.499   1.00 59.21 ? 60  GLN A O   1 
ATOM   462  C CB  . GLN A 1 72  ? -0.832  6.115   2.858   1.00 60.93 ? 60  GLN A CB  1 
ATOM   463  C CG  . GLN A 1 72  ? -0.043  6.827   3.867   1.00 63.34 ? 60  GLN A CG  1 
ATOM   464  C CD  . GLN A 1 72  ? 0.400   5.845   4.963   1.00 65.86 ? 60  GLN A CD  1 
ATOM   465  O OE1 . GLN A 1 72  ? 1.151   4.876   4.679   1.00 72.02 ? 60  GLN A OE1 1 
ATOM   466  N NE2 . GLN A 1 72  ? -0.087  6.067   6.214   1.00 68.16 ? 60  GLN A NE2 1 
ATOM   467  N N   . ILE A 1 73  ? -0.372  5.619   -0.243  1.00 59.08 ? 61  ILE A N   1 
ATOM   468  C CA  . ILE A 1 73  ? -0.299  4.437   -1.121  1.00 58.34 ? 61  ILE A CA  1 
ATOM   469  C C   . ILE A 1 73  ? -0.068  3.175   -0.281  1.00 57.43 ? 61  ILE A C   1 
ATOM   470  O O   . ILE A 1 73  ? 0.758   3.172   0.604   1.00 58.46 ? 61  ILE A O   1 
ATOM   471  C CB  . ILE A 1 73  ? 0.834   4.558   -2.170  1.00 58.10 ? 61  ILE A CB  1 
ATOM   472  C CG1 . ILE A 1 73  ? 0.666   5.814   -3.027  1.00 59.23 ? 61  ILE A CG1 1 
ATOM   473  C CG2 . ILE A 1 73  ? 0.850   3.296   -3.097  1.00 59.07 ? 61  ILE A CG2 1 
ATOM   474  C CD1 . ILE A 1 73  ? 1.935   6.284   -3.708  1.00 58.97 ? 61  ILE A CD1 1 
ATOM   475  N N   . ILE A 1 74  ? -0.807  2.118   -0.581  1.00 56.46 ? 62  ILE A N   1 
ATOM   476  C CA  . ILE A 1 74  ? -0.661  0.822   0.051   1.00 56.12 ? 62  ILE A CA  1 
ATOM   477  C C   . ILE A 1 74  ? 0.399   -0.110  -0.630  1.00 56.35 ? 62  ILE A C   1 
ATOM   478  O O   . ILE A 1 74  ? 0.306   -0.405  -1.824  1.00 56.81 ? 62  ILE A O   1 
ATOM   479  C CB  . ILE A 1 74  ? -2.027  0.129   0.053   1.00 56.15 ? 62  ILE A CB  1 
ATOM   480  C CG1 . ILE A 1 74  ? -3.005  0.972   0.876   1.00 58.44 ? 62  ILE A CG1 1 
ATOM   481  C CG2 . ILE A 1 74  ? -1.906  -1.328  0.582   1.00 55.08 ? 62  ILE A CG2 1 
ATOM   482  C CD1 . ILE A 1 74  ? -4.430  0.588   0.694   1.00 61.69 ? 62  ILE A CD1 1 
ATOM   483  N N   . ALA A 1 75  ? 1.352   -0.602  0.162   1.00 55.52 ? 63  ALA A N   1 
ATOM   484  C CA  . ALA A 1 75  ? 2.344   -1.586  -0.275  1.00 54.85 ? 63  ALA A CA  1 
ATOM   485  C C   . ALA A 1 75  ? 3.126   -1.050  -1.455  1.00 53.64 ? 63  ALA A C   1 
ATOM   486  O O   . ALA A 1 75  ? 3.360   -1.755  -2.429  1.00 53.38 ? 63  ALA A O   1 
ATOM   487  C CB  . ALA A 1 75  ? 1.675   -2.938  -0.624  1.00 54.88 ? 63  ALA A CB  1 
ATOM   488  N N   . SER A 1 76  ? 3.554   0.199   -1.317  1.00 53.16 ? 64  SER A N   1 
ATOM   489  C CA  . SER A 1 76  ? 4.176   0.960   -2.392  1.00 52.59 ? 64  SER A CA  1 
ATOM   490  C C   . SER A 1 76  ? 5.457   0.309   -2.943  1.00 51.12 ? 64  SER A C   1 
ATOM   491  O O   . SER A 1 76  ? 5.682   0.248   -4.161  1.00 51.26 ? 64  SER A O   1 
ATOM   492  C CB  . SER A 1 76  ? 4.415   2.417   -1.917  1.00 52.63 ? 64  SER A CB  1 
ATOM   493  O OG  . SER A 1 76  ? 5.533   2.533   -1.040  1.00 54.93 ? 64  SER A OG  1 
ATOM   494  N N   . GLY A 1 77  ? 6.299   -0.167  -2.048  1.00 50.21 ? 65  GLY A N   1 
ATOM   495  C CA  . GLY A 1 77  ? 7.525   -0.871  -2.443  1.00 50.06 ? 65  GLY A CA  1 
ATOM   496  C C   . GLY A 1 77  ? 7.364   -2.219  -3.161  1.00 49.10 ? 65  GLY A C   1 
ATOM   497  O O   . GLY A 1 77  ? 8.338   -2.760  -3.664  1.00 48.53 ? 65  GLY A O   1 
ATOM   498  N N   . PHE A 1 78  ? 6.138   -2.750  -3.202  1.00 49.03 ? 66  PHE A N   1 
ATOM   499  C CA  . PHE A 1 78  ? 5.874   -4.064  -3.796  1.00 49.11 ? 66  PHE A CA  1 
ATOM   500  C C   . PHE A 1 78  ? 5.219   -3.941  -5.174  1.00 48.78 ? 66  PHE A C   1 
ATOM   501  O O   . PHE A 1 78  ? 5.178   -4.912  -5.937  1.00 47.97 ? 66  PHE A O   1 
ATOM   502  C CB  . PHE A 1 78  ? 5.003   -4.910  -2.846  1.00 49.37 ? 66  PHE A CB  1 
ATOM   503  C CG  . PHE A 1 78  ? 5.689   -5.270  -1.546  1.00 48.98 ? 66  PHE A CG  1 
ATOM   504  C CD1 . PHE A 1 78  ? 6.509   -6.379  -1.468  1.00 48.96 ? 66  PHE A CD1 1 
ATOM   505  C CD2 . PHE A 1 78  ? 5.498   -4.503  -0.410  1.00 49.86 ? 66  PHE A CD2 1 
ATOM   506  C CE1 . PHE A 1 78  ? 7.165   -6.724  -0.255  1.00 51.56 ? 66  PHE A CE1 1 
ATOM   507  C CE2 . PHE A 1 78  ? 6.149   -4.836  0.815   1.00 51.43 ? 66  PHE A CE2 1 
ATOM   508  C CZ  . PHE A 1 78  ? 6.973   -5.940  0.889   1.00 49.94 ? 66  PHE A CZ  1 
ATOM   509  N N   . ILE A 1 79  ? 4.732   -2.742  -5.500  1.00 48.99 ? 67  ILE A N   1 
ATOM   510  C CA  . ILE A 1 79  ? 3.916   -2.550  -6.704  1.00 49.23 ? 67  ILE A CA  1 
ATOM   511  C C   . ILE A 1 79  ? 4.654   -2.960  -7.950  1.00 49.01 ? 67  ILE A C   1 
ATOM   512  O O   . ILE A 1 79  ? 4.117   -3.743  -8.745  1.00 48.80 ? 67  ILE A O   1 
ATOM   513  C CB  . ILE A 1 79  ? 3.397   -1.087  -6.812  1.00 49.72 ? 67  ILE A CB  1 
ATOM   514  C CG1 . ILE A 1 79  ? 2.429   -0.768  -5.667  1.00 49.49 ? 67  ILE A CG1 1 
ATOM   515  C CG2 . ILE A 1 79  ? 2.682   -0.859  -8.142  1.00 49.31 ? 67  ILE A CG2 1 
ATOM   516  C CD1 . ILE A 1 79  ? 2.228   0.744   -5.430  1.00 50.70 ? 67  ILE A CD1 1 
ATOM   517  N N   . PHE A 1 80  ? 5.916   -2.517  -8.075  1.00 48.69 ? 68  PHE A N   1 
ATOM   518  C CA  . PHE A 1 80  ? 6.686   -2.679  -9.308  1.00 48.20 ? 68  PHE A CA  1 
ATOM   519  C C   . PHE A 1 80  ? 7.728   -3.813  -9.304  1.00 49.08 ? 68  PHE A C   1 
ATOM   520  O O   . PHE A 1 80  ? 8.581   -3.872  -10.197 1.00 48.62 ? 68  PHE A O   1 
ATOM   521  C CB  . PHE A 1 80  ? 7.280   -1.311  -9.741  1.00 47.76 ? 68  PHE A CB  1 
ATOM   522  C CG  . PHE A 1 80  ? 6.203   -0.287  -10.174 1.00 47.09 ? 68  PHE A CG  1 
ATOM   523  C CD1 . PHE A 1 80  ? 5.589   -0.383  -11.426 1.00 46.48 ? 68  PHE A CD1 1 
ATOM   524  C CD2 . PHE A 1 80  ? 5.780   0.720   -9.304  1.00 46.01 ? 68  PHE A CD2 1 
ATOM   525  C CE1 . PHE A 1 80  ? 4.582   0.528   -11.817 1.00 45.88 ? 68  PHE A CE1 1 
ATOM   526  C CE2 . PHE A 1 80  ? 4.798   1.623   -9.656  1.00 44.06 ? 68  PHE A CE2 1 
ATOM   527  C CZ  . PHE A 1 80  ? 4.180   1.518   -10.941 1.00 47.69 ? 68  PHE A CZ  1 
ATOM   528  N N   . SER A 1 81  ? 7.645   -4.761  -8.366  1.00 50.25 ? 69  SER A N   1 
ATOM   529  C CA  . SER A 1 81  ? 8.500   -5.963  -8.500  1.00 51.74 ? 69  SER A CA  1 
ATOM   530  C C   . SER A 1 81  ? 8.072   -6.860  -9.668  1.00 52.22 ? 69  SER A C   1 
ATOM   531  O O   . SER A 1 81  ? 7.008   -6.684  -10.271 1.00 51.77 ? 69  SER A O   1 
ATOM   532  C CB  . SER A 1 81  ? 8.594   -6.785  -7.207  1.00 51.66 ? 69  SER A CB  1 
ATOM   533  O OG  . SER A 1 81  ? 7.334   -7.057  -6.649  1.00 54.70 ? 69  SER A OG  1 
ATOM   534  N N   . SER A 1 82  ? 8.956   -7.779  -10.028 1.00 52.93 ? 70  SER A N   1 
ATOM   535  C CA  . SER A 1 82  ? 8.571   -8.970  -10.796 1.00 53.76 ? 70  SER A CA  1 
ATOM   536  C C   . SER A 1 82  ? 7.524   -9.793  -10.010 1.00 53.87 ? 70  SER A C   1 
ATOM   537  O O   . SER A 1 82  ? 7.649   -9.989  -8.798  1.00 54.04 ? 70  SER A O   1 
ATOM   538  C CB  . SER A 1 82  ? 9.818   -9.798  -11.066 1.00 53.83 ? 70  SER A CB  1 
ATOM   539  O OG  . SER A 1 82  ? 10.863  -9.298  -10.241 1.00 55.46 ? 70  SER A OG  1 
ATOM   540  N N   . GLU A 1 83  ? 6.477   -10.240 -10.694 1.00 54.14 ? 71  GLU A N   1 
ATOM   541  C CA  . GLU A 1 83  ? 5.376   -10.963 -10.039 1.00 53.84 ? 71  GLU A CA  1 
ATOM   542  C C   . GLU A 1 83  ? 4.952   -10.270 -8.726  1.00 52.38 ? 71  GLU A C   1 
ATOM   543  O O   . GLU A 1 83  ? 5.145   -10.800 -7.646  1.00 52.93 ? 71  GLU A O   1 
ATOM   544  C CB  . GLU A 1 83  ? 5.775   -12.431 -9.814  1.00 54.21 ? 71  GLU A CB  1 
ATOM   545  C CG  . GLU A 1 83  ? 4.622   -13.360 -9.435  1.00 55.02 ? 71  GLU A CG  1 
ATOM   546  C CD  . GLU A 1 83  ? 5.079   -14.783 -9.118  1.00 55.37 ? 71  GLU A CD  1 
ATOM   547  O OE1 . GLU A 1 83  ? 5.747   -15.413 -9.977  1.00 55.97 ? 71  GLU A OE1 1 
ATOM   548  O OE2 . GLU A 1 83  ? 4.771   -15.262 -7.998  1.00 57.77 ? 71  GLU A OE2 1 
ATOM   549  N N   . PRO A 1 84  ? 4.365   -9.082  -8.838  1.00 50.73 ? 72  PRO A N   1 
ATOM   550  C CA  . PRO A 1 84  ? 3.999   -8.279  -7.673  1.00 50.05 ? 72  PRO A CA  1 
ATOM   551  C C   . PRO A 1 84  ? 2.773   -8.781  -6.905  1.00 50.23 ? 72  PRO A C   1 
ATOM   552  O O   . PRO A 1 84  ? 1.713   -8.980  -7.509  1.00 48.82 ? 72  PRO A O   1 
ATOM   553  C CB  . PRO A 1 84  ? 3.679   -6.909  -8.276  1.00 49.37 ? 72  PRO A CB  1 
ATOM   554  C CG  . PRO A 1 84  ? 3.359   -7.161  -9.682  1.00 49.64 ? 72  PRO A CG  1 
ATOM   555  C CD  . PRO A 1 84  ? 3.999   -8.424  -10.110 1.00 49.72 ? 72  PRO A CD  1 
ATOM   556  N N   . ARG A 1 85  ? 2.923   -8.887  -5.573  1.00 50.47 ? 73  ARG A N   1 
ATOM   557  C CA  . ARG A 1 85  ? 1.948   -9.517  -4.689  1.00 50.99 ? 73  ARG A CA  1 
ATOM   558  C C   . ARG A 1 85  ? 1.873   -8.815  -3.346  1.00 50.66 ? 73  ARG A C   1 
ATOM   559  O O   . ARG A 1 85  ? 2.898   -8.430  -2.787  1.00 50.08 ? 73  ARG A O   1 
ATOM   560  C CB  . ARG A 1 85  ? 2.334   -10.963 -4.446  1.00 51.71 ? 73  ARG A CB  1 
ATOM   561  C CG  . ARG A 1 85  ? 1.985   -11.941 -5.563  1.00 52.32 ? 73  ARG A CG  1 
ATOM   562  C CD  . ARG A 1 85  ? 2.504   -13.281 -5.244  1.00 53.28 ? 73  ARG A CD  1 
ATOM   563  N NE  . ARG A 1 85  ? 2.110   -14.444 -6.062  1.00 56.83 ? 73  ARG A NE  1 
ATOM   564  C CZ  . ARG A 1 85  ? 0.965   -14.666 -6.754  1.00 58.06 ? 73  ARG A CZ  1 
ATOM   565  N NH1 . ARG A 1 85  ? -0.055  -13.805 -6.843  1.00 57.38 ? 73  ARG A NH1 1 
ATOM   566  N NH2 . ARG A 1 85  ? 0.855   -15.830 -7.381  1.00 59.09 ? 73  ARG A NH2 1 
ATOM   567  N N   . PHE A 1 86  ? 0.653   -8.649  -2.830  1.00 50.19 ? 74  PHE A N   1 
ATOM   568  C CA  . PHE A 1 86  ? 0.470   -8.129  -1.483  1.00 49.52 ? 74  PHE A CA  1 
ATOM   569  C C   . PHE A 1 86  ? 1.116   -9.105  -0.470  1.00 49.20 ? 74  PHE A C   1 
ATOM   570  O O   . PHE A 1 86  ? 0.776   -10.302 -0.454  1.00 48.38 ? 74  PHE A O   1 
ATOM   571  C CB  . PHE A 1 86  ? -1.029  -7.880  -1.169  1.00 49.52 ? 74  PHE A CB  1 
ATOM   572  C CG  . PHE A 1 86  ? -1.653  -6.781  -2.007  1.00 49.97 ? 74  PHE A CG  1 
ATOM   573  C CD1 . PHE A 1 86  ? -1.487  -5.438  -1.668  1.00 49.95 ? 74  PHE A CD1 1 
ATOM   574  C CD2 . PHE A 1 86  ? -2.347  -7.093  -3.184  1.00 50.96 ? 74  PHE A CD2 1 
ATOM   575  C CE1 . PHE A 1 86  ? -2.045  -4.419  -2.456  1.00 51.07 ? 74  PHE A CE1 1 
ATOM   576  C CE2 . PHE A 1 86  ? -2.906  -6.079  -3.985  1.00 51.39 ? 74  PHE A CE2 1 
ATOM   577  C CZ  . PHE A 1 86  ? -2.763  -4.741  -3.624  1.00 50.46 ? 74  PHE A CZ  1 
ATOM   578  N N   . PRO A 1 87  ? 2.035   -8.594  0.364   1.00 48.78 ? 75  PRO A N   1 
ATOM   579  C CA  . PRO A 1 87  ? 2.753   -9.431  1.359   1.00 49.46 ? 75  PRO A CA  1 
ATOM   580  C C   . PRO A 1 87  ? 1.937   -9.765  2.622   1.00 49.36 ? 75  PRO A C   1 
ATOM   581  O O   . PRO A 1 87  ? 2.315   -10.642 3.371   1.00 49.34 ? 75  PRO A O   1 
ATOM   582  C CB  . PRO A 1 87  ? 3.968   -8.560  1.740   1.00 49.54 ? 75  PRO A CB  1 
ATOM   583  C CG  . PRO A 1 87  ? 3.491   -7.115  1.549   1.00 49.19 ? 75  PRO A CG  1 
ATOM   584  C CD  . PRO A 1 87  ? 2.454   -7.178  0.439   1.00 48.64 ? 75  PRO A CD  1 
ATOM   585  N N   . VAL A 1 88  ? 0.836   -9.046  2.837   1.00 49.60 ? 76  VAL A N   1 
ATOM   586  C CA  . VAL A 1 88  ? -0.003  -9.200  4.025   1.00 49.66 ? 76  VAL A CA  1 
ATOM   587  C C   . VAL A 1 88  ? -1.461  -9.116  3.643   1.00 48.55 ? 76  VAL A C   1 
ATOM   588  O O   . VAL A 1 88  ? -1.791  -8.542  2.615   1.00 49.32 ? 76  VAL A O   1 
ATOM   589  C CB  . VAL A 1 88  ? 0.288   -8.059  5.080   1.00 49.91 ? 76  VAL A CB  1 
ATOM   590  C CG1 . VAL A 1 88  ? 1.750   -8.101  5.536   1.00 51.51 ? 76  VAL A CG1 1 
ATOM   591  C CG2 . VAL A 1 88  ? -0.042  -6.688  4.528   1.00 50.32 ? 76  VAL A CG2 1 
ATOM   592  N N   . ASN A 1 89  ? -2.333  -9.667  4.475   1.00 48.05 ? 77  ASN A N   1 
ATOM   593  C CA  . ASN A 1 89  ? -3.734  -9.294  4.457   1.00 47.80 ? 77  ASN A CA  1 
ATOM   594  C C   . ASN A 1 89  ? -3.894  -7.791  4.727   1.00 47.87 ? 77  ASN A C   1 
ATOM   595  O O   . ASN A 1 89  ? -3.238  -7.240  5.611   1.00 47.79 ? 77  ASN A O   1 
ATOM   596  C CB  . ASN A 1 89  ? -4.503  -10.050 5.522   1.00 48.05 ? 77  ASN A CB  1 
ATOM   597  C CG  . ASN A 1 89  ? -4.779  -11.486 5.165   1.00 47.73 ? 77  ASN A CG  1 
ATOM   598  O OD1 . ASN A 1 89  ? -4.404  -11.987 4.113   1.00 49.06 ? 77  ASN A OD1 1 
ATOM   599  N ND2 . ASN A 1 89  ? -5.471  -12.156 6.053   1.00 48.51 ? 77  ASN A ND2 1 
ATOM   600  N N   . VAL A 1 90  ? -4.747  -7.137  3.949   1.00 48.33 ? 78  VAL A N   1 
ATOM   601  C CA  . VAL A 1 90  ? -5.149  -5.756  4.199   1.00 48.90 ? 78  VAL A CA  1 
ATOM   602  C C   . VAL A 1 90  ? -6.643  -5.768  4.530   1.00 49.91 ? 78  VAL A C   1 
ATOM   603  O O   . VAL A 1 90  ? -7.465  -6.216  3.729   1.00 50.03 ? 78  VAL A O   1 
ATOM   604  C CB  . VAL A 1 90  ? -4.842  -4.830  2.997   1.00 48.66 ? 78  VAL A CB  1 
ATOM   605  C CG1 . VAL A 1 90  ? -5.197  -3.360  3.311   1.00 49.07 ? 78  VAL A CG1 1 
ATOM   606  C CG2 . VAL A 1 90  ? -3.370  -4.922  2.617   1.00 48.81 ? 78  VAL A CG2 1 
ATOM   607  N N   . VAL A 1 91  ? -6.981  -5.276  5.722   1.00 51.47 ? 79  VAL A N   1 
ATOM   608  C CA  . VAL A 1 91  ? -8.333  -5.358  6.260   1.00 52.07 ? 79  VAL A CA  1 
ATOM   609  C C   . VAL A 1 91  ? -8.822  -3.975  6.710   1.00 52.31 ? 79  VAL A C   1 
ATOM   610  O O   . VAL A 1 91  ? -8.045  -3.203  7.258   1.00 51.77 ? 79  VAL A O   1 
ATOM   611  C CB  . VAL A 1 91  ? -8.363  -6.290  7.474   1.00 52.69 ? 79  VAL A CB  1 
ATOM   612  C CG1 . VAL A 1 91  ? -9.819  -6.523  7.937   1.00 53.43 ? 79  VAL A CG1 1 
ATOM   613  C CG2 . VAL A 1 91  ? -7.661  -7.615  7.159   1.00 52.69 ? 79  VAL A CG2 1 
ATOM   614  N N   . ALA A 1 92  ? -10.111 -3.678  6.490   1.00 52.60 ? 80  ALA A N   1 
ATOM   615  C CA  . ALA A 1 92  ? -10.705 -2.408  6.943   1.00 52.65 ? 80  ALA A CA  1 
ATOM   616  C C   . ALA A 1 92  ? -10.898 -2.444  8.455   1.00 53.01 ? 80  ALA A C   1 
ATOM   617  O O   . ALA A 1 92  ? -11.570 -3.337  8.971   1.00 53.29 ? 80  ALA A O   1 
ATOM   618  C CB  . ALA A 1 92  ? -12.039 -2.135  6.239   1.00 53.07 ? 80  ALA A CB  1 
ATOM   619  N N   . GLY A 1 93  ? -10.278 -1.491  9.153   1.00 52.82 ? 81  GLY A N   1 
ATOM   620  C CA  . GLY A 1 93  ? -10.446 -1.343  10.593  1.00 52.88 ? 81  GLY A CA  1 
ATOM   621  C C   . GLY A 1 93  ? -11.726 -0.597  10.924  1.00 53.11 ? 81  GLY A C   1 
ATOM   622  O O   . GLY A 1 93  ? -12.294 -0.767  12.005  1.00 52.68 ? 81  GLY A O   1 
ATOM   623  N N   . GLU A 1 94  ? -12.153 0.242   9.983   1.00 53.20 ? 82  GLU A N   1 
ATOM   624  C CA  . GLU A 1 94  ? -13.409 0.948   10.036  1.00 54.21 ? 82  GLU A CA  1 
ATOM   625  C C   . GLU A 1 94  ? -13.896 1.171   8.601   1.00 53.54 ? 82  GLU A C   1 
ATOM   626  O O   . GLU A 1 94  ? -13.165 0.887   7.645   1.00 53.14 ? 82  GLU A O   1 
ATOM   627  C CB  . GLU A 1 94  ? -13.233 2.285   10.758  1.00 54.13 ? 82  GLU A CB  1 
ATOM   628  C CG  . GLU A 1 94  ? -12.319 3.287   10.045  1.00 56.56 ? 82  GLU A CG  1 
ATOM   629  C CD  . GLU A 1 94  ? -12.226 4.609   10.797  1.00 57.83 ? 82  GLU A CD  1 
ATOM   630  O OE1 . GLU A 1 94  ? -13.289 5.170   11.149  1.00 63.14 ? 82  GLU A OE1 1 
ATOM   631  O OE2 . GLU A 1 94  ? -11.099 5.088   11.059  1.00 63.50 ? 82  GLU A OE2 1 
ATOM   632  N N   . ASN A 1 95  ? -15.116 1.687   8.446   1.00 53.32 ? 83  ASN A N   1 
ATOM   633  C CA  . ASN A 1 95  ? -15.625 2.043   7.107   1.00 54.02 ? 83  ASN A CA  1 
ATOM   634  C C   . ASN A 1 95  ? -14.556 2.868   6.372   1.00 53.47 ? 83  ASN A C   1 
ATOM   635  O O   . ASN A 1 95  ? -14.044 3.846   6.907   1.00 54.08 ? 83  ASN A O   1 
ATOM   636  C CB  . ASN A 1 95  ? -16.939 2.847   7.186   1.00 53.89 ? 83  ASN A CB  1 
ATOM   637  C CG  . ASN A 1 95  ? -18.109 2.034   7.737   1.00 55.47 ? 83  ASN A CG  1 
ATOM   638  O OD1 . ASN A 1 95  ? -17.975 0.851   8.047   1.00 58.39 ? 83  ASN A OD1 1 
ATOM   639  N ND2 . ASN A 1 95  ? -19.260 2.684   7.888   1.00 55.89 ? 83  ASN A ND2 1 
ATOM   640  N N   . SER A 1 96  ? -14.186 2.455   5.174   1.00 53.13 ? 84  SER A N   1 
ATOM   641  C CA  . SER A 1 96  ? -13.070 3.090   4.480   1.00 52.88 ? 84  SER A CA  1 
ATOM   642  C C   . SER A 1 96  ? -13.337 3.236   2.978   1.00 53.45 ? 84  SER A C   1 
ATOM   643  O O   . SER A 1 96  ? -14.255 2.596   2.426   1.00 53.64 ? 84  SER A O   1 
ATOM   644  C CB  . SER A 1 96  ? -11.794 2.287   4.712   1.00 53.06 ? 84  SER A CB  1 
ATOM   645  O OG  . SER A 1 96  ? -11.464 2.161   6.082   1.00 51.00 ? 84  SER A OG  1 
ATOM   646  N N   . LYS A 1 97  ? -12.558 4.108   2.336   1.00 53.57 ? 85  LYS A N   1 
ATOM   647  C CA  . LYS A 1 97  ? -12.628 4.337   0.893   1.00 53.63 ? 85  LYS A CA  1 
ATOM   648  C C   . LYS A 1 97  ? -11.219 4.413   0.335   1.00 53.51 ? 85  LYS A C   1 
ATOM   649  O O   . LYS A 1 97  ? -10.321 5.014   0.920   1.00 52.53 ? 85  LYS A O   1 
ATOM   650  C CB  . LYS A 1 97  ? -13.367 5.634   0.541   1.00 53.65 ? 85  LYS A CB  1 
ATOM   651  C CG  . LYS A 1 97  ? -14.713 5.779   1.221   1.00 54.64 ? 85  LYS A CG  1 
ATOM   652  C CD  . LYS A 1 97  ? -15.502 6.981   0.703   1.00 54.42 ? 85  LYS A CD  1 
ATOM   653  C CE  . LYS A 1 97  ? -16.828 7.113   1.406   1.00 54.31 ? 85  LYS A CE  1 
ATOM   654  N NZ  . LYS A 1 97  ? -17.466 8.417   1.075   1.00 57.07 ? 85  LYS A NZ  1 
ATOM   655  N N   . ILE A 1 98  ? -11.059 3.816   -0.833  1.00 54.23 ? 86  ILE A N   1 
ATOM   656  C CA  . ILE A 1 98  ? -9.781  3.666   -1.483  1.00 54.29 ? 86  ILE A CA  1 
ATOM   657  C C   . ILE A 1 98  ? -9.909  4.118   -2.924  1.00 53.82 ? 86  ILE A C   1 
ATOM   658  O O   . ILE A 1 98  ? -10.968 3.996   -3.529  1.00 53.24 ? 86  ILE A O   1 
ATOM   659  C CB  . ILE A 1 98  ? -9.362  2.171   -1.344  1.00 54.77 ? 86  ILE A CB  1 
ATOM   660  C CG1 . ILE A 1 98  ? -8.784  1.968   0.060   1.00 54.93 ? 86  ILE A CG1 1 
ATOM   661  C CG2 . ILE A 1 98  ? -8.360  1.686   -2.437  1.00 55.99 ? 86  ILE A CG2 1 
ATOM   662  C CD1 . ILE A 1 98  ? -8.665  0.512   0.451   1.00 56.18 ? 86  ILE A CD1 1 
ATOM   663  N N   . LEU A 1 99  ? -8.807  4.663   -3.447  1.00 53.67 ? 87  LEU A N   1 
ATOM   664  C CA  . LEU A 1 99  ? -8.674  5.010   -4.850  1.00 52.87 ? 87  LEU A CA  1 
ATOM   665  C C   . LEU A 1 99  ? -7.804  3.934   -5.491  1.00 53.19 ? 87  LEU A C   1 
ATOM   666  O O   . LEU A 1 99  ? -6.744  3.579   -4.942  1.00 53.60 ? 87  LEU A O   1 
ATOM   667  C CB  . LEU A 1 99  ? -8.005  6.377   -5.016  1.00 52.41 ? 87  LEU A CB  1 
ATOM   668  C CG  . LEU A 1 99  ? -7.653  6.905   -6.422  1.00 52.93 ? 87  LEU A CG  1 
ATOM   669  C CD1 . LEU A 1 99  ? -8.865  7.027   -7.379  1.00 50.30 ? 87  LEU A CD1 1 
ATOM   670  C CD2 . LEU A 1 99  ? -6.941  8.271   -6.257  1.00 52.62 ? 87  LEU A CD2 1 
ATOM   671  N N   . SER A 1 100 ? -8.250  3.458   -6.654  1.00 51.60 ? 88  SER A N   1 
ATOM   672  C CA  . SER A 1 100 ? -7.616  2.388   -7.373  1.00 51.67 ? 88  SER A CA  1 
ATOM   673  C C   . SER A 1 100 ? -7.248  2.901   -8.776  1.00 51.30 ? 88  SER A C   1 
ATOM   674  O O   . SER A 1 100 ? -8.134  3.131   -9.603  1.00 51.38 ? 88  SER A O   1 
ATOM   675  C CB  . SER A 1 100 ? -8.607  1.205   -7.481  1.00 51.73 ? 88  SER A CB  1 
ATOM   676  O OG  . SER A 1 100 ? -8.004  0.048   -8.063  1.00 52.63 ? 88  SER A OG  1 
ATOM   677  N N   . ILE A 1 101 ? -5.961  3.098   -9.021  1.00 51.04 ? 89  ILE A N   1 
ATOM   678  C CA  . ILE A 1 101 ? -5.459  3.561   -10.314 1.00 51.18 ? 89  ILE A CA  1 
ATOM   679  C C   . ILE A 1 101 ? -4.746  2.420   -11.064 1.00 50.56 ? 89  ILE A C   1 
ATOM   680  O O   . ILE A 1 101 ? -3.854  1.814   -10.492 1.00 50.93 ? 89  ILE A O   1 
ATOM   681  C CB  . ILE A 1 101 ? -4.441  4.728   -10.109 1.00 50.86 ? 89  ILE A CB  1 
ATOM   682  C CG1 . ILE A 1 101 ? -5.076  5.858   -9.271  1.00 51.43 ? 89  ILE A CG1 1 
ATOM   683  C CG2 . ILE A 1 101 ? -3.953  5.244   -11.444 1.00 50.49 ? 89  ILE A CG2 1 
ATOM   684  C CD1 . ILE A 1 101 ? -4.138  6.980   -8.956  1.00 51.38 ? 89  ILE A CD1 1 
ATOM   685  N N   . PRO A 1 102 ? -5.072  2.198   -12.338 1.00 50.02 ? 90  PRO A N   1 
ATOM   686  C CA  . PRO A 1 102 ? -4.355  1.219   -13.160 1.00 50.30 ? 90  PRO A CA  1 
ATOM   687  C C   . PRO A 1 102 ? -2.854  1.510   -13.218 1.00 50.90 ? 90  PRO A C   1 
ATOM   688  O O   . PRO A 1 102 ? -2.429  2.674   -13.347 1.00 50.71 ? 90  PRO A O   1 
ATOM   689  C CB  . PRO A 1 102 ? -5.004  1.340   -14.561 1.00 49.87 ? 90  PRO A CB  1 
ATOM   690  C CG  . PRO A 1 102 ? -6.316  2.028   -14.355 1.00 49.70 ? 90  PRO A CG  1 
ATOM   691  C CD  . PRO A 1 102 ? -6.150  2.864   -13.091 1.00 50.69 ? 90  PRO A CD  1 
ATOM   692  N N   . LYS A 1 103 ? -2.057  0.450   -13.087 1.00 51.03 ? 91  LYS A N   1 
ATOM   693  C CA  . LYS A 1 103 ? -0.610  0.578   -13.026 1.00 51.31 ? 91  LYS A CA  1 
ATOM   694  C C   . LYS A 1 103 ? -0.014  1.405   -14.184 1.00 50.52 ? 91  LYS A C   1 
ATOM   695  O O   . LYS A 1 103 ? 0.904   2.189   -13.973 1.00 49.80 ? 91  LYS A O   1 
ATOM   696  C CB  . LYS A 1 103 ? 0.045   -0.803  -12.975 1.00 50.79 ? 91  LYS A CB  1 
ATOM   697  C CG  . LYS A 1 103 ? 0.731   -1.093  -11.663 1.00 54.53 ? 91  LYS A CG  1 
ATOM   698  C CD  . LYS A 1 103 ? 1.726   -2.301  -11.743 1.00 53.73 ? 91  LYS A CD  1 
ATOM   699  C CE  . LYS A 1 103 ? 1.240   -3.479  -10.942 1.00 56.43 ? 91  LYS A CE  1 
ATOM   700  N NZ  . LYS A 1 103 ? 2.199   -4.622  -11.041 1.00 58.24 ? 91  LYS A NZ  1 
ATOM   701  N N   . GLU A 1 104 ? -0.510  1.167   -15.400 1.00 50.55 ? 92  GLU A N   1 
ATOM   702  C CA  . GLU A 1 104 ? 0.004   1.832   -16.603 1.00 50.86 ? 92  GLU A CA  1 
ATOM   703  C C   . GLU A 1 104 ? -0.288  3.320   -16.581 1.00 49.49 ? 92  GLU A C   1 
ATOM   704  O O   . GLU A 1 104 ? 0.567   4.121   -16.984 1.00 49.37 ? 92  GLU A O   1 
ATOM   705  C CB  . GLU A 1 104 ? -0.572  1.225   -17.899 1.00 50.97 ? 92  GLU A CB  1 
ATOM   706  C CG  . GLU A 1 104 ? -0.135  -0.207  -18.186 1.00 55.87 ? 92  GLU A CG  1 
ATOM   707  C CD  . GLU A 1 104 ? 1.392   -0.399  -18.253 1.00 61.58 ? 92  GLU A CD  1 
ATOM   708  O OE1 . GLU A 1 104 ? 2.102   0.524   -18.704 1.00 63.71 ? 92  GLU A OE1 1 
ATOM   709  O OE2 . GLU A 1 104 ? 1.887   -1.482  -17.854 1.00 65.69 ? 92  GLU A OE2 1 
ATOM   710  N N   . VAL A 1 105 ? -1.494  3.673   -16.129 1.00 48.27 ? 93  VAL A N   1 
ATOM   711  C CA  . VAL A 1 105 ? -1.857  5.046   -15.916 1.00 47.61 ? 93  VAL A CA  1 
ATOM   712  C C   . VAL A 1 105 ? -0.995  5.649   -14.792 1.00 49.09 ? 93  VAL A C   1 
ATOM   713  O O   . VAL A 1 105 ? -0.525  6.802   -14.926 1.00 48.76 ? 93  VAL A O   1 
ATOM   714  C CB  . VAL A 1 105 ? -3.350  5.191   -15.609 1.00 47.21 ? 93  VAL A CB  1 
ATOM   715  C CG1 . VAL A 1 105 ? -3.700  6.635   -15.283 1.00 46.25 ? 93  VAL A CG1 1 
ATOM   716  C CG2 . VAL A 1 105 ? -4.206  4.694   -16.789 1.00 47.29 ? 93  VAL A CG2 1 
ATOM   717  N N   . PHE A 1 106 ? -0.772  4.908   -13.694 1.00 49.69 ? 94  PHE A N   1 
ATOM   718  C CA  . PHE A 1 106 ? 0.071   5.480   -12.629 1.00 51.27 ? 94  PHE A CA  1 
ATOM   719  C C   . PHE A 1 106 ? 1.482   5.778   -13.169 1.00 50.97 ? 94  PHE A C   1 
ATOM   720  O O   . PHE A 1 106 ? 2.019   6.830   -12.909 1.00 50.75 ? 94  PHE A O   1 
ATOM   721  C CB  . PHE A 1 106 ? 0.123   4.608   -11.374 1.00 51.74 ? 94  PHE A CB  1 
ATOM   722  C CG  . PHE A 1 106 ? 0.701   5.321   -10.176 1.00 52.71 ? 94  PHE A CG  1 
ATOM   723  C CD1 . PHE A 1 106 ? -0.035  6.298   -9.510  1.00 53.90 ? 94  PHE A CD1 1 
ATOM   724  C CD2 . PHE A 1 106 ? 2.000   5.037   -9.723  1.00 52.75 ? 94  PHE A CD2 1 
ATOM   725  C CE1 . PHE A 1 106 ? 0.514   6.987   -8.389  1.00 53.14 ? 94  PHE A CE1 1 
ATOM   726  C CE2 . PHE A 1 106 ? 2.558   5.710   -8.621  1.00 52.86 ? 94  PHE A CE2 1 
ATOM   727  C CZ  . PHE A 1 106 ? 1.812   6.678   -7.946  1.00 54.41 ? 94  PHE A CZ  1 
ATOM   728  N N   . LEU A 1 107 ? 2.037   4.898   -13.992 1.00 51.61 ? 95  LEU A N   1 
ATOM   729  C CA  . LEU A 1 107 ? 3.332   5.186   -14.643 1.00 52.27 ? 95  LEU A CA  1 
ATOM   730  C C   . LEU A 1 107 ? 3.322   6.456   -15.500 1.00 51.97 ? 95  LEU A C   1 
ATOM   731  O O   . LEU A 1 107 ? 4.294   7.205   -15.484 1.00 51.64 ? 95  LEU A O   1 
ATOM   732  C CB  . LEU A 1 107 ? 3.781   4.035   -15.555 1.00 52.75 ? 95  LEU A CB  1 
ATOM   733  C CG  . LEU A 1 107 ? 4.492   2.843   -14.953 1.00 54.15 ? 95  LEU A CG  1 
ATOM   734  C CD1 . LEU A 1 107 ? 4.599   1.783   -16.037 1.00 55.06 ? 95  LEU A CD1 1 
ATOM   735  C CD2 . LEU A 1 107 ? 5.881   3.176   -14.393 1.00 55.82 ? 95  LEU A CD2 1 
ATOM   736  N N   . ASP A 1 108 ? 2.247   6.649   -16.279 1.00 51.28 ? 96  ASP A N   1 
ATOM   737  C CA  . ASP A 1 108 ? 2.094   7.832   -17.129 1.00 50.50 ? 96  ASP A CA  1 
ATOM   738  C C   . ASP A 1 108 ? 2.120   9.086   -16.272 1.00 50.79 ? 96  ASP A C   1 
ATOM   739  O O   . ASP A 1 108 ? 2.754   10.044  -16.648 1.00 51.01 ? 96  ASP A O   1 
ATOM   740  C CB  . ASP A 1 108 ? 0.776   7.825   -17.940 1.00 49.95 ? 96  ASP A CB  1 
ATOM   741  C CG  . ASP A 1 108 ? 0.691   6.701   -18.958 1.00 48.82 ? 96  ASP A CG  1 
ATOM   742  O OD1 . ASP A 1 108 ? 1.727   6.130   -19.319 1.00 48.49 ? 96  ASP A OD1 1 
ATOM   743  O OD2 . ASP A 1 108 ? -0.386  6.325   -19.478 1.00 48.49 ? 96  ASP A OD2 1 
ATOM   744  N N   . LEU A 1 109 ? 1.400   9.077   -15.151 1.00 51.18 ? 97  LEU A N   1 
ATOM   745  C CA  . LEU A 1 109 ? 1.370   10.204  -14.216 1.00 52.13 ? 97  LEU A CA  1 
ATOM   746  C C   . LEU A 1 109 ? 2.759   10.529  -13.624 1.00 53.18 ? 97  LEU A C   1 
ATOM   747  O O   . LEU A 1 109 ? 3.129   11.697  -13.518 1.00 53.37 ? 97  LEU A O   1 
ATOM   748  C CB  . LEU A 1 109 ? 0.393   9.930   -13.068 1.00 51.85 ? 97  LEU A CB  1 
ATOM   749  C CG  . LEU A 1 109 ? -1.089  9.916   -13.415 1.00 53.58 ? 97  LEU A CG  1 
ATOM   750  C CD1 . LEU A 1 109 ? -1.916  9.394   -12.262 1.00 53.91 ? 97  LEU A CD1 1 
ATOM   751  C CD2 . LEU A 1 109 ? -1.608  11.300  -13.859 1.00 54.37 ? 97  LEU A CD2 1 
ATOM   752  N N   . LEU A 1 110 ? 3.496   9.487   -13.228 1.00 53.61 ? 98  LEU A N   1 
ATOM   753  C CA  . LEU A 1 110 ? 4.863   9.621   -12.746 1.00 53.91 ? 98  LEU A CA  1 
ATOM   754  C C   . LEU A 1 110 ? 5.748   10.316  -13.768 1.00 54.19 ? 98  LEU A C   1 
ATOM   755  O O   . LEU A 1 110 ? 6.619   11.125  -13.397 1.00 54.27 ? 98  LEU A O   1 
ATOM   756  C CB  . LEU A 1 110 ? 5.470   8.234   -12.453 1.00 53.98 ? 98  LEU A CB  1 
ATOM   757  C CG  . LEU A 1 110 ? 4.925   7.464   -11.245 1.00 55.06 ? 98  LEU A CG  1 
ATOM   758  C CD1 . LEU A 1 110 ? 5.633   6.136   -11.040 1.00 56.63 ? 98  LEU A CD1 1 
ATOM   759  C CD2 . LEU A 1 110 ? 5.059   8.312   -9.984  1.00 56.54 ? 98  LEU A CD2 1 
ATOM   760  N N   . MET A 1 111 ? 5.560   9.979   -15.051 1.00 53.68 ? 99  MET A N   1 
ATOM   761  C CA  . MET A 1 111 ? 6.414   10.530  -16.113 1.00 52.78 ? 99  MET A CA  1 
ATOM   762  C C   . MET A 1 111 ? 6.109   12.002  -16.383 1.00 52.72 ? 99  MET A C   1 
ATOM   763  O O   . MET A 1 111 ? 6.969   12.733  -16.895 1.00 52.52 ? 99  MET A O   1 
ATOM   764  C CB  . MET A 1 111 ? 6.300   9.704   -17.406 1.00 52.32 ? 99  MET A CB  1 
ATOM   765  C CG  . MET A 1 111 ? 6.953   8.308   -17.269 1.00 52.39 ? 99  MET A CG  1 
ATOM   766  S SD  . MET A 1 111 ? 7.033   7.278   -18.748 1.00 51.15 ? 99  MET A SD  1 
ATOM   767  C CE  . MET A 1 111 ? 5.642   7.243   -19.127 1.00 54.78 ? 99  MET A CE  1 
ATOM   768  N N   . LYS A 1 112 ? 4.901   12.447  -16.036 1.00 52.51 ? 100 LYS A N   1 
ATOM   769  C CA  . LYS A 1 112 ? 4.474   13.810  -16.369 1.00 52.79 ? 100 LYS A CA  1 
ATOM   770  C C   . LYS A 1 112 ? 4.539   14.816  -15.215 1.00 53.14 ? 100 LYS A C   1 
ATOM   771  O O   . LYS A 1 112 ? 4.398   16.033  -15.462 1.00 54.42 ? 100 LYS A O   1 
ATOM   772  C CB  . LYS A 1 112 ? 3.057   13.781  -16.947 1.00 52.99 ? 100 LYS A CB  1 
ATOM   773  N N   . ASP A 1 113 ? 4.740   14.330  -13.987 1.00 51.72 ? 101 ASP A N   1 
ATOM   774  C CA  . ASP A 1 113 ? 4.686   15.148  -12.771 1.00 51.87 ? 101 ASP A CA  1 
ATOM   775  C C   . ASP A 1 113 ? 5.884   14.817  -11.844 1.00 51.26 ? 101 ASP A C   1 
ATOM   776  O O   . ASP A 1 113 ? 5.955   13.745  -11.247 1.00 50.25 ? 101 ASP A O   1 
ATOM   777  C CB  . ASP A 1 113 ? 3.343   14.888  -12.069 1.00 51.78 ? 101 ASP A CB  1 
ATOM   778  C CG  . ASP A 1 113 ? 3.110   15.747  -10.841 1.00 52.69 ? 101 ASP A CG  1 
ATOM   779  O OD1 . ASP A 1 113 ? 4.045   16.391  -10.303 1.00 55.79 ? 101 ASP A OD1 1 
ATOM   780  O OD2 . ASP A 1 113 ? 1.984   15.807  -10.305 1.00 52.41 ? 101 ASP A OD2 1 
ATOM   781  N N   . ARG A 1 114 ? 6.816   15.757  -11.745 1.00 50.79 ? 102 ARG A N   1 
ATOM   782  C CA  . ARG A 1 114 ? 8.070   15.542  -11.033 1.00 51.24 ? 102 ARG A CA  1 
ATOM   783  C C   . ARG A 1 114 ? 7.839   15.423  -9.528  1.00 50.57 ? 102 ARG A C   1 
ATOM   784  O O   . ARG A 1 114 ? 8.441   14.598  -8.842  1.00 50.75 ? 102 ARG A O   1 
ATOM   785  C CB  . ARG A 1 114 ? 9.031   16.726  -11.313 1.00 51.52 ? 102 ARG A CB  1 
ATOM   786  C CG  . ARG A 1 114 ? 10.467  16.505  -10.861 1.00 51.33 ? 102 ARG A CG  1 
ATOM   787  C CD  . ARG A 1 114 ? 11.307  17.753  -11.006 1.00 52.21 ? 102 ARG A CD  1 
ATOM   788  N NE  . ARG A 1 114 ? 12.754  17.533  -10.934 1.00 54.25 ? 102 ARG A NE  1 
ATOM   789  C CZ  . ARG A 1 114 ? 13.518  17.130  -11.958 1.00 55.24 ? 102 ARG A CZ  1 
ATOM   790  N NH1 . ARG A 1 114 ? 12.959  16.847  -13.137 1.00 55.74 ? 102 ARG A NH1 1 
ATOM   791  N NH2 . ARG A 1 114 ? 14.839  17.003  -11.805 1.00 52.26 ? 102 ARG A NH2 1 
ATOM   792  N N   . GLU A 1 115 ? 6.963   16.271  -9.027  1.00 50.31 ? 103 GLU A N   1 
ATOM   793  C CA  . GLU A 1 115 ? 6.628   16.316  -7.618  1.00 50.90 ? 103 GLU A CA  1 
ATOM   794  C C   . GLU A 1 115 ? 6.024   14.966  -7.161  1.00 50.73 ? 103 GLU A C   1 
ATOM   795  O O   . GLU A 1 115 ? 6.346   14.475  -6.081  1.00 50.05 ? 103 GLU A O   1 
ATOM   796  C CB  . GLU A 1 115 ? 5.743   17.567  -7.369  1.00 51.16 ? 103 GLU A CB  1 
ATOM   797  C CG  . GLU A 1 115 ? 4.605   17.406  -6.389  1.00 53.23 ? 103 GLU A CG  1 
ATOM   798  C CD  . GLU A 1 115 ? 4.026   18.722  -5.891  1.00 52.98 ? 103 GLU A CD  1 
ATOM   799  O OE1 . GLU A 1 115 ? 3.858   19.645  -6.706  1.00 59.08 ? 103 GLU A OE1 1 
ATOM   800  O OE2 . GLU A 1 115 ? 3.724   18.833  -4.685  1.00 54.79 ? 103 GLU A OE2 1 
ATOM   801  N N   . LEU A 1 116 ? 5.208   14.339  -8.026  1.00 51.09 ? 104 LEU A N   1 
ATOM   802  C CA  . LEU A 1 116 ? 4.660   13.011  -7.783  1.00 50.73 ? 104 LEU A CA  1 
ATOM   803  C C   . LEU A 1 116 ? 5.734   11.920  -7.811  1.00 51.15 ? 104 LEU A C   1 
ATOM   804  O O   . LEU A 1 116 ? 5.792   11.048  -6.924  1.00 50.34 ? 104 LEU A O   1 
ATOM   805  C CB  . LEU A 1 116 ? 3.571   12.684  -8.822  1.00 51.10 ? 104 LEU A CB  1 
ATOM   806  C CG  . LEU A 1 116 ? 2.859   11.325  -8.700  1.00 51.22 ? 104 LEU A CG  1 
ATOM   807  C CD1 . LEU A 1 116 ? 2.118   11.182  -7.341  1.00 52.89 ? 104 LEU A CD1 1 
ATOM   808  C CD2 . LEU A 1 116 ? 1.887   11.118  -9.844  1.00 50.88 ? 104 LEU A CD2 1 
ATOM   809  N N   . LEU A 1 117 ? 6.575   11.966  -8.844  1.00 51.08 ? 105 LEU A N   1 
ATOM   810  C CA  . LEU A 1 117 ? 7.671   11.012  -8.993  1.00 51.08 ? 105 LEU A CA  1 
ATOM   811  C C   . LEU A 1 117 ? 8.566   11.037  -7.740  1.00 50.45 ? 105 LEU A C   1 
ATOM   812  O O   . LEU A 1 117 ? 8.896   9.992   -7.166  1.00 49.29 ? 105 LEU A O   1 
ATOM   813  C CB  . LEU A 1 117 ? 8.504   11.343  -10.256 1.00 50.67 ? 105 LEU A CB  1 
ATOM   814  C CG  . LEU A 1 117 ? 9.713   10.420  -10.506 1.00 51.05 ? 105 LEU A CG  1 
ATOM   815  C CD1 . LEU A 1 117 ? 9.322   8.939   -10.534 1.00 50.14 ? 105 LEU A CD1 1 
ATOM   816  C CD2 . LEU A 1 117 ? 10.395  10.793  -11.816 1.00 52.27 ? 105 LEU A CD2 1 
ATOM   817  N N   . LEU A 1 118 ? 8.975   12.244  -7.359  1.00 50.05 ? 106 LEU A N   1 
ATOM   818  C CA  . LEU A 1 118 ? 9.789   12.438  -6.178  1.00 50.53 ? 106 LEU A CA  1 
ATOM   819  C C   . LEU A 1 118 ? 9.115   11.927  -4.905  1.00 50.22 ? 106 LEU A C   1 
ATOM   820  O O   . LEU A 1 118 ? 9.756   11.247  -4.114  1.00 47.99 ? 106 LEU A O   1 
ATOM   821  C CB  . LEU A 1 118 ? 10.156  13.906  -6.010  1.00 51.11 ? 106 LEU A CB  1 
ATOM   822  C CG  . LEU A 1 118 ? 11.449  14.315  -6.725  1.00 52.78 ? 106 LEU A CG  1 
ATOM   823  C CD1 . LEU A 1 118 ? 11.533  15.822  -6.825  1.00 52.62 ? 106 LEU A CD1 1 
ATOM   824  C CD2 . LEU A 1 118 ? 12.647  13.750  -5.985  1.00 52.88 ? 106 LEU A CD2 1 
ATOM   825  N N   . PHE A 1 119 ? 7.830   12.266  -4.733  1.00 50.32 ? 107 PHE A N   1 
ATOM   826  C CA  . PHE A 1 119 ? 7.040   11.781  -3.614  1.00 50.63 ? 107 PHE A CA  1 
ATOM   827  C C   . PHE A 1 119 ? 7.038   10.258  -3.530  1.00 50.82 ? 107 PHE A C   1 
ATOM   828  O O   . PHE A 1 119 ? 7.368   9.706   -2.480  1.00 50.08 ? 107 PHE A O   1 
ATOM   829  C CB  . PHE A 1 119 ? 5.606   12.291  -3.704  1.00 51.93 ? 107 PHE A CB  1 
ATOM   830  C CG  . PHE A 1 119 ? 4.718   11.765  -2.614  1.00 52.66 ? 107 PHE A CG  1 
ATOM   831  C CD1 . PHE A 1 119 ? 4.034   10.551  -2.775  1.00 55.43 ? 107 PHE A CD1 1 
ATOM   832  C CD2 . PHE A 1 119 ? 4.582   12.458  -1.415  1.00 54.73 ? 107 PHE A CD2 1 
ATOM   833  C CE1 . PHE A 1 119 ? 3.226   10.039  -1.744  1.00 55.94 ? 107 PHE A CE1 1 
ATOM   834  C CE2 . PHE A 1 119 ? 3.756   11.964  -0.387  1.00 55.26 ? 107 PHE A CE2 1 
ATOM   835  C CZ  . PHE A 1 119 ? 3.078   10.756  -0.557  1.00 54.52 ? 107 PHE A CZ  1 
ATOM   836  N N   . PHE A 1 120 ? 6.666   9.599   -4.639  1.00 50.58 ? 108 PHE A N   1 
ATOM   837  C CA  . PHE A 1 120 ? 6.656   8.139   -4.767  1.00 50.34 ? 108 PHE A CA  1 
ATOM   838  C C   . PHE A 1 120 ? 8.023   7.499   -4.488  1.00 50.79 ? 108 PHE A C   1 
ATOM   839  O O   . PHE A 1 120 ? 8.118   6.522   -3.729  1.00 50.85 ? 108 PHE A O   1 
ATOM   840  C CB  . PHE A 1 120 ? 6.165   7.717   -6.178  1.00 50.90 ? 108 PHE A CB  1 
ATOM   841  C CG  . PHE A 1 120 ? 5.977   6.224   -6.328  1.00 50.49 ? 108 PHE A CG  1 
ATOM   842  C CD1 . PHE A 1 120 ? 4.981   5.572   -5.623  1.00 51.75 ? 108 PHE A CD1 1 
ATOM   843  C CD2 . PHE A 1 120 ? 6.821   5.478   -7.103  1.00 52.19 ? 108 PHE A CD2 1 
ATOM   844  C CE1 . PHE A 1 120 ? 4.811   4.216   -5.708  1.00 50.27 ? 108 PHE A CE1 1 
ATOM   845  C CE2 . PHE A 1 120 ? 6.646   4.081   -7.201  1.00 51.47 ? 108 PHE A CE2 1 
ATOM   846  C CZ  . PHE A 1 120 ? 5.629   3.471   -6.495  1.00 51.04 ? 108 PHE A CZ  1 
ATOM   847  N N   . LEU A 1 121 ? 9.080   8.010   -5.116  1.00 51.40 ? 109 LEU A N   1 
ATOM   848  C CA  . LEU A 1 121 ? 10.398  7.434   -4.904  1.00 52.44 ? 109 LEU A CA  1 
ATOM   849  C C   . LEU A 1 121 ? 10.828  7.609   -3.422  1.00 53.11 ? 109 LEU A C   1 
ATOM   850  O O   . LEU A 1 121 ? 11.433  6.684   -2.853  1.00 52.53 ? 109 LEU A O   1 
ATOM   851  C CB  . LEU A 1 121 ? 11.431  8.027   -5.842  1.00 51.87 ? 109 LEU A CB  1 
ATOM   852  C CG  . LEU A 1 121 ? 11.312  7.769   -7.345  1.00 53.38 ? 109 LEU A CG  1 
ATOM   853  C CD1 . LEU A 1 121 ? 12.394  8.576   -8.053  1.00 52.87 ? 109 LEU A CD1 1 
ATOM   854  C CD2 . LEU A 1 121 ? 11.419  6.277   -7.714  1.00 54.04 ? 109 LEU A CD2 1 
ATOM   855  N N   . LYS A 1 122 ? 10.478  8.764   -2.820  1.00 53.45 ? 110 LYS A N   1 
ATOM   856  C CA  . LYS A 1 122 ? 10.674  9.022   -1.392  1.00 54.30 ? 110 LYS A CA  1 
ATOM   857  C C   . LYS A 1 122 ? 9.914   8.038   -0.481  1.00 54.87 ? 110 LYS A C   1 
ATOM   858  O O   . LYS A 1 122 ? 10.458  7.547   0.512   1.00 54.19 ? 110 LYS A O   1 
ATOM   859  C CB  . LYS A 1 122 ? 10.271  10.464  -1.043  1.00 54.82 ? 110 LYS A CB  1 
ATOM   860  C CG  . LYS A 1 122 ? 10.660  10.928  0.381   1.00 55.40 ? 110 LYS A CG  1 
ATOM   861  C CD  . LYS A 1 122 ? 10.269  12.411  0.664   1.00 56.33 ? 110 LYS A CD  1 
ATOM   862  C CE  . LYS A 1 122 ? 10.554  12.777  2.143   1.00 59.02 ? 110 LYS A CE  1 
ATOM   863  N NZ  . LYS A 1 122 ? 10.544  14.265  2.454   1.00 60.25 ? 110 LYS A NZ  1 
ATOM   864  N N   . ASP A 1 123 ? 8.666   7.751   -0.830  1.00 55.45 ? 111 ASP A N   1 
ATOM   865  C CA  . ASP A 1 123 ? 7.838   6.812   -0.070  1.00 56.65 ? 111 ASP A CA  1 
ATOM   866  C C   . ASP A 1 123 ? 8.447   5.402   -0.044  1.00 56.72 ? 111 ASP A C   1 
ATOM   867  O O   . ASP A 1 123 ? 8.552   4.762   1.012   1.00 56.38 ? 111 ASP A O   1 
ATOM   868  C CB  . ASP A 1 123 ? 6.444   6.755   -0.686  1.00 57.37 ? 111 ASP A CB  1 
ATOM   869  C CG  . ASP A 1 123 ? 5.485   5.871   0.085   1.00 58.62 ? 111 ASP A CG  1 
ATOM   870  O OD1 . ASP A 1 123 ? 5.490   4.634   0.063   1.00 64.78 ? 111 ASP A OD1 1 
ATOM   871  O OD2 . ASP A 1 123 ? 4.623   6.398   0.777   1.00 63.87 ? 111 ASP A OD2 1 
ATOM   872  N N   . VAL A 1 124 ? 8.834   4.936   -1.219  1.00 56.28 ? 112 VAL A N   1 
ATOM   873  C CA  . VAL A 1 124 ? 9.424   3.623   -1.370  1.00 56.93 ? 112 VAL A CA  1 
ATOM   874  C C   . VAL A 1 124 ? 10.791  3.529   -0.660  1.00 57.11 ? 112 VAL A C   1 
ATOM   875  O O   . VAL A 1 124 ? 11.071  2.511   0.016   1.00 57.35 ? 112 VAL A O   1 
ATOM   876  C CB  . VAL A 1 124 ? 9.544   3.237   -2.873  1.00 56.53 ? 112 VAL A CB  1 
ATOM   877  C CG1 . VAL A 1 124 ? 10.333  1.979   -3.046  1.00 58.47 ? 112 VAL A CG1 1 
ATOM   878  C CG2 . VAL A 1 124 ? 8.167   3.079   -3.469  1.00 57.29 ? 112 VAL A CG2 1 
ATOM   879  N N   . SER A 1 125 ? 11.622  4.573   -0.803  1.00 56.37 ? 113 SER A N   1 
ATOM   880  C CA  . SER A 1 125 ? 12.947  4.598   -0.171  1.00 56.52 ? 113 SER A CA  1 
ATOM   881  C C   . SER A 1 125 ? 12.930  4.661   1.360   1.00 55.88 ? 113 SER A C   1 
ATOM   882  O O   . SER A 1 125 ? 13.774  4.050   2.022   1.00 54.94 ? 113 SER A O   1 
ATOM   883  C CB  . SER A 1 125 ? 13.791  5.732   -0.728  1.00 56.22 ? 113 SER A CB  1 
ATOM   884  O OG  . SER A 1 125 ? 13.802  5.625   -2.141  1.00 58.68 ? 113 SER A OG  1 
ATOM   885  N N   . GLU A 1 126 ? 12.000  5.429   1.902   1.00 56.47 ? 114 GLU A N   1 
ATOM   886  C CA  . GLU A 1 126 ? 11.813  5.532   3.352   1.00 56.66 ? 114 GLU A CA  1 
ATOM   887  C C   . GLU A 1 126 ? 11.349  4.212   3.954   1.00 56.88 ? 114 GLU A C   1 
ATOM   888  O O   . GLU A 1 126 ? 11.808  3.818   5.023   1.00 56.80 ? 114 GLU A O   1 
ATOM   889  C CB  . GLU A 1 126 ? 10.834  6.674   3.715   1.00 56.90 ? 114 GLU A CB  1 
ATOM   890  C CG  . GLU A 1 126 ? 11.479  8.054   3.738   1.00 57.91 ? 114 GLU A CG  1 
ATOM   891  C CD  . GLU A 1 126 ? 12.632  8.091   4.716   1.00 61.55 ? 114 GLU A CD  1 
ATOM   892  O OE1 . GLU A 1 126 ? 12.377  7.936   5.922   1.00 62.30 ? 114 GLU A OE1 1 
ATOM   893  O OE2 . GLU A 1 126 ? 13.799  8.212   4.285   1.00 63.43 ? 114 GLU A OE2 1 
ATOM   894  N N   . HIS A 1 127 ? 10.459  3.510   3.253   1.00 57.42 ? 115 HIS A N   1 
ATOM   895  C CA  . HIS A 1 127 ? 10.024  2.192   3.710   1.00 57.38 ? 115 HIS A CA  1 
ATOM   896  C C   . HIS A 1 127 ? 11.154  1.189   3.632   1.00 57.44 ? 115 HIS A C   1 
ATOM   897  O O   . HIS A 1 127 ? 11.273  0.310   4.475   1.00 57.08 ? 115 HIS A O   1 
ATOM   898  C CB  . HIS A 1 127 ? 8.795   1.695   2.925   1.00 57.54 ? 115 HIS A CB  1 
ATOM   899  C CG  . HIS A 1 127 ? 7.501   2.260   3.416   1.00 58.66 ? 115 HIS A CG  1 
ATOM   900  N ND1 . HIS A 1 127 ? 6.842   3.282   2.768   1.00 59.66 ? 115 HIS A ND1 1 
ATOM   901  C CD2 . HIS A 1 127 ? 6.767   1.981   4.518   1.00 59.91 ? 115 HIS A CD2 1 
ATOM   902  C CE1 . HIS A 1 127 ? 5.751   3.600   3.444   1.00 59.51 ? 115 HIS A CE1 1 
ATOM   903  N NE2 . HIS A 1 127 ? 5.683   2.825   4.508   1.00 59.82 ? 115 HIS A NE2 1 
ATOM   904  N N   . PHE A 1 128 ? 11.955  1.297   2.578   1.00 57.78 ? 116 PHE A N   1 
ATOM   905  C CA  . PHE A 1 128 ? 13.124  0.452   2.429   1.00 57.71 ? 116 PHE A CA  1 
ATOM   906  C C   . PHE A 1 128 ? 14.149  0.666   3.555   1.00 56.68 ? 116 PHE A C   1 
ATOM   907  O O   . PHE A 1 128 ? 14.670  -0.280  4.104   1.00 55.54 ? 116 PHE A O   1 
ATOM   908  C CB  . PHE A 1 128 ? 13.795  0.707   1.095   1.00 58.16 ? 116 PHE A CB  1 
ATOM   909  C CG  . PHE A 1 128 ? 14.957  -0.202  0.820   1.00 58.95 ? 116 PHE A CG  1 
ATOM   910  C CD1 . PHE A 1 128 ? 14.811  -1.568  0.834   1.00 61.04 ? 116 PHE A CD1 1 
ATOM   911  C CD2 . PHE A 1 128 ? 16.202  0.303   0.575   1.00 61.15 ? 116 PHE A CD2 1 
ATOM   912  C CE1 . PHE A 1 128 ? 15.883  -2.398  0.570   1.00 61.80 ? 116 PHE A CE1 1 
ATOM   913  C CE2 . PHE A 1 128 ? 17.276  -0.547  0.316   1.00 60.85 ? 116 PHE A CE2 1 
ATOM   914  C CZ  . PHE A 1 128 ? 17.105  -1.879  0.305   1.00 59.96 ? 116 PHE A CZ  1 
ATOM   915  N N   . ARG A 1 129 ? 14.437  1.918   3.850   1.00 56.29 ? 117 ARG A N   1 
ATOM   916  C CA  . ARG A 1 129 ? 15.463  2.280   4.822   1.00 56.56 ? 117 ARG A CA  1 
ATOM   917  C C   . ARG A 1 129 ? 15.092  1.740   6.194   1.00 54.98 ? 117 ARG A C   1 
ATOM   918  O O   . ARG A 1 129 ? 15.919  1.203   6.909   1.00 54.08 ? 117 ARG A O   1 
ATOM   919  C CB  . ARG A 1 129 ? 15.619  3.815   4.848   1.00 56.57 ? 117 ARG A CB  1 
ATOM   920  C CG  . ARG A 1 129 ? 16.738  4.351   5.756   1.00 57.98 ? 117 ARG A CG  1 
ATOM   921  C CD  . ARG A 1 129 ? 16.758  5.866   5.884   1.00 59.87 ? 117 ARG A CD  1 
ATOM   922  N NE  . ARG A 1 129 ? 15.465  6.321   6.387   1.00 65.17 ? 117 ARG A NE  1 
ATOM   923  C CZ  . ARG A 1 129 ? 15.055  6.190   7.659   1.00 67.18 ? 117 ARG A CZ  1 
ATOM   924  N NH1 . ARG A 1 129 ? 15.838  5.622   8.580   1.00 69.12 ? 117 ARG A NH1 1 
ATOM   925  N NH2 . ARG A 1 129 ? 13.845  6.626   8.016   1.00 66.24 ? 117 ARG A NH2 1 
ATOM   926  N N   . VAL A 1 130 ? 13.820  1.880   6.531   1.00 54.44 ? 118 VAL A N   1 
ATOM   927  C CA  . VAL A 1 130 ? 13.289  1.404   7.800   1.00 54.77 ? 118 VAL A CA  1 
ATOM   928  C C   . VAL A 1 130 ? 13.424  -0.137  7.987   1.00 53.93 ? 118 VAL A C   1 
ATOM   929  O O   . VAL A 1 130 ? 13.861  -0.592  9.029   1.00 52.81 ? 118 VAL A O   1 
ATOM   930  C CB  . VAL A 1 130 ? 11.824  1.858   7.960   1.00 54.75 ? 118 VAL A CB  1 
ATOM   931  C CG1 . VAL A 1 130 ? 11.057  0.936   8.888   1.00 55.64 ? 118 VAL A CG1 1 
ATOM   932  C CG2 . VAL A 1 130 ? 11.781  3.295   8.468   1.00 54.89 ? 118 VAL A CG2 1 
ATOM   933  N N   . VAL A 1 131 ? 13.058  -0.903  6.964   1.00 53.40 ? 119 VAL A N   1 
ATOM   934  C CA  . VAL A 1 131 ? 13.153  -2.359  7.023   1.00 53.71 ? 119 VAL A CA  1 
ATOM   935  C C   . VAL A 1 131 ? 14.648  -2.807  7.031   1.00 52.67 ? 119 VAL A C   1 
ATOM   936  O O   . VAL A 1 131 ? 15.041  -3.727  7.749   1.00 51.19 ? 119 VAL A O   1 
ATOM   937  C CB  . VAL A 1 131 ? 12.291  -3.003  5.907   1.00 53.87 ? 119 VAL A CB  1 
ATOM   938  C CG1 . VAL A 1 131 ? 12.757  -2.614  4.538   1.00 58.16 ? 119 VAL A CG1 1 
ATOM   939  C CG2 . VAL A 1 131 ? 12.355  -4.492  5.966   1.00 57.34 ? 119 VAL A CG2 1 
ATOM   940  N N   . SER A 1 132 ? 15.481  -2.100  6.278   1.00 51.96 ? 120 SER A N   1 
ATOM   941  C CA  . SER A 1 132 ? 16.903  -2.398  6.195   1.00 51.90 ? 120 SER A CA  1 
ATOM   942  C C   . SER A 1 132 ? 17.641  -2.207  7.530   1.00 50.66 ? 120 SER A C   1 
ATOM   943  O O   . SER A 1 132 ? 18.444  -3.061  7.926   1.00 50.10 ? 120 SER A O   1 
ATOM   944  C CB  . SER A 1 132 ? 17.546  -1.572  5.076   1.00 51.36 ? 120 SER A CB  1 
ATOM   945  O OG  . SER A 1 132 ? 18.966  -1.758  5.028   1.00 54.50 ? 120 SER A OG  1 
ATOM   946  N N   . GLU A 1 133 ? 17.354  -1.100  8.206   1.00 50.09 ? 121 GLU A N   1 
ATOM   947  C CA  . GLU A 1 133 ? 17.956  -0.749  9.497   1.00 50.46 ? 121 GLU A CA  1 
ATOM   948  C C   . GLU A 1 133 ? 17.496  -1.703  10.594  1.00 49.65 ? 121 GLU A C   1 
ATOM   949  O O   . GLU A 1 133 ? 18.297  -2.150  11.394  1.00 49.22 ? 121 GLU A O   1 
ATOM   950  C CB  . GLU A 1 133 ? 17.661  0.734   9.876   1.00 50.67 ? 121 GLU A CB  1 
ATOM   951  C CG  . GLU A 1 133 ? 18.526  1.730   9.081   1.00 52.45 ? 121 GLU A CG  1 
ATOM   952  C CD  . GLU A 1 133 ? 18.235  3.207   9.341   1.00 53.11 ? 121 GLU A CD  1 
ATOM   953  O OE1 . GLU A 1 133 ? 17.498  3.529   10.289  1.00 57.47 ? 121 GLU A OE1 1 
ATOM   954  O OE2 . GLU A 1 133 ? 18.764  4.063   8.583   1.00 56.29 ? 121 GLU A OE2 1 
ATOM   955  N N   . LYS A 1 134 ? 16.208  -2.028  10.601  1.00 49.38 ? 122 LYS A N   1 
ATOM   956  C CA  . LYS A 1 134 ? 15.663  -3.040  11.496  1.00 49.09 ? 122 LYS A CA  1 
ATOM   957  C C   . LYS A 1 134 ? 16.353  -4.397  11.296  1.00 49.70 ? 122 LYS A C   1 
ATOM   958  O O   . LYS A 1 134 ? 16.763  -5.045  12.268  1.00 49.02 ? 122 LYS A O   1 
ATOM   959  C CB  . LYS A 1 134 ? 14.138  -3.172  11.277  1.00 48.87 ? 122 LYS A CB  1 
ATOM   960  C CG  . LYS A 1 134 ? 13.440  -4.134  12.266  1.00 49.43 ? 122 LYS A CG  1 
ATOM   961  C CD  . LYS A 1 134 ? 11.912  -4.044  12.228  1.00 48.29 ? 122 LYS A CD  1 
ATOM   962  C CE  . LYS A 1 134 ? 11.266  -5.143  13.060  1.00 47.90 ? 122 LYS A CE  1 
ATOM   963  N NZ  . LYS A 1 134 ? 9.801   -5.240  12.888  1.00 45.88 ? 122 LYS A NZ  1 
ATOM   964  N N   . LEU A 1 135 ? 16.477  -4.820  10.033  1.00 49.80 ? 123 LEU A N   1 
ATOM   965  C CA  . LEU A 1 135 ? 17.137  -6.077  9.702   1.00 50.25 ? 123 LEU A CA  1 
ATOM   966  C C   . LEU A 1 135 ? 18.591  -6.118  10.136  1.00 50.05 ? 123 LEU A C   1 
ATOM   967  O O   . LEU A 1 135 ? 19.041  -7.157  10.585  1.00 50.55 ? 123 LEU A O   1 
ATOM   968  C CB  . LEU A 1 135 ? 17.056  -6.378  8.191   1.00 50.17 ? 123 LEU A CB  1 
ATOM   969  C CG  . LEU A 1 135 ? 17.579  -7.735  7.694   1.00 49.91 ? 123 LEU A CG  1 
ATOM   970  C CD1 . LEU A 1 135 ? 16.948  -8.922  8.458   1.00 50.82 ? 123 LEU A CD1 1 
ATOM   971  C CD2 . LEU A 1 135 ? 17.313  -7.890  6.198   1.00 50.26 ? 123 LEU A CD2 1 
ATOM   972  N N   . PHE A 1 136 ? 19.326  -5.016  9.972   1.00 50.33 ? 124 PHE A N   1 
ATOM   973  C CA  . PHE A 1 136 ? 20.725  -4.933  10.454  1.00 50.51 ? 124 PHE A CA  1 
ATOM   974  C C   . PHE A 1 136 ? 20.784  -5.033  11.986  1.00 50.09 ? 124 PHE A C   1 
ATOM   975  O O   . PHE A 1 136 ? 21.636  -5.737  12.527  1.00 49.26 ? 124 PHE A O   1 
ATOM   976  C CB  . PHE A 1 136 ? 21.427  -3.624  10.033  1.00 51.64 ? 124 PHE A CB  1 
ATOM   977  C CG  . PHE A 1 136 ? 22.131  -3.683  8.688   1.00 52.66 ? 124 PHE A CG  1 
ATOM   978  C CD1 . PHE A 1 136 ? 23.152  -4.611  8.440   1.00 54.32 ? 124 PHE A CD1 1 
ATOM   979  C CD2 . PHE A 1 136 ? 21.792  -2.773  7.670   1.00 54.65 ? 124 PHE A CD2 1 
ATOM   980  C CE1 . PHE A 1 136 ? 23.800  -4.654  7.178   1.00 53.25 ? 124 PHE A CE1 1 
ATOM   981  C CE2 . PHE A 1 136 ? 22.442  -2.804  6.400   1.00 54.10 ? 124 PHE A CE2 1 
ATOM   982  C CZ  . PHE A 1 136 ? 23.441  -3.741  6.161   1.00 54.03 ? 124 PHE A CZ  1 
ATOM   983  N N   . PHE A 1 137 ? 19.903  -4.313  12.688  1.00 49.69 ? 125 PHE A N   1 
ATOM   984  C CA  . PHE A 1 137 ? 19.941  -4.315  14.164  1.00 49.51 ? 125 PHE A CA  1 
ATOM   985  C C   . PHE A 1 137 ? 19.668  -5.714  14.734  1.00 49.56 ? 125 PHE A C   1 
ATOM   986  O O   . PHE A 1 137 ? 20.223  -6.085  15.743  1.00 49.73 ? 125 PHE A O   1 
ATOM   987  C CB  . PHE A 1 137 ? 18.932  -3.351  14.778  1.00 49.33 ? 125 PHE A CB  1 
ATOM   988  C CG  . PHE A 1 137 ? 19.217  -1.898  14.545  1.00 47.93 ? 125 PHE A CG  1 
ATOM   989  C CD1 . PHE A 1 137 ? 20.474  -1.356  14.788  1.00 49.93 ? 125 PHE A CD1 1 
ATOM   990  C CD2 . PHE A 1 137 ? 18.184  -1.044  14.194  1.00 48.24 ? 125 PHE A CD2 1 
ATOM   991  C CE1 . PHE A 1 137 ? 20.720  0.022   14.630  1.00 49.04 ? 125 PHE A CE1 1 
ATOM   992  C CE2 . PHE A 1 137 ? 18.409  0.337   14.014  1.00 49.83 ? 125 PHE A CE2 1 
ATOM   993  C CZ  . PHE A 1 137 ? 19.683  0.867   14.244  1.00 50.11 ? 125 PHE A CZ  1 
ATOM   994  N N   . LEU A 1 138 ? 18.813  -6.480  14.080  1.00 50.26 ? 126 LEU A N   1 
ATOM   995  C CA  . LEU A 1 138 ? 18.496  -7.839  14.516  1.00 50.86 ? 126 LEU A CA  1 
ATOM   996  C C   . LEU A 1 138 ? 19.530  -8.919  14.099  1.00 51.35 ? 126 LEU A C   1 
ATOM   997  O O   . LEU A 1 138 ? 19.442  -10.037 14.584  1.00 51.32 ? 126 LEU A O   1 
ATOM   998  C CB  . LEU A 1 138 ? 17.094  -8.232  14.021  1.00 50.20 ? 126 LEU A CB  1 
ATOM   999  C CG  . LEU A 1 138 ? 15.966  -7.450  14.711  1.00 50.14 ? 126 LEU A CG  1 
ATOM   1000 C CD1 . LEU A 1 138 ? 14.654  -7.737  14.055  1.00 51.44 ? 126 LEU A CD1 1 
ATOM   1001 C CD2 . LEU A 1 138 ? 15.887  -7.763  16.204  1.00 49.07 ? 126 LEU A CD2 1 
ATOM   1002 N N   . THR A 1 139 ? 20.492  -8.590  13.228  1.00 51.54 ? 127 THR A N   1 
ATOM   1003 C CA  . THR A 1 139 ? 21.481  -9.562  12.753  1.00 51.52 ? 127 THR A CA  1 
ATOM   1004 C C   . THR A 1 139 ? 22.959  -9.187  13.004  1.00 52.69 ? 127 THR A C   1 
ATOM   1005 O O   . THR A 1 139 ? 23.856  -9.921  12.618  1.00 51.92 ? 127 THR A O   1 
ATOM   1006 C CB  . THR A 1 139 ? 21.240  -9.879  11.239  1.00 51.67 ? 127 THR A CB  1 
ATOM   1007 O OG1 . THR A 1 139 ? 21.285  -8.696  10.436  1.00 48.48 ? 127 THR A OG1 1 
ATOM   1008 C CG2 . THR A 1 139 ? 19.834  -10.389 11.001  1.00 52.41 ? 127 THR A CG2 1 
ATOM   1009 N N   . THR A 1 140 ? 23.210  -8.047  13.633  1.00 54.73 ? 128 THR A N   1 
ATOM   1010 C CA  . THR A 1 140 ? 24.563  -7.601  13.932  1.00 56.88 ? 128 THR A CA  1 
ATOM   1011 C C   . THR A 1 140 ? 24.653  -7.246  15.400  1.00 59.21 ? 128 THR A C   1 
ATOM   1012 O O   . THR A 1 140 ? 25.091  -6.146  15.764  1.00 60.58 ? 128 THR A O   1 
ATOM   1013 C CB  . THR A 1 140 ? 24.958  -6.368  13.130  1.00 56.92 ? 128 THR A CB  1 
ATOM   1014 O OG1 . THR A 1 140 ? 24.080  -5.283  13.475  1.00 57.20 ? 128 THR A OG1 1 
ATOM   1015 C CG2 . THR A 1 140 ? 24.792  -6.595  11.609  1.00 57.67 ? 128 THR A CG2 1 
ATOM   1016 N N   . LYS A 1 141 ? 24.140  -8.148  16.224  1.00 60.91 ? 129 LYS A N   1 
ATOM   1017 C CA  . LYS A 1 141 ? 24.603  -8.365  17.600  1.00 61.99 ? 129 LYS A CA  1 
ATOM   1018 C C   . LYS A 1 141 ? 25.596  -7.309  18.163  1.00 62.35 ? 129 LYS A C   1 
ATOM   1019 O O   . LYS A 1 141 ? 25.245  -6.108  18.191  1.00 61.92 ? 129 LYS A O   1 
ATOM   1020 C CB  . LYS A 1 141 ? 25.180  -9.788  17.681  1.00 62.44 ? 129 LYS A CB  1 
ATOM   1021 C CG  . LYS A 1 141 ? 24.468  -10.771 16.703  1.00 62.86 ? 129 LYS A CG  1 
ATOM   1022 C CD  . LYS A 1 141 ? 24.743  -12.241 16.986  1.00 62.57 ? 129 LYS A CD  1 
ATOM   1023 C CE  . LYS A 1 141 ? 23.633  -13.107 16.370  1.00 62.56 ? 129 LYS A CE  1 
ATOM   1024 N NZ  . LYS A 1 141 ? 23.063  -12.556 15.098  1.00 60.53 ? 129 LYS A NZ  1 
HETATM 1025 O O   . HOH B 2 .   ? -10.739 9.640   7.514   1.00 39.36 ? 202 HOH A O   1 
HETATM 1026 O O   . HOH B 2 .   ? 7.045   -0.541  -6.267  1.00 24.52 ? 203 HOH A O   1 
HETATM 1027 O O   . HOH B 2 .   ? 2.029   7.110   0.162   1.00 35.36 ? 204 HOH A O   1 
HETATM 1028 O O   . HOH B 2 .   ? 20.881  -9.139  7.647   1.00 34.75 ? 205 HOH A O   1 
HETATM 1029 O O   . HOH B 2 .   ? -1.211  -0.598  -3.982  1.00 32.07 ? 206 HOH A O   1 
HETATM 1030 O O   . HOH B 2 .   ? -2.825  -0.960  -16.191 1.00 34.70 ? 207 HOH A O   1 
HETATM 1031 O O   . HOH B 2 .   ? -12.098 11.478  0.219   1.00 49.63 ? 208 HOH A O   1 
HETATM 1032 O O   . HOH B 2 .   ? -4.040  -4.103  -6.873  1.00 36.36 ? 209 HOH A O   1 
HETATM 1033 O O   . HOH B 2 .   ? -3.072  -9.582  15.509  1.00 36.78 ? 210 HOH A O   1 
HETATM 1034 O O   . HOH B 2 .   ? -9.007  11.881  4.181   1.00 55.09 ? 211 HOH A O   1 
HETATM 1035 O O   . HOH B 2 .   ? -5.664  -8.656  -6.429  1.00 34.80 ? 212 HOH A O   1 
HETATM 1036 O O   . HOH B 2 .   ? -7.575  5.510   -15.149 1.00 42.75 ? 213 HOH A O   1 
HETATM 1037 O O   . HOH B 2 .   ? -14.561 6.710   5.333   1.00 55.76 ? 214 HOH A O   1 
HETATM 1038 O O   . HOH B 2 .   ? 5.169   -9.616  -2.123  1.00 41.28 ? 215 HOH A O   1 
HETATM 1039 O O   . HOH B 2 .   ? -1.595  13.444  0.132   1.00 40.47 ? 216 HOH A O   1 
HETATM 1040 O O   . HOH B 2 .   ? -17.108 -0.523  -3.498  1.00 50.03 ? 217 HOH A O   1 
HETATM 1041 O O   . HOH B 2 .   ? -0.143  14.713  -11.572 1.00 39.26 ? 218 HOH A O   1 
HETATM 1042 O O   . HOH B 2 .   ? -15.849 4.379   -8.158  1.00 38.24 ? 219 HOH A O   1 
HETATM 1043 O O   . HOH B 2 .   ? 20.029  3.025   6.121   1.00 43.85 ? 220 HOH A O   1 
HETATM 1044 O O   . HOH B 2 .   ? 2.221   -3.486  7.086   1.00 40.78 ? 221 HOH A O   1 
HETATM 1045 O O   . HOH B 2 .   ? -15.020 -1.981  -8.250  1.00 48.42 ? 222 HOH A O   1 
HETATM 1046 O O   . HOH B 2 .   ? 9.004   -3.332  10.600  1.00 60.38 ? 223 HOH A O   1 
HETATM 1047 O O   . HOH B 2 .   ? -18.117 -2.571  1.079   1.00 55.08 ? 224 HOH A O   1 
HETATM 1048 O O   . HOH B 2 .   ? 2.905   -13.982 11.126  1.00 46.43 ? 225 HOH A O   1 
HETATM 1049 O O   . HOH B 2 .   ? 3.294   -12.636 -1.471  1.00 50.16 ? 226 HOH A O   1 
HETATM 1050 O O   . HOH B 2 .   ? -11.743 5.825   -13.630 1.00 52.64 ? 227 HOH A O   1 
HETATM 1051 O O   . HOH B 2 .   ? -9.799  2.066   -12.148 1.00 43.88 ? 228 HOH A O   1 
HETATM 1052 O O   . HOH B 2 .   ? 21.324  -7.765  4.890   1.00 50.59 ? 229 HOH A O   1 
HETATM 1053 O O   . HOH B 2 .   ? 7.341   15.743  -3.931  1.00 36.75 ? 230 HOH A O   1 
HETATM 1054 O O   . HOH B 2 .   ? -6.330  3.851   15.062  1.00 42.93 ? 231 HOH A O   1 
HETATM 1055 O O   . HOH B 2 .   ? -14.337 -9.642  3.455   1.00 48.85 ? 232 HOH A O   1 
HETATM 1056 O O   . HOH B 2 .   ? 19.717  -3.510  2.886   1.00 50.07 ? 233 HOH A O   1 
HETATM 1057 O O   . HOH B 2 .   ? 6.001   -0.280  0.920   1.00 43.11 ? 234 HOH A O   1 
HETATM 1058 O O   . HOH B 2 .   ? 6.454   18.401  -13.404 1.00 45.56 ? 235 HOH A O   1 
HETATM 1059 O O   . HOH B 2 .   ? -7.247  -1.694  -13.655 1.00 63.10 ? 236 HOH A O   1 
HETATM 1060 O O   . HOH B 2 .   ? 5.785   19.030  -11.009 1.00 54.30 ? 237 HOH A O   1 
HETATM 1061 O O   . HOH B 2 .   ? 9.824   -1.265  11.574  1.00 59.21 ? 238 HOH A O   1 
HETATM 1062 O O   . HOH B 2 .   ? -16.091 0.318   -7.151  1.00 50.54 ? 239 HOH A O   1 
HETATM 1063 O O   . HOH B 2 .   ? -16.005 10.755  0.643   1.00 47.05 ? 240 HOH A O   1 
HETATM 1064 O O   . HOH B 2 .   ? 20.555  0.020   6.503   1.00 36.30 ? 241 HOH A O   1 
HETATM 1065 O O   . HOH B 2 .   ? 1.517   -10.748 -9.902  1.00 46.49 ? 242 HOH A O   1 
HETATM 1066 O O   . HOH B 2 .   ? -6.638  -4.092  -7.694  1.00 47.97 ? 243 HOH A O   1 
HETATM 1067 O O   . HOH B 2 .   ? 3.300   -4.486  4.436   1.00 51.24 ? 244 HOH A O   1 
HETATM 1068 O O   . HOH B 2 .   ? 22.754  0.157   8.308   1.00 61.56 ? 245 HOH A O   1 
HETATM 1069 O O   . HOH B 2 .   ? 3.259   9.108   -20.293 1.00 56.52 ? 246 HOH A O   1 
HETATM 1070 O O   . HOH B 2 .   ? -9.316  -8.689  11.644  1.00 50.76 ? 247 HOH A O   1 
HETATM 1071 O O   . HOH B 2 .   ? -8.733  -2.523  -7.256  1.00 45.42 ? 248 HOH A O   1 
HETATM 1072 O O   . HOH B 2 .   ? -7.498  16.714  -9.590  1.00 37.18 ? 249 HOH A O   1 
HETATM 1073 O O   . HOH B 2 .   ? 6.088   -9.737  -13.139 1.00 69.58 ? 250 HOH A O   1 
HETATM 1074 O O   . HOH B 2 .   ? 6.908   10.618  0.344   1.00 50.23 ? 251 HOH A O   1 
HETATM 1075 O O   . HOH B 2 .   ? 0.030   -8.522  -11.226 1.00 56.75 ? 252 HOH A O   1 
HETATM 1076 O O   . HOH B 2 .   ? -10.190 7.579   -14.714 1.00 41.89 ? 253 HOH A O   1 
HETATM 1077 O O   . HOH B 2 .   ? -3.888  -14.859 -2.030  1.00 45.30 ? 254 HOH A O   1 
HETATM 1078 O O   . HOH B 2 .   ? -8.705  8.035   9.646   1.00 52.19 ? 255 HOH A O   1 
HETATM 1079 O O   . HOH B 2 .   ? 8.949   -0.033  6.037   1.00 47.17 ? 256 HOH A O   1 
HETATM 1080 O O   . HOH B 2 .   ? 6.141   -1.950  3.695   1.00 60.47 ? 257 HOH A O   1 
HETATM 1081 O O   . HOH B 2 .   ? -3.484  21.277  -8.351  1.00 60.98 ? 258 HOH A O   1 
HETATM 1082 O O   . HOH B 2 .   ? -9.864  -7.565  -4.789  1.00 61.77 ? 259 HOH A O   1 
HETATM 1083 O O   . HOH B 2 .   ? -2.579  4.525   13.211  1.00 52.58 ? 260 HOH A O   1 
HETATM 1084 O O   . HOH B 2 .   ? 7.223   14.049  0.267   1.00 67.77 ? 261 HOH A O   1 
HETATM 1085 O O   . HOH B 2 .   ? 3.115   3.598   1.244   1.00 46.48 ? 262 HOH A O   1 
HETATM 1086 O O   . HOH B 2 .   ? 5.525   15.654  0.988   1.00 44.29 ? 263 HOH A O   1 
HETATM 1087 O O   . HOH B 2 .   ? -11.184 -4.777  -8.741  1.00 57.98 ? 264 HOH A O   1 
HETATM 1088 O O   . HOH B 2 .   ? 13.899  0.780   11.510  1.00 44.82 ? 265 HOH A O   1 
HETATM 1089 O O   . HOH B 2 .   ? -0.999  9.563   7.098   1.00 58.73 ? 266 HOH A O   1 
HETATM 1090 O O   . HOH B 2 .   ? 20.813  -0.276  11.314  1.00 48.40 ? 267 HOH A O   1 
HETATM 1091 O O   . HOH B 2 .   ? -17.525 2.823   4.186   1.00 63.48 ? 268 HOH A O   1 
HETATM 1092 O O   . HOH B 2 .   ? 12.537  11.864  -3.374  1.00 45.40 ? 269 HOH A O   1 
HETATM 1093 O O   . HOH B 2 .   ? 8.954   14.362  -1.993  1.00 44.91 ? 270 HOH A O   1 
HETATM 1094 O O   . HOH B 2 .   ? -9.526  16.624  2.359   1.00 60.97 ? 271 HOH A O   1 
HETATM 1095 O O   . HOH B 2 .   ? 15.504  2.865   11.910  1.00 45.08 ? 272 HOH A O   1 
HETATM 1096 O O   . HOH B 2 .   ? -7.120  19.097  -8.708  1.00 43.60 ? 273 HOH A O   1 
HETATM 1097 O O   . HOH B 2 .   ? -0.039  12.436  1.703   1.00 55.56 ? 274 HOH A O   1 
HETATM 1098 O O   . HOH B 2 .   ? -4.111  0.898   -17.912 1.00 41.02 ? 275 HOH A O   1 
HETATM 1099 O O   . HOH B 2 .   ? -12.755 13.650  -1.420  1.00 55.51 ? 276 HOH A O   1 
HETATM 1100 O O   . HOH B 2 .   ? -12.462 -11.285 -0.487  1.00 64.02 ? 277 HOH A O   1 
HETATM 1101 O O   . HOH B 2 .   ? -11.855 -1.568  17.209  1.00 51.68 ? 278 HOH A O   1 
HETATM 1102 O O   . HOH B 2 .   ? -1.441  -16.793 2.560   1.00 64.93 ? 279 HOH A O   1 
HETATM 1103 O O   . HOH B 2 .   ? 11.310  14.470  5.480   1.00 69.33 ? 280 HOH A O   1 
HETATM 1104 O O   . HOH B 2 .   ? -11.740 7.348   -16.613 1.00 58.25 ? 281 HOH A O   1 
HETATM 1105 O O   . HOH B 2 .   ? 7.588   1.764   7.703   1.00 55.01 ? 282 HOH A O   1 
HETATM 1106 O O   . HOH B 2 .   ? 15.884  9.063   9.410   1.00 62.26 ? 283 HOH A O   1 
HETATM 1107 O O   . HOH B 2 .   ? -0.345  18.835  -3.664  1.00 61.77 ? 284 HOH A O   1 
HETATM 1108 O O   . HOH B 2 .   ? -19.320 -0.872  9.108   1.00 60.82 ? 285 HOH A O   1 
HETATM 1109 O O   . HOH B 2 .   ? -0.926  -14.560 17.107  1.00 53.38 ? 286 HOH A O   1 
HETATM 1110 O O   . HOH B 2 .   ? -3.054  -14.690 18.209  1.00 58.24 ? 287 HOH A O   1 
HETATM 1111 O O   . HOH B 2 .   ? -7.738  9.153   13.256  1.00 57.77 ? 288 HOH A O   1 
HETATM 1112 O O   . HOH B 2 .   ? -2.185  13.039  4.206   1.00 46.12 ? 289 HOH A O   1 
HETATM 1113 O O   . HOH B 2 .   ? -8.519  0.459   -11.133 1.00 56.77 ? 290 HOH A O   1 
HETATM 1114 O O   . HOH B 2 .   ? 21.406  -7.137  6.902   1.00 49.15 ? 291 HOH A O   1 
HETATM 1115 O O   . HOH B 2 .   ? -3.334  -17.477 -0.369  1.00 59.68 ? 292 HOH A O   1 
HETATM 1116 O O   . HOH B 2 .   ? -5.280  -14.479 3.549   1.00 55.19 ? 293 HOH A O   1 
HETATM 1117 O O   . HOH B 2 .   ? -15.896 -3.563  -1.592  1.00 54.23 ? 294 HOH A O   1 
HETATM 1118 O O   . HOH B 2 .   ? 7.616   8.421   3.402   1.00 58.41 ? 295 HOH A O   1 
HETATM 1119 O O   . HOH B 2 .   ? 3.276   1.064   2.008   1.00 45.56 ? 296 HOH A O   1 
HETATM 1120 O O   . HOH B 2 .   ? 1.014   1.276   3.266   1.00 59.22 ? 297 HOH A O   1 
HETATM 1121 O O   . HOH B 2 .   ? 1.441   -0.859  3.488   1.00 41.69 ? 298 HOH A O   1 
HETATM 1122 O O   . HOH B 2 .   ? 13.567  6.009   11.854  1.00 50.05 ? 299 HOH A O   1 
HETATM 1123 O O   . HOH B 2 .   ? 15.924  15.112  -5.082  1.00 62.97 ? 300 HOH A O   1 
HETATM 1124 O O   . HOH B 2 .   ? -4.724  -11.500 14.380  1.00 61.43 ? 301 HOH A O   1 
HETATM 1125 O O   . HOH B 2 .   ? 0.310   -3.465  -15.624 1.00 60.43 ? 302 HOH A O   1 
HETATM 1126 O O   . HOH B 2 .   ? 8.719   19.614  -8.863  1.00 53.59 ? 303 HOH A O   1 
HETATM 1127 O O   . HOH B 2 .   ? 19.688  -4.695  5.738   1.00 52.08 ? 304 HOH A O   1 
HETATM 1128 O O   . HOH B 2 .   ? -0.385  4.932   8.458   1.00 55.71 ? 305 HOH A O   1 
HETATM 1129 O O   . HOH B 2 .   ? -16.986 2.067   11.055  1.00 56.35 ? 306 HOH A O   1 
HETATM 1130 O O   . HOH B 2 .   ? 15.782  8.736   5.675   1.00 61.03 ? 307 HOH A O   1 
HETATM 1131 O O   . HOH B 2 .   ? 5.500   -4.624  -12.056 1.00 62.26 ? 308 HOH A O   1 
HETATM 1132 O O   . HOH B 2 .   ? 14.285  17.819  -5.252  1.00 61.12 ? 309 HOH A O   1 
HETATM 1133 O O   . HOH B 2 .   ? 11.924  19.736  -4.692  1.00 65.14 ? 310 HOH A O   1 
HETATM 1134 O O   . HOH B 2 .   ? -1.414  21.543  -9.973  1.00 63.45 ? 311 HOH A O   1 
HETATM 1135 O O   . HOH B 2 .   ? 3.392   19.038  -9.547  1.00 62.61 ? 312 HOH A O   1 
# 
